data_7CG9
# 
_entry.id   7CG9 
# 
_audit_conform.dict_name       mmcif_pdbx.dic 
_audit_conform.dict_version    5.397 
_audit_conform.dict_location   http://mmcif.pdb.org/dictionaries/ascii/mmcif_pdbx.dic 
# 
loop_
_database_2.database_id 
_database_2.database_code 
_database_2.pdbx_database_accession 
_database_2.pdbx_DOI 
PDB   7CG9         pdb_00007cg9 10.2210/pdb7cg9/pdb 
WWPDB D_1300017414 ?            ?                   
# 
loop_
_pdbx_audit_revision_history.ordinal 
_pdbx_audit_revision_history.data_content_type 
_pdbx_audit_revision_history.major_revision 
_pdbx_audit_revision_history.minor_revision 
_pdbx_audit_revision_history.revision_date 
1 'Structure model' 1 0 2022-03-02 
2 'Structure model' 1 1 2023-11-29 
3 'Structure model' 1 2 2024-10-16 
# 
_pdbx_audit_revision_details.ordinal             1 
_pdbx_audit_revision_details.revision_ordinal    1 
_pdbx_audit_revision_details.data_content_type   'Structure model' 
_pdbx_audit_revision_details.provider            repository 
_pdbx_audit_revision_details.type                'Initial release' 
_pdbx_audit_revision_details.description         ? 
_pdbx_audit_revision_details.details             ? 
# 
loop_
_pdbx_audit_revision_group.ordinal 
_pdbx_audit_revision_group.revision_ordinal 
_pdbx_audit_revision_group.data_content_type 
_pdbx_audit_revision_group.group 
1 2 'Structure model' 'Data collection'        
2 2 'Structure model' 'Refinement description' 
3 3 'Structure model' 'Structure summary'      
# 
loop_
_pdbx_audit_revision_category.ordinal 
_pdbx_audit_revision_category.revision_ordinal 
_pdbx_audit_revision_category.data_content_type 
_pdbx_audit_revision_category.category 
1 2 'Structure model' chem_comp_atom                
2 2 'Structure model' chem_comp_bond                
3 2 'Structure model' pdbx_initial_refinement_model 
4 3 'Structure model' pdbx_entry_details            
5 3 'Structure model' pdbx_modification_feature     
# 
_pdbx_audit_revision_item.ordinal             1 
_pdbx_audit_revision_item.revision_ordinal    3 
_pdbx_audit_revision_item.data_content_type   'Structure model' 
_pdbx_audit_revision_item.item                '_pdbx_entry_details.has_protein_modification' 
# 
_pdbx_database_status.status_code                     REL 
_pdbx_database_status.status_code_sf                  REL 
_pdbx_database_status.status_code_mr                  ? 
_pdbx_database_status.entry_id                        7CG9 
_pdbx_database_status.recvd_initial_deposition_date   2020-06-30 
_pdbx_database_status.SG_entry                        N 
_pdbx_database_status.deposit_site                    PDBJ 
_pdbx_database_status.process_site                    PDBJ 
_pdbx_database_status.status_code_cs                  ? 
_pdbx_database_status.status_code_nmr_data            ? 
_pdbx_database_status.methods_development_category    ? 
_pdbx_database_status.pdb_format_compatible           Y 
# 
_pdbx_database_related.db_name        PDB 
_pdbx_database_related.details        'housekeeping sortase SrtA from Lactobacillus rhamnosus GG' 
_pdbx_database_related.db_id          7CFJ 
_pdbx_database_related.content_type   unspecified 
# 
loop_
_audit_author.name 
_audit_author.pdbx_ordinal 
_audit_author.identifier_ORCID 
'Megta, A.K.'  1 ? 
'Pratap, S.'   2 ? 
'Krishnan, V.' 3 ? 
# 
_citation.abstract                  ? 
_citation.abstract_id_CAS           ? 
_citation.book_id_ISBN              ? 
_citation.book_publisher            ? 
_citation.book_publisher_city       ? 
_citation.book_title                ? 
_citation.coordinate_linkage        ? 
_citation.country                   ? 
_citation.database_id_Medline       ? 
_citation.details                   ? 
_citation.id                        primary 
_citation.journal_abbrev            'To Be Published' 
_citation.journal_id_ASTM           ? 
_citation.journal_id_CSD            0353 
_citation.journal_id_ISSN           ? 
_citation.journal_full              ? 
_citation.journal_issue             ? 
_citation.journal_volume            ? 
_citation.language                  ? 
_citation.page_first                ? 
_citation.page_last                 ? 
_citation.title                     'Crystal structure of pilin-specific sortase SrtC1 from Lactobacillus rhamnosus GG' 
_citation.year                      ? 
_citation.database_id_CSD           ? 
_citation.pdbx_database_id_DOI      ? 
_citation.pdbx_database_id_PubMed   ? 
_citation.unpublished_flag          ? 
# 
loop_
_citation_author.citation_id 
_citation_author.name 
_citation_author.ordinal 
_citation_author.identifier_ORCID 
primary 'Megta, A.K.'  1 ? 
primary 'Pratap, S.'   2 ? 
primary 'Krishnan, V.' 3 ? 
# 
loop_
_entity.id 
_entity.type 
_entity.src_method 
_entity.pdbx_description 
_entity.formula_weight 
_entity.pdbx_number_of_molecules 
_entity.pdbx_ec 
_entity.pdbx_mutation 
_entity.pdbx_fragment 
_entity.details 
1 polymer     man 'Class C sortase' 27253.020 1  ? ? ? ? 
2 non-polymer syn 'SULFATE ION'     96.063    2  ? ? ? ? 
3 water       nat water             18.015    26 ? ? ? ? 
# 
_entity_poly.entity_id                      1 
_entity_poly.type                           'polypeptide(L)' 
_entity_poly.nstd_linkage                   no 
_entity_poly.nstd_monomer                   yes 
_entity_poly.pdbx_seq_one_letter_code       
;MGSSHHHHHHSSGLVPRGSHMAYVSYQNQQVIDRYRQQEARKNQMVLRREYNDYQQKNKQLAASQQVPGVASFNHAVNDQ
GTAKTAAKRNQQILTRQTVAQLTIPKIGLSLPVFDHTSDWLLQFGACLLDGTSYPTGGKNTHAVISAHRGVPNAELFTRV
PALKKGDKFFISIGNHKLAYQVFKRQVIEPSDTRQLRIVPGQDLVTLMT(CME)TPYMINSHRLLITGRRIPYVKADEEA
SSWAV
;
_entity_poly.pdbx_seq_one_letter_code_can   
;MGSSHHHHHHSSGLVPRGSHMAYVSYQNQQVIDRYRQQEARKNQMVLRREYNDYQQKNKQLAASQQVPGVASFNHAVNDQ
GTAKTAAKRNQQILTRQTVAQLTIPKIGLSLPVFDHTSDWLLQFGACLLDGTSYPTGGKNTHAVISAHRGVPNAELFTRV
PALKKGDKFFISIGNHKLAYQVFKRQVIEPSDTRQLRIVPGQDLVTLMTCTPYMINSHRLLITGRRIPYVKADEEASSWA
V
;
_entity_poly.pdbx_strand_id                 A 
_entity_poly.pdbx_target_identifier         ? 
# 
loop_
_pdbx_entity_nonpoly.entity_id 
_pdbx_entity_nonpoly.name 
_pdbx_entity_nonpoly.comp_id 
2 'SULFATE ION' SO4 
3 water         HOH 
# 
loop_
_entity_poly_seq.entity_id 
_entity_poly_seq.num 
_entity_poly_seq.mon_id 
_entity_poly_seq.hetero 
1 1   MET n 
1 2   GLY n 
1 3   SER n 
1 4   SER n 
1 5   HIS n 
1 6   HIS n 
1 7   HIS n 
1 8   HIS n 
1 9   HIS n 
1 10  HIS n 
1 11  SER n 
1 12  SER n 
1 13  GLY n 
1 14  LEU n 
1 15  VAL n 
1 16  PRO n 
1 17  ARG n 
1 18  GLY n 
1 19  SER n 
1 20  HIS n 
1 21  MET n 
1 22  ALA n 
1 23  TYR n 
1 24  VAL n 
1 25  SER n 
1 26  TYR n 
1 27  GLN n 
1 28  ASN n 
1 29  GLN n 
1 30  GLN n 
1 31  VAL n 
1 32  ILE n 
1 33  ASP n 
1 34  ARG n 
1 35  TYR n 
1 36  ARG n 
1 37  GLN n 
1 38  GLN n 
1 39  GLU n 
1 40  ALA n 
1 41  ARG n 
1 42  LYS n 
1 43  ASN n 
1 44  GLN n 
1 45  MET n 
1 46  VAL n 
1 47  LEU n 
1 48  ARG n 
1 49  ARG n 
1 50  GLU n 
1 51  TYR n 
1 52  ASN n 
1 53  ASP n 
1 54  TYR n 
1 55  GLN n 
1 56  GLN n 
1 57  LYS n 
1 58  ASN n 
1 59  LYS n 
1 60  GLN n 
1 61  LEU n 
1 62  ALA n 
1 63  ALA n 
1 64  SER n 
1 65  GLN n 
1 66  GLN n 
1 67  VAL n 
1 68  PRO n 
1 69  GLY n 
1 70  VAL n 
1 71  ALA n 
1 72  SER n 
1 73  PHE n 
1 74  ASN n 
1 75  HIS n 
1 76  ALA n 
1 77  VAL n 
1 78  ASN n 
1 79  ASP n 
1 80  GLN n 
1 81  GLY n 
1 82  THR n 
1 83  ALA n 
1 84  LYS n 
1 85  THR n 
1 86  ALA n 
1 87  ALA n 
1 88  LYS n 
1 89  ARG n 
1 90  ASN n 
1 91  GLN n 
1 92  GLN n 
1 93  ILE n 
1 94  LEU n 
1 95  THR n 
1 96  ARG n 
1 97  GLN n 
1 98  THR n 
1 99  VAL n 
1 100 ALA n 
1 101 GLN n 
1 102 LEU n 
1 103 THR n 
1 104 ILE n 
1 105 PRO n 
1 106 LYS n 
1 107 ILE n 
1 108 GLY n 
1 109 LEU n 
1 110 SER n 
1 111 LEU n 
1 112 PRO n 
1 113 VAL n 
1 114 PHE n 
1 115 ASP n 
1 116 HIS n 
1 117 THR n 
1 118 SER n 
1 119 ASP n 
1 120 TRP n 
1 121 LEU n 
1 122 LEU n 
1 123 GLN n 
1 124 PHE n 
1 125 GLY n 
1 126 ALA n 
1 127 CYS n 
1 128 LEU n 
1 129 LEU n 
1 130 ASP n 
1 131 GLY n 
1 132 THR n 
1 133 SER n 
1 134 TYR n 
1 135 PRO n 
1 136 THR n 
1 137 GLY n 
1 138 GLY n 
1 139 LYS n 
1 140 ASN n 
1 141 THR n 
1 142 HIS n 
1 143 ALA n 
1 144 VAL n 
1 145 ILE n 
1 146 SER n 
1 147 ALA n 
1 148 HIS n 
1 149 ARG n 
1 150 GLY n 
1 151 VAL n 
1 152 PRO n 
1 153 ASN n 
1 154 ALA n 
1 155 GLU n 
1 156 LEU n 
1 157 PHE n 
1 158 THR n 
1 159 ARG n 
1 160 VAL n 
1 161 PRO n 
1 162 ALA n 
1 163 LEU n 
1 164 LYS n 
1 165 LYS n 
1 166 GLY n 
1 167 ASP n 
1 168 LYS n 
1 169 PHE n 
1 170 PHE n 
1 171 ILE n 
1 172 SER n 
1 173 ILE n 
1 174 GLY n 
1 175 ASN n 
1 176 HIS n 
1 177 LYS n 
1 178 LEU n 
1 179 ALA n 
1 180 TYR n 
1 181 GLN n 
1 182 VAL n 
1 183 PHE n 
1 184 LYS n 
1 185 ARG n 
1 186 GLN n 
1 187 VAL n 
1 188 ILE n 
1 189 GLU n 
1 190 PRO n 
1 191 SER n 
1 192 ASP n 
1 193 THR n 
1 194 ARG n 
1 195 GLN n 
1 196 LEU n 
1 197 ARG n 
1 198 ILE n 
1 199 VAL n 
1 200 PRO n 
1 201 GLY n 
1 202 GLN n 
1 203 ASP n 
1 204 LEU n 
1 205 VAL n 
1 206 THR n 
1 207 LEU n 
1 208 MET n 
1 209 THR n 
1 210 CME n 
1 211 THR n 
1 212 PRO n 
1 213 TYR n 
1 214 MET n 
1 215 ILE n 
1 216 ASN n 
1 217 SER n 
1 218 HIS n 
1 219 ARG n 
1 220 LEU n 
1 221 LEU n 
1 222 ILE n 
1 223 THR n 
1 224 GLY n 
1 225 ARG n 
1 226 ARG n 
1 227 ILE n 
1 228 PRO n 
1 229 TYR n 
1 230 VAL n 
1 231 LYS n 
1 232 ALA n 
1 233 ASP n 
1 234 GLU n 
1 235 GLU n 
1 236 ALA n 
1 237 SER n 
1 238 SER n 
1 239 TRP n 
1 240 ALA n 
1 241 VAL n 
# 
_entity_src_gen.entity_id                          1 
_entity_src_gen.pdbx_src_id                        1 
_entity_src_gen.pdbx_alt_source_flag               sample 
_entity_src_gen.pdbx_seq_type                      'Biological sequence' 
_entity_src_gen.pdbx_beg_seq_num                   1 
_entity_src_gen.pdbx_end_seq_num                   241 
_entity_src_gen.gene_src_common_name               ? 
_entity_src_gen.gene_src_genus                     ? 
_entity_src_gen.pdbx_gene_src_gene                 F8M46_02250 
_entity_src_gen.gene_src_species                   ? 
_entity_src_gen.gene_src_strain                    ? 
_entity_src_gen.gene_src_tissue                    ? 
_entity_src_gen.gene_src_tissue_fraction           ? 
_entity_src_gen.gene_src_details                   ? 
_entity_src_gen.pdbx_gene_src_fragment             ? 
_entity_src_gen.pdbx_gene_src_scientific_name      'Lactobacillus rhamnosus' 
_entity_src_gen.pdbx_gene_src_ncbi_taxonomy_id     47715 
_entity_src_gen.pdbx_gene_src_variant              ? 
_entity_src_gen.pdbx_gene_src_cell_line            ? 
_entity_src_gen.pdbx_gene_src_atcc                 'ATCC 53103' 
_entity_src_gen.pdbx_gene_src_organ                ? 
_entity_src_gen.pdbx_gene_src_organelle            ? 
_entity_src_gen.pdbx_gene_src_cell                 ? 
_entity_src_gen.pdbx_gene_src_cellular_location    ? 
_entity_src_gen.host_org_common_name               ? 
_entity_src_gen.pdbx_host_org_scientific_name      
;Escherichia coli 'BL21-Gold(DE3)pLysS AG'
;
_entity_src_gen.pdbx_host_org_ncbi_taxonomy_id     866768 
_entity_src_gen.host_org_genus                     ? 
_entity_src_gen.pdbx_host_org_gene                 ? 
_entity_src_gen.pdbx_host_org_organ                ? 
_entity_src_gen.host_org_species                   ? 
_entity_src_gen.pdbx_host_org_tissue               ? 
_entity_src_gen.pdbx_host_org_tissue_fraction      ? 
_entity_src_gen.pdbx_host_org_strain               ? 
_entity_src_gen.pdbx_host_org_variant              ? 
_entity_src_gen.pdbx_host_org_cell_line            ? 
_entity_src_gen.pdbx_host_org_atcc                 ? 
_entity_src_gen.pdbx_host_org_culture_collection   ? 
_entity_src_gen.pdbx_host_org_cell                 ? 
_entity_src_gen.pdbx_host_org_organelle            ? 
_entity_src_gen.pdbx_host_org_cellular_location    ? 
_entity_src_gen.pdbx_host_org_vector_type          plasmid 
_entity_src_gen.pdbx_host_org_vector               ? 
_entity_src_gen.host_org_details                   ? 
_entity_src_gen.expression_system_id               ? 
_entity_src_gen.plasmid_name                       'pET28a(+)' 
_entity_src_gen.plasmid_details                    ? 
_entity_src_gen.pdbx_description                   ? 
# 
loop_
_chem_comp.id 
_chem_comp.type 
_chem_comp.mon_nstd_flag 
_chem_comp.name 
_chem_comp.pdbx_synonyms 
_chem_comp.formula 
_chem_comp.formula_weight 
ALA 'L-peptide linking' y ALANINE                            ? 'C3 H7 N O2'     89.093  
ARG 'L-peptide linking' y ARGININE                           ? 'C6 H15 N4 O2 1' 175.209 
ASN 'L-peptide linking' y ASPARAGINE                         ? 'C4 H8 N2 O3'    132.118 
ASP 'L-peptide linking' y 'ASPARTIC ACID'                    ? 'C4 H7 N O4'     133.103 
CME 'L-peptide linking' n 'S,S-(2-HYDROXYETHYL)THIOCYSTEINE' ? 'C5 H11 N O3 S2' 197.276 
CYS 'L-peptide linking' y CYSTEINE                           ? 'C3 H7 N O2 S'   121.158 
GLN 'L-peptide linking' y GLUTAMINE                          ? 'C5 H10 N2 O3'   146.144 
GLU 'L-peptide linking' y 'GLUTAMIC ACID'                    ? 'C5 H9 N O4'     147.129 
GLY 'peptide linking'   y GLYCINE                            ? 'C2 H5 N O2'     75.067  
HIS 'L-peptide linking' y HISTIDINE                          ? 'C6 H10 N3 O2 1' 156.162 
HOH non-polymer         . WATER                              ? 'H2 O'           18.015  
ILE 'L-peptide linking' y ISOLEUCINE                         ? 'C6 H13 N O2'    131.173 
LEU 'L-peptide linking' y LEUCINE                            ? 'C6 H13 N O2'    131.173 
LYS 'L-peptide linking' y LYSINE                             ? 'C6 H15 N2 O2 1' 147.195 
MET 'L-peptide linking' y METHIONINE                         ? 'C5 H11 N O2 S'  149.211 
PHE 'L-peptide linking' y PHENYLALANINE                      ? 'C9 H11 N O2'    165.189 
PRO 'L-peptide linking' y PROLINE                            ? 'C5 H9 N O2'     115.130 
SER 'L-peptide linking' y SERINE                             ? 'C3 H7 N O3'     105.093 
SO4 non-polymer         . 'SULFATE ION'                      ? 'O4 S -2'        96.063  
THR 'L-peptide linking' y THREONINE                          ? 'C4 H9 N O3'     119.119 
TRP 'L-peptide linking' y TRYPTOPHAN                         ? 'C11 H12 N2 O2'  204.225 
TYR 'L-peptide linking' y TYROSINE                           ? 'C9 H11 N O3'    181.189 
VAL 'L-peptide linking' y VALINE                             ? 'C5 H11 N O2'    117.146 
# 
loop_
_pdbx_poly_seq_scheme.asym_id 
_pdbx_poly_seq_scheme.entity_id 
_pdbx_poly_seq_scheme.seq_id 
_pdbx_poly_seq_scheme.mon_id 
_pdbx_poly_seq_scheme.ndb_seq_num 
_pdbx_poly_seq_scheme.pdb_seq_num 
_pdbx_poly_seq_scheme.auth_seq_num 
_pdbx_poly_seq_scheme.pdb_mon_id 
_pdbx_poly_seq_scheme.auth_mon_id 
_pdbx_poly_seq_scheme.pdb_strand_id 
_pdbx_poly_seq_scheme.pdb_ins_code 
_pdbx_poly_seq_scheme.hetero 
A 1 1   MET 1   14  ?   ?   ?   A . n 
A 1 2   GLY 2   15  ?   ?   ?   A . n 
A 1 3   SER 3   16  ?   ?   ?   A . n 
A 1 4   SER 4   17  ?   ?   ?   A . n 
A 1 5   HIS 5   18  ?   ?   ?   A . n 
A 1 6   HIS 6   19  ?   ?   ?   A . n 
A 1 7   HIS 7   20  ?   ?   ?   A . n 
A 1 8   HIS 8   21  ?   ?   ?   A . n 
A 1 9   HIS 9   22  ?   ?   ?   A . n 
A 1 10  HIS 10  23  ?   ?   ?   A . n 
A 1 11  SER 11  24  ?   ?   ?   A . n 
A 1 12  SER 12  25  ?   ?   ?   A . n 
A 1 13  GLY 13  26  ?   ?   ?   A . n 
A 1 14  LEU 14  27  ?   ?   ?   A . n 
A 1 15  VAL 15  28  ?   ?   ?   A . n 
A 1 16  PRO 16  29  ?   ?   ?   A . n 
A 1 17  ARG 17  30  ?   ?   ?   A . n 
A 1 18  GLY 18  31  ?   ?   ?   A . n 
A 1 19  SER 19  32  ?   ?   ?   A . n 
A 1 20  HIS 20  33  ?   ?   ?   A . n 
A 1 21  MET 21  34  ?   ?   ?   A . n 
A 1 22  ALA 22  35  ?   ?   ?   A . n 
A 1 23  TYR 23  36  ?   ?   ?   A . n 
A 1 24  VAL 24  37  ?   ?   ?   A . n 
A 1 25  SER 25  38  ?   ?   ?   A . n 
A 1 26  TYR 26  39  ?   ?   ?   A . n 
A 1 27  GLN 27  40  ?   ?   ?   A . n 
A 1 28  ASN 28  41  ?   ?   ?   A . n 
A 1 29  GLN 29  42  ?   ?   ?   A . n 
A 1 30  GLN 30  43  ?   ?   ?   A . n 
A 1 31  VAL 31  44  ?   ?   ?   A . n 
A 1 32  ILE 32  45  ?   ?   ?   A . n 
A 1 33  ASP 33  46  ?   ?   ?   A . n 
A 1 34  ARG 34  47  ?   ?   ?   A . n 
A 1 35  TYR 35  48  ?   ?   ?   A . n 
A 1 36  ARG 36  49  ?   ?   ?   A . n 
A 1 37  GLN 37  50  ?   ?   ?   A . n 
A 1 38  GLN 38  51  ?   ?   ?   A . n 
A 1 39  GLU 39  52  ?   ?   ?   A . n 
A 1 40  ALA 40  53  ?   ?   ?   A . n 
A 1 41  ARG 41  54  ?   ?   ?   A . n 
A 1 42  LYS 42  55  ?   ?   ?   A . n 
A 1 43  ASN 43  56  ?   ?   ?   A . n 
A 1 44  GLN 44  57  57  GLN GLN A . n 
A 1 45  MET 45  58  58  MET MET A . n 
A 1 46  VAL 46  59  59  VAL VAL A . n 
A 1 47  LEU 47  60  60  LEU LEU A . n 
A 1 48  ARG 48  61  61  ARG ARG A . n 
A 1 49  ARG 49  62  62  ARG ARG A . n 
A 1 50  GLU 50  63  63  GLU GLU A . n 
A 1 51  TYR 51  64  64  TYR TYR A . n 
A 1 52  ASN 52  65  65  ASN ASN A . n 
A 1 53  ASP 53  66  66  ASP ASP A . n 
A 1 54  TYR 54  67  67  TYR TYR A . n 
A 1 55  GLN 55  68  68  GLN GLN A . n 
A 1 56  GLN 56  69  69  GLN GLN A . n 
A 1 57  LYS 57  70  70  LYS LYS A . n 
A 1 58  ASN 58  71  71  ASN ASN A . n 
A 1 59  LYS 59  72  72  LYS LYS A . n 
A 1 60  GLN 60  73  73  GLN GLN A . n 
A 1 61  LEU 61  74  74  LEU LEU A . n 
A 1 62  ALA 62  75  75  ALA ALA A . n 
A 1 63  ALA 63  76  76  ALA ALA A . n 
A 1 64  SER 64  77  77  SER SER A . n 
A 1 65  GLN 65  78  78  GLN GLN A . n 
A 1 66  GLN 66  79  79  GLN GLN A . n 
A 1 67  VAL 67  80  80  VAL VAL A . n 
A 1 68  PRO 68  81  81  PRO PRO A . n 
A 1 69  GLY 69  82  82  GLY GLY A . n 
A 1 70  VAL 70  83  83  VAL VAL A . n 
A 1 71  ALA 71  84  84  ALA ALA A . n 
A 1 72  SER 72  85  85  SER SER A . n 
A 1 73  PHE 73  86  86  PHE PHE A . n 
A 1 74  ASN 74  87  87  ASN ASN A . n 
A 1 75  HIS 75  88  88  HIS HIS A . n 
A 1 76  ALA 76  89  89  ALA ALA A . n 
A 1 77  VAL 77  90  90  VAL VAL A . n 
A 1 78  ASN 78  91  91  ASN ASN A . n 
A 1 79  ASP 79  92  92  ASP ASP A . n 
A 1 80  GLN 80  93  93  GLN GLN A . n 
A 1 81  GLY 81  94  94  GLY GLY A . n 
A 1 82  THR 82  95  95  THR THR A . n 
A 1 83  ALA 83  96  96  ALA ALA A . n 
A 1 84  LYS 84  97  97  LYS LYS A . n 
A 1 85  THR 85  98  98  THR THR A . n 
A 1 86  ALA 86  99  99  ALA ALA A . n 
A 1 87  ALA 87  100 100 ALA ALA A . n 
A 1 88  LYS 88  101 101 LYS LYS A . n 
A 1 89  ARG 89  102 102 ARG ARG A . n 
A 1 90  ASN 90  103 103 ASN ASN A . n 
A 1 91  GLN 91  104 104 GLN GLN A . n 
A 1 92  GLN 92  105 105 GLN GLN A . n 
A 1 93  ILE 93  106 106 ILE ILE A . n 
A 1 94  LEU 94  107 107 LEU LEU A . n 
A 1 95  THR 95  108 108 THR THR A . n 
A 1 96  ARG 96  109 109 ARG ARG A . n 
A 1 97  GLN 97  110 110 GLN GLN A . n 
A 1 98  THR 98  111 111 THR THR A . n 
A 1 99  VAL 99  112 112 VAL VAL A . n 
A 1 100 ALA 100 113 113 ALA ALA A . n 
A 1 101 GLN 101 114 114 GLN GLN A . n 
A 1 102 LEU 102 115 115 LEU LEU A . n 
A 1 103 THR 103 116 116 THR THR A . n 
A 1 104 ILE 104 117 117 ILE ILE A . n 
A 1 105 PRO 105 118 118 PRO PRO A . n 
A 1 106 LYS 106 119 119 LYS LYS A . n 
A 1 107 ILE 107 120 120 ILE ILE A . n 
A 1 108 GLY 108 121 121 GLY GLY A . n 
A 1 109 LEU 109 122 122 LEU LEU A . n 
A 1 110 SER 110 123 123 SER SER A . n 
A 1 111 LEU 111 124 124 LEU LEU A . n 
A 1 112 PRO 112 125 125 PRO PRO A . n 
A 1 113 VAL 113 126 126 VAL VAL A . n 
A 1 114 PHE 114 127 127 PHE PHE A . n 
A 1 115 ASP 115 128 128 ASP ASP A . n 
A 1 116 HIS 116 129 129 HIS HIS A . n 
A 1 117 THR 117 130 130 THR THR A . n 
A 1 118 SER 118 131 131 SER SER A . n 
A 1 119 ASP 119 132 132 ASP ASP A . n 
A 1 120 TRP 120 133 133 TRP TRP A . n 
A 1 121 LEU 121 134 134 LEU LEU A . n 
A 1 122 LEU 122 135 135 LEU LEU A . n 
A 1 123 GLN 123 136 136 GLN GLN A . n 
A 1 124 PHE 124 137 137 PHE PHE A . n 
A 1 125 GLY 125 138 138 GLY GLY A . n 
A 1 126 ALA 126 139 139 ALA ALA A . n 
A 1 127 CYS 127 140 140 CYS CYS A . n 
A 1 128 LEU 128 141 141 LEU LEU A . n 
A 1 129 LEU 129 142 142 LEU LEU A . n 
A 1 130 ASP 130 143 143 ASP ASP A . n 
A 1 131 GLY 131 144 144 GLY GLY A . n 
A 1 132 THR 132 145 145 THR THR A . n 
A 1 133 SER 133 146 146 SER SER A . n 
A 1 134 TYR 134 147 147 TYR TYR A . n 
A 1 135 PRO 135 148 148 PRO PRO A . n 
A 1 136 THR 136 149 149 THR THR A . n 
A 1 137 GLY 137 150 150 GLY GLY A . n 
A 1 138 GLY 138 151 151 GLY GLY A . n 
A 1 139 LYS 139 152 152 LYS LYS A . n 
A 1 140 ASN 140 153 153 ASN ASN A . n 
A 1 141 THR 141 154 154 THR THR A . n 
A 1 142 HIS 142 155 155 HIS HIS A . n 
A 1 143 ALA 143 156 156 ALA ALA A . n 
A 1 144 VAL 144 157 157 VAL VAL A . n 
A 1 145 ILE 145 158 158 ILE ILE A . n 
A 1 146 SER 146 159 159 SER SER A . n 
A 1 147 ALA 147 160 160 ALA ALA A . n 
A 1 148 HIS 148 161 161 HIS HIS A . n 
A 1 149 ARG 149 162 162 ARG ARG A . n 
A 1 150 GLY 150 163 163 GLY GLY A . n 
A 1 151 VAL 151 164 164 VAL VAL A . n 
A 1 152 PRO 152 165 165 PRO PRO A . n 
A 1 153 ASN 153 166 166 ASN ASN A . n 
A 1 154 ALA 154 167 167 ALA ALA A . n 
A 1 155 GLU 155 168 168 GLU GLU A . n 
A 1 156 LEU 156 169 169 LEU LEU A . n 
A 1 157 PHE 157 170 170 PHE PHE A . n 
A 1 158 THR 158 171 171 THR THR A . n 
A 1 159 ARG 159 172 172 ARG ARG A . n 
A 1 160 VAL 160 173 173 VAL VAL A . n 
A 1 161 PRO 161 174 174 PRO PRO A . n 
A 1 162 ALA 162 175 175 ALA ALA A . n 
A 1 163 LEU 163 176 176 LEU LEU A . n 
A 1 164 LYS 164 177 177 LYS LYS A . n 
A 1 165 LYS 165 178 178 LYS LYS A . n 
A 1 166 GLY 166 179 179 GLY GLY A . n 
A 1 167 ASP 167 180 180 ASP ASP A . n 
A 1 168 LYS 168 181 181 LYS LYS A . n 
A 1 169 PHE 169 182 182 PHE PHE A . n 
A 1 170 PHE 170 183 183 PHE PHE A . n 
A 1 171 ILE 171 184 184 ILE ILE A . n 
A 1 172 SER 172 185 185 SER SER A . n 
A 1 173 ILE 173 186 186 ILE ILE A . n 
A 1 174 GLY 174 187 187 GLY GLY A . n 
A 1 175 ASN 175 188 188 ASN ASN A . n 
A 1 176 HIS 176 189 189 HIS HIS A . n 
A 1 177 LYS 177 190 190 LYS LYS A . n 
A 1 178 LEU 178 191 191 LEU LEU A . n 
A 1 179 ALA 179 192 192 ALA ALA A . n 
A 1 180 TYR 180 193 193 TYR TYR A . n 
A 1 181 GLN 181 194 194 GLN GLN A . n 
A 1 182 VAL 182 195 195 VAL VAL A . n 
A 1 183 PHE 183 196 196 PHE PHE A . n 
A 1 184 LYS 184 197 197 LYS LYS A . n 
A 1 185 ARG 185 198 198 ARG ARG A . n 
A 1 186 GLN 186 199 199 GLN GLN A . n 
A 1 187 VAL 187 200 200 VAL VAL A . n 
A 1 188 ILE 188 201 201 ILE ILE A . n 
A 1 189 GLU 189 202 202 GLU GLU A . n 
A 1 190 PRO 190 203 203 PRO PRO A . n 
A 1 191 SER 191 204 204 SER SER A . n 
A 1 192 ASP 192 205 205 ASP ASP A . n 
A 1 193 THR 193 206 206 THR THR A . n 
A 1 194 ARG 194 207 207 ARG ARG A . n 
A 1 195 GLN 195 208 208 GLN GLN A . n 
A 1 196 LEU 196 209 209 LEU LEU A . n 
A 1 197 ARG 197 210 210 ARG ARG A . n 
A 1 198 ILE 198 211 211 ILE ILE A . n 
A 1 199 VAL 199 212 212 VAL VAL A . n 
A 1 200 PRO 200 213 213 PRO PRO A . n 
A 1 201 GLY 201 214 214 GLY GLY A . n 
A 1 202 GLN 202 215 215 GLN GLN A . n 
A 1 203 ASP 203 216 216 ASP ASP A . n 
A 1 204 LEU 204 217 217 LEU LEU A . n 
A 1 205 VAL 205 218 218 VAL VAL A . n 
A 1 206 THR 206 219 219 THR THR A . n 
A 1 207 LEU 207 220 220 LEU LEU A . n 
A 1 208 MET 208 221 221 MET MET A . n 
A 1 209 THR 209 222 222 THR THR A . n 
A 1 210 CME 210 223 223 CME CME A . n 
A 1 211 THR 211 224 224 THR THR A . n 
A 1 212 PRO 212 225 225 PRO PRO A . n 
A 1 213 TYR 213 226 226 TYR TYR A . n 
A 1 214 MET 214 227 227 MET MET A . n 
A 1 215 ILE 215 228 228 ILE ILE A . n 
A 1 216 ASN 216 229 229 ASN ASN A . n 
A 1 217 SER 217 230 230 SER SER A . n 
A 1 218 HIS 218 231 231 HIS HIS A . n 
A 1 219 ARG 219 232 232 ARG ARG A . n 
A 1 220 LEU 220 233 233 LEU LEU A . n 
A 1 221 LEU 221 234 234 LEU LEU A . n 
A 1 222 ILE 222 235 235 ILE ILE A . n 
A 1 223 THR 223 236 236 THR THR A . n 
A 1 224 GLY 224 237 237 GLY GLY A . n 
A 1 225 ARG 225 238 238 ARG ARG A . n 
A 1 226 ARG 226 239 239 ARG ARG A . n 
A 1 227 ILE 227 240 240 ILE ILE A . n 
A 1 228 PRO 228 241 241 PRO PRO A . n 
A 1 229 TYR 229 242 242 TYR TYR A . n 
A 1 230 VAL 230 243 243 VAL VAL A . n 
A 1 231 LYS 231 244 244 LYS LYS A . n 
A 1 232 ALA 232 245 245 ALA ALA A . n 
A 1 233 ASP 233 246 246 ASP ASP A . n 
A 1 234 GLU 234 247 247 GLU GLU A . n 
A 1 235 GLU 235 248 248 GLU GLU A . n 
A 1 236 ALA 236 249 ?   ?   ?   A . n 
A 1 237 SER 237 250 ?   ?   ?   A . n 
A 1 238 SER 238 251 ?   ?   ?   A . n 
A 1 239 TRP 239 252 ?   ?   ?   A . n 
A 1 240 ALA 240 253 ?   ?   ?   A . n 
A 1 241 VAL 241 254 ?   ?   ?   A . n 
# 
_pdbx_entity_instance_feature.ordinal        1 
_pdbx_entity_instance_feature.comp_id        CME 
_pdbx_entity_instance_feature.asym_id        ? 
_pdbx_entity_instance_feature.seq_num        ? 
_pdbx_entity_instance_feature.auth_comp_id   CME 
_pdbx_entity_instance_feature.auth_asym_id   ? 
_pdbx_entity_instance_feature.auth_seq_num   ? 
_pdbx_entity_instance_feature.feature_type   'SUBJECT OF INVESTIGATION' 
_pdbx_entity_instance_feature.details        ? 
# 
loop_
_pdbx_nonpoly_scheme.asym_id 
_pdbx_nonpoly_scheme.entity_id 
_pdbx_nonpoly_scheme.mon_id 
_pdbx_nonpoly_scheme.ndb_seq_num 
_pdbx_nonpoly_scheme.pdb_seq_num 
_pdbx_nonpoly_scheme.auth_seq_num 
_pdbx_nonpoly_scheme.pdb_mon_id 
_pdbx_nonpoly_scheme.auth_mon_id 
_pdbx_nonpoly_scheme.pdb_strand_id 
_pdbx_nonpoly_scheme.pdb_ins_code 
B 2 SO4 1  301 2   SO4 SO4 A . 
C 2 SO4 1  302 3   SO4 SO4 A . 
D 3 HOH 1  401 60  HOH HOH A . 
D 3 HOH 2  402 6   HOH HOH A . 
D 3 HOH 3  403 79  HOH HOH A . 
D 3 HOH 4  404 28  HOH HOH A . 
D 3 HOH 5  405 65  HOH HOH A . 
D 3 HOH 6  406 102 HOH HOH A . 
D 3 HOH 7  407 77  HOH HOH A . 
D 3 HOH 8  408 12  HOH HOH A . 
D 3 HOH 9  409 15  HOH HOH A . 
D 3 HOH 10 410 72  HOH HOH A . 
D 3 HOH 11 411 74  HOH HOH A . 
D 3 HOH 12 412 16  HOH HOH A . 
D 3 HOH 13 413 24  HOH HOH A . 
D 3 HOH 14 414 59  HOH HOH A . 
D 3 HOH 15 415 20  HOH HOH A . 
D 3 HOH 16 416 66  HOH HOH A . 
D 3 HOH 17 417 103 HOH HOH A . 
D 3 HOH 18 418 78  HOH HOH A . 
D 3 HOH 19 419 81  HOH HOH A . 
D 3 HOH 20 420 82  HOH HOH A . 
D 3 HOH 21 421 64  HOH HOH A . 
D 3 HOH 22 422 101 HOH HOH A . 
D 3 HOH 23 423 80  HOH HOH A . 
D 3 HOH 24 424 91  HOH HOH A . 
D 3 HOH 25 425 76  HOH HOH A . 
D 3 HOH 26 426 83  HOH HOH A . 
# 
loop_
_pdbx_unobs_or_zero_occ_atoms.id 
_pdbx_unobs_or_zero_occ_atoms.PDB_model_num 
_pdbx_unobs_or_zero_occ_atoms.polymer_flag 
_pdbx_unobs_or_zero_occ_atoms.occupancy_flag 
_pdbx_unobs_or_zero_occ_atoms.auth_asym_id 
_pdbx_unobs_or_zero_occ_atoms.auth_comp_id 
_pdbx_unobs_or_zero_occ_atoms.auth_seq_id 
_pdbx_unobs_or_zero_occ_atoms.PDB_ins_code 
_pdbx_unobs_or_zero_occ_atoms.auth_atom_id 
_pdbx_unobs_or_zero_occ_atoms.label_alt_id 
_pdbx_unobs_or_zero_occ_atoms.label_asym_id 
_pdbx_unobs_or_zero_occ_atoms.label_comp_id 
_pdbx_unobs_or_zero_occ_atoms.label_seq_id 
_pdbx_unobs_or_zero_occ_atoms.label_atom_id 
1  1 Y 1 A MET 58  ? CG  ? A MET 45  CG  
2  1 Y 1 A MET 58  ? SD  ? A MET 45  SD  
3  1 Y 1 A MET 58  ? CE  ? A MET 45  CE  
4  1 Y 1 A LEU 60  ? CG  ? A LEU 47  CG  
5  1 Y 1 A LEU 60  ? CD1 ? A LEU 47  CD1 
6  1 Y 1 A LEU 60  ? CD2 ? A LEU 47  CD2 
7  1 Y 1 A ARG 61  ? CG  ? A ARG 48  CG  
8  1 Y 1 A ARG 61  ? CD  ? A ARG 48  CD  
9  1 Y 1 A ARG 61  ? NE  ? A ARG 48  NE  
10 1 Y 1 A ARG 61  ? CZ  ? A ARG 48  CZ  
11 1 Y 1 A ARG 61  ? NH1 ? A ARG 48  NH1 
12 1 Y 1 A ARG 61  ? NH2 ? A ARG 48  NH2 
13 1 Y 1 A ARG 62  ? CG  ? A ARG 49  CG  
14 1 Y 1 A ARG 62  ? CD  ? A ARG 49  CD  
15 1 Y 1 A ARG 62  ? NE  ? A ARG 49  NE  
16 1 Y 1 A ARG 62  ? CZ  ? A ARG 49  CZ  
17 1 Y 1 A ARG 62  ? NH1 ? A ARG 49  NH1 
18 1 Y 1 A ARG 62  ? NH2 ? A ARG 49  NH2 
19 1 Y 1 A GLU 63  ? CG  ? A GLU 50  CG  
20 1 Y 1 A GLU 63  ? CD  ? A GLU 50  CD  
21 1 Y 1 A GLU 63  ? OE1 ? A GLU 50  OE1 
22 1 Y 1 A GLU 63  ? OE2 ? A GLU 50  OE2 
23 1 Y 1 A GLN 78  ? CG  ? A GLN 65  CG  
24 1 Y 1 A GLN 78  ? CD  ? A GLN 65  CD  
25 1 Y 1 A GLN 78  ? OE1 ? A GLN 65  OE1 
26 1 Y 1 A GLN 78  ? NE2 ? A GLN 65  NE2 
27 1 Y 1 A GLN 79  ? CG  ? A GLN 66  CG  
28 1 Y 1 A GLN 79  ? CD  ? A GLN 66  CD  
29 1 Y 1 A GLN 79  ? OE1 ? A GLN 66  OE1 
30 1 Y 1 A GLN 79  ? NE2 ? A GLN 66  NE2 
31 1 Y 1 A LYS 97  ? CG  ? A LYS 84  CG  
32 1 Y 1 A LYS 97  ? CD  ? A LYS 84  CD  
33 1 Y 1 A LYS 97  ? CE  ? A LYS 84  CE  
34 1 Y 1 A LYS 97  ? NZ  ? A LYS 84  NZ  
35 1 Y 1 A ASP 143 ? CG  ? A ASP 130 CG  
36 1 Y 1 A ASP 143 ? OD1 ? A ASP 130 OD1 
37 1 Y 1 A ASP 143 ? OD2 ? A ASP 130 OD2 
38 1 Y 1 A ASN 188 ? CG  ? A ASN 175 CG  
39 1 Y 1 A ASN 188 ? OD1 ? A ASN 175 OD1 
40 1 Y 1 A ASN 188 ? ND2 ? A ASN 175 ND2 
41 1 Y 1 A HIS 189 ? CG  ? A HIS 176 CG  
42 1 Y 1 A HIS 189 ? ND1 ? A HIS 176 ND1 
43 1 Y 1 A HIS 189 ? CD2 ? A HIS 176 CD2 
44 1 Y 1 A HIS 189 ? CE1 ? A HIS 176 CE1 
45 1 Y 1 A HIS 189 ? NE2 ? A HIS 176 NE2 
46 1 Y 1 A LYS 244 ? CG  ? A LYS 231 CG  
47 1 Y 1 A LYS 244 ? CD  ? A LYS 231 CD  
48 1 Y 1 A LYS 244 ? CE  ? A LYS 231 CE  
49 1 Y 1 A LYS 244 ? NZ  ? A LYS 231 NZ  
# 
loop_
_software.citation_id 
_software.classification 
_software.compiler_name 
_software.compiler_version 
_software.contact_author 
_software.contact_author_email 
_software.date 
_software.description 
_software.dependencies 
_software.hardware 
_software.language 
_software.location 
_software.mods 
_software.name 
_software.os 
_software.os_version 
_software.type 
_software.version 
_software.pdbx_ordinal 
? refinement       ? ? ? ? ? ? ? ? ? ? ? REFMAC  ? ? ? 5.8.0258 1 
? 'data reduction' ? ? ? ? ? ? ? ? ? ? ? XDS     ? ? ? .        2 
? 'data scaling'   ? ? ? ? ? ? ? ? ? ? ? Aimless ? ? ? .        3 
? phasing          ? ? ? ? ? ? ? ? ? ? ? PHASER  ? ? ? .        4 
# 
_cell.angle_alpha                  90.00 
_cell.angle_alpha_esd              ? 
_cell.angle_beta                   90.00 
_cell.angle_beta_esd               ? 
_cell.angle_gamma                  90.00 
_cell.angle_gamma_esd              ? 
_cell.entry_id                     7CG9 
_cell.details                      ? 
_cell.formula_units_Z              ? 
_cell.length_a                     43.071 
_cell.length_a_esd                 ? 
_cell.length_b                     43.071 
_cell.length_b_esd                 ? 
_cell.length_c                     222.199 
_cell.length_c_esd                 ? 
_cell.volume                       ? 
_cell.volume_esd                   ? 
_cell.Z_PDB                        8 
_cell.reciprocal_angle_alpha       ? 
_cell.reciprocal_angle_beta        ? 
_cell.reciprocal_angle_gamma       ? 
_cell.reciprocal_angle_alpha_esd   ? 
_cell.reciprocal_angle_beta_esd    ? 
_cell.reciprocal_angle_gamma_esd   ? 
_cell.reciprocal_length_a          ? 
_cell.reciprocal_length_b          ? 
_cell.reciprocal_length_c          ? 
_cell.reciprocal_length_a_esd      ? 
_cell.reciprocal_length_b_esd      ? 
_cell.reciprocal_length_c_esd      ? 
_cell.pdbx_unique_axis             ? 
# 
_symmetry.entry_id                         7CG9 
_symmetry.cell_setting                     ? 
_symmetry.Int_Tables_number                92 
_symmetry.space_group_name_Hall            ? 
_symmetry.space_group_name_H-M             'P 41 21 2' 
_symmetry.pdbx_full_space_group_name_H-M   ? 
# 
_exptl.absorpt_coefficient_mu     ? 
_exptl.absorpt_correction_T_max   ? 
_exptl.absorpt_correction_T_min   ? 
_exptl.absorpt_correction_type    ? 
_exptl.absorpt_process_details    ? 
_exptl.entry_id                   7CG9 
_exptl.crystals_number            1 
_exptl.details                    ? 
_exptl.method                     'X-RAY DIFFRACTION' 
_exptl.method_details             ? 
# 
_exptl_crystal.colour                      ? 
_exptl_crystal.density_diffrn              ? 
_exptl_crystal.density_Matthews            1.89 
_exptl_crystal.density_method              ? 
_exptl_crystal.density_percent_sol         34.94 
_exptl_crystal.description                 'Three-dimensional diamond-shaped crystals' 
_exptl_crystal.F_000                       ? 
_exptl_crystal.id                          1 
_exptl_crystal.preparation                 ? 
_exptl_crystal.size_max                    ? 
_exptl_crystal.size_mid                    ? 
_exptl_crystal.size_min                    ? 
_exptl_crystal.size_rad                    ? 
_exptl_crystal.colour_lustre               ? 
_exptl_crystal.colour_modifier             ? 
_exptl_crystal.colour_primary              ? 
_exptl_crystal.density_meas                ? 
_exptl_crystal.density_meas_esd            ? 
_exptl_crystal.density_meas_gt             ? 
_exptl_crystal.density_meas_lt             ? 
_exptl_crystal.density_meas_temp           ? 
_exptl_crystal.density_meas_temp_esd       ? 
_exptl_crystal.density_meas_temp_gt        ? 
_exptl_crystal.density_meas_temp_lt        ? 
_exptl_crystal.pdbx_crystal_image_url      ? 
_exptl_crystal.pdbx_crystal_image_format   ? 
_exptl_crystal.pdbx_mosaicity              ? 
_exptl_crystal.pdbx_mosaicity_esd          ? 
# 
_exptl_crystal_grow.apparatus       ? 
_exptl_crystal_grow.atmosphere      ? 
_exptl_crystal_grow.crystal_id      1 
_exptl_crystal_grow.details         ? 
_exptl_crystal_grow.method          'VAPOR DIFFUSION, HANGING DROP' 
_exptl_crystal_grow.method_ref      ? 
_exptl_crystal_grow.pH              8.0 
_exptl_crystal_grow.pressure        ? 
_exptl_crystal_grow.pressure_esd    ? 
_exptl_crystal_grow.seeding         ? 
_exptl_crystal_grow.seeding_ref     ? 
_exptl_crystal_grow.temp            295 
_exptl_crystal_grow.temp_details    ? 
_exptl_crystal_grow.temp_esd        ? 
_exptl_crystal_grow.time            ? 
_exptl_crystal_grow.pdbx_details    '0.2 M Lithium sulfate, 0.1 M Tris-Cl pH 8.0, 30% (w/v) PEG 4000' 
_exptl_crystal_grow.pdbx_pH_range   ? 
# 
_diffrn.ambient_environment              ? 
_diffrn.ambient_temp                     100 
_diffrn.ambient_temp_details             ? 
_diffrn.ambient_temp_esd                 ? 
_diffrn.crystal_id                       1 
_diffrn.crystal_support                  ? 
_diffrn.crystal_treatment                ? 
_diffrn.details                          ? 
_diffrn.id                               1 
_diffrn.ambient_pressure                 ? 
_diffrn.ambient_pressure_esd             ? 
_diffrn.ambient_pressure_gt              ? 
_diffrn.ambient_pressure_lt              ? 
_diffrn.ambient_temp_gt                  ? 
_diffrn.ambient_temp_lt                  ? 
_diffrn.pdbx_serial_crystal_experiment   N 
# 
_diffrn_detector.details                      ? 
_diffrn_detector.detector                     PIXEL 
_diffrn_detector.diffrn_id                    1 
_diffrn_detector.type                         'DECTRIS PILATUS 6M' 
_diffrn_detector.area_resol_mean              ? 
_diffrn_detector.dtime                        ? 
_diffrn_detector.pdbx_frames_total            ? 
_diffrn_detector.pdbx_collection_time_total   ? 
_diffrn_detector.pdbx_collection_date         2019-02-21 
_diffrn_detector.pdbx_frequency               ? 
# 
_diffrn_radiation.collimation                      ? 
_diffrn_radiation.diffrn_id                        1 
_diffrn_radiation.filter_edge                      ? 
_diffrn_radiation.inhomogeneity                    ? 
_diffrn_radiation.monochromator                    ? 
_diffrn_radiation.polarisn_norm                    ? 
_diffrn_radiation.polarisn_ratio                   ? 
_diffrn_radiation.probe                            ? 
_diffrn_radiation.type                             ? 
_diffrn_radiation.xray_symbol                      ? 
_diffrn_radiation.wavelength_id                    1 
_diffrn_radiation.pdbx_monochromatic_or_laue_m_l   M 
_diffrn_radiation.pdbx_wavelength_list             ? 
_diffrn_radiation.pdbx_wavelength                  ? 
_diffrn_radiation.pdbx_diffrn_protocol             'SINGLE WAVELENGTH' 
_diffrn_radiation.pdbx_analyzer                    ? 
_diffrn_radiation.pdbx_scattering_type             x-ray 
# 
_diffrn_radiation_wavelength.id           1 
_diffrn_radiation_wavelength.wavelength   0.97800 
_diffrn_radiation_wavelength.wt           1.0 
# 
_diffrn_source.current                     ? 
_diffrn_source.details                     ? 
_diffrn_source.diffrn_id                   1 
_diffrn_source.power                       ? 
_diffrn_source.size                        ? 
_diffrn_source.source                      SYNCHROTRON 
_diffrn_source.target                      ? 
_diffrn_source.type                        'ELETTRA BEAMLINE 11.2C' 
_diffrn_source.voltage                     ? 
_diffrn_source.take-off_angle              ? 
_diffrn_source.pdbx_wavelength_list        0.97800 
_diffrn_source.pdbx_wavelength             ? 
_diffrn_source.pdbx_synchrotron_beamline   11.2C 
_diffrn_source.pdbx_synchrotron_site       ELETTRA 
# 
_reflns.B_iso_Wilson_estimate            42.5 
_reflns.entry_id                         7CG9 
_reflns.data_reduction_details           ? 
_reflns.data_reduction_method            ? 
_reflns.d_resolution_high                2.05 
_reflns.d_resolution_low                 42.32 
_reflns.details                          ? 
_reflns.limit_h_max                      ? 
_reflns.limit_h_min                      ? 
_reflns.limit_k_max                      ? 
_reflns.limit_k_min                      ? 
_reflns.limit_l_max                      ? 
_reflns.limit_l_min                      ? 
_reflns.number_all                       ? 
_reflns.number_obs                       12848 
_reflns.observed_criterion               ? 
_reflns.observed_criterion_F_max         ? 
_reflns.observed_criterion_F_min         ? 
_reflns.observed_criterion_I_max         ? 
_reflns.observed_criterion_I_min         ? 
_reflns.observed_criterion_sigma_F       ? 
_reflns.observed_criterion_sigma_I       ? 
_reflns.percent_possible_obs             91 
_reflns.R_free_details                   ? 
_reflns.Rmerge_F_all                     ? 
_reflns.Rmerge_F_obs                     ? 
_reflns.Friedel_coverage                 ? 
_reflns.number_gt                        ? 
_reflns.threshold_expression             ? 
_reflns.pdbx_redundancy                  21.9 
_reflns.pdbx_Rmerge_I_obs                0.062 
_reflns.pdbx_Rmerge_I_all                ? 
_reflns.pdbx_Rsym_value                  ? 
_reflns.pdbx_netI_over_av_sigmaI         ? 
_reflns.pdbx_netI_over_sigmaI            31.0 
_reflns.pdbx_res_netI_over_av_sigmaI_2   ? 
_reflns.pdbx_res_netI_over_sigmaI_2      ? 
_reflns.pdbx_chi_squared                 ? 
_reflns.pdbx_scaling_rejects             ? 
_reflns.pdbx_d_res_high_opt              ? 
_reflns.pdbx_d_res_low_opt               ? 
_reflns.pdbx_d_res_opt_method            ? 
_reflns.phase_calculation_details        ? 
_reflns.pdbx_Rrim_I_all                  0.065 
_reflns.pdbx_Rpim_I_all                  0.018 
_reflns.pdbx_d_opt                       ? 
_reflns.pdbx_number_measured_all         ? 
_reflns.pdbx_diffrn_id                   1 
_reflns.pdbx_ordinal                     1 
_reflns.pdbx_CC_half                     0.93 
_reflns.pdbx_CC_star                     ? 
_reflns.pdbx_R_split                     ? 
# 
_reflns_shell.d_res_high                  2.05 
_reflns_shell.d_res_low                   2.16 
_reflns_shell.meanI_over_sigI_all         ? 
_reflns_shell.meanI_over_sigI_obs         3.1 
_reflns_shell.number_measured_all         ? 
_reflns_shell.number_measured_obs         ? 
_reflns_shell.number_possible             ? 
_reflns_shell.number_unique_all           ? 
_reflns_shell.number_unique_obs           1400 
_reflns_shell.percent_possible_all        70.5 
_reflns_shell.percent_possible_obs        ? 
_reflns_shell.Rmerge_F_all                ? 
_reflns_shell.Rmerge_F_obs                ? 
_reflns_shell.Rmerge_I_all                ? 
_reflns_shell.Rmerge_I_obs                0.83 
_reflns_shell.meanI_over_sigI_gt          ? 
_reflns_shell.meanI_over_uI_all           ? 
_reflns_shell.meanI_over_uI_gt            ? 
_reflns_shell.number_measured_gt          ? 
_reflns_shell.number_unique_gt            ? 
_reflns_shell.percent_possible_gt         ? 
_reflns_shell.Rmerge_F_gt                 ? 
_reflns_shell.Rmerge_I_gt                 ? 
_reflns_shell.pdbx_redundancy             15.3 
_reflns_shell.pdbx_Rsym_value             ? 
_reflns_shell.pdbx_chi_squared            0.81 
_reflns_shell.pdbx_netI_over_sigmaI_all   ? 
_reflns_shell.pdbx_netI_over_sigmaI_obs   ? 
_reflns_shell.pdbx_Rrim_I_all             0.89 
_reflns_shell.pdbx_Rpim_I_all             0.29 
_reflns_shell.pdbx_rejects                ? 
_reflns_shell.pdbx_ordinal                1 
_reflns_shell.pdbx_diffrn_id              1 
_reflns_shell.pdbx_CC_half                0.81 
_reflns_shell.pdbx_CC_star                ? 
_reflns_shell.pdbx_R_split                ? 
# 
_refine.aniso_B[1][1]                            1.28 
_refine.aniso_B[1][2]                            -0.00 
_refine.aniso_B[1][3]                            -0.00 
_refine.aniso_B[2][2]                            1.28 
_refine.aniso_B[2][3]                            -0.00 
_refine.aniso_B[3][3]                            -2.55 
_refine.B_iso_max                                ? 
_refine.B_iso_mean                               46.765 
_refine.B_iso_min                                ? 
_refine.correlation_coeff_Fo_to_Fc               0.941 
_refine.correlation_coeff_Fo_to_Fc_free          0.944 
_refine.details                                  'HYDROGENS HAVE BEEN ADDED IN THE RIDING POSITIONS' 
_refine.diff_density_max                         ? 
_refine.diff_density_max_esd                     ? 
_refine.diff_density_min                         ? 
_refine.diff_density_min_esd                     ? 
_refine.diff_density_rms                         ? 
_refine.diff_density_rms_esd                     ? 
_refine.entry_id                                 7CG9 
_refine.pdbx_refine_id                           'X-RAY DIFFRACTION' 
_refine.ls_abs_structure_details                 ? 
_refine.ls_abs_structure_Flack                   ? 
_refine.ls_abs_structure_Flack_esd               ? 
_refine.ls_abs_structure_Rogers                  ? 
_refine.ls_abs_structure_Rogers_esd              ? 
_refine.ls_d_res_high                            2.05 
_refine.ls_d_res_low                             42.32 
_refine.ls_extinction_coef                       ? 
_refine.ls_extinction_coef_esd                   ? 
_refine.ls_extinction_expression                 ? 
_refine.ls_extinction_method                     ? 
_refine.ls_goodness_of_fit_all                   ? 
_refine.ls_goodness_of_fit_all_esd               ? 
_refine.ls_goodness_of_fit_obs                   ? 
_refine.ls_goodness_of_fit_obs_esd               ? 
_refine.ls_hydrogen_treatment                    ? 
_refine.ls_matrix_type                           ? 
_refine.ls_number_constraints                    ? 
_refine.ls_number_parameters                     ? 
_refine.ls_number_reflns_all                     ? 
_refine.ls_number_reflns_obs                     12165 
_refine.ls_number_reflns_R_free                  593 
_refine.ls_number_reflns_R_work                  ? 
_refine.ls_number_restraints                     ? 
_refine.ls_percent_reflns_obs                    91.10 
_refine.ls_percent_reflns_R_free                 4.6 
_refine.ls_R_factor_all                          ? 
_refine.ls_R_factor_obs                          0.23499 
_refine.ls_R_factor_R_free                       0.24435 
_refine.ls_R_factor_R_free_error                 ? 
_refine.ls_R_factor_R_free_error_details         ? 
_refine.ls_R_factor_R_work                       0.23450 
_refine.ls_R_Fsqd_factor_obs                     ? 
_refine.ls_R_I_factor_obs                        ? 
_refine.ls_redundancy_reflns_all                 ? 
_refine.ls_redundancy_reflns_obs                 ? 
_refine.ls_restrained_S_all                      ? 
_refine.ls_restrained_S_obs                      ? 
_refine.ls_shift_over_esd_max                    ? 
_refine.ls_shift_over_esd_mean                   ? 
_refine.ls_structure_factor_coef                 ? 
_refine.ls_weighting_details                     ? 
_refine.ls_weighting_scheme                      ? 
_refine.ls_wR_factor_all                         ? 
_refine.ls_wR_factor_obs                         ? 
_refine.ls_wR_factor_R_free                      ? 
_refine.ls_wR_factor_R_work                      ? 
_refine.occupancy_max                            ? 
_refine.occupancy_min                            ? 
_refine.solvent_model_details                    MASK 
_refine.solvent_model_param_bsol                 ? 
_refine.solvent_model_param_ksol                 ? 
_refine.pdbx_R_complete                          ? 
_refine.ls_R_factor_gt                           ? 
_refine.ls_goodness_of_fit_gt                    ? 
_refine.ls_goodness_of_fit_ref                   ? 
_refine.ls_shift_over_su_max                     ? 
_refine.ls_shift_over_su_max_lt                  ? 
_refine.ls_shift_over_su_mean                    ? 
_refine.ls_shift_over_su_mean_lt                 ? 
_refine.pdbx_ls_sigma_I                          ? 
_refine.pdbx_ls_sigma_F                          ? 
_refine.pdbx_ls_sigma_Fsqd                       ? 
_refine.pdbx_data_cutoff_high_absF               ? 
_refine.pdbx_data_cutoff_high_rms_absF           ? 
_refine.pdbx_data_cutoff_low_absF                ? 
_refine.pdbx_isotropic_thermal_model             ? 
_refine.pdbx_ls_cross_valid_method               THROUGHOUT 
_refine.pdbx_method_to_determine_struct          'MOLECULAR REPLACEMENT' 
_refine.pdbx_starting_model                      4G1H 
_refine.pdbx_stereochemistry_target_values       'MAXIMUM LIKELIHOOD' 
_refine.pdbx_R_Free_selection_details            RANDOM 
_refine.pdbx_stereochem_target_val_spec_case     ? 
_refine.pdbx_overall_ESU_R                       0.251 
_refine.pdbx_overall_ESU_R_Free                  0.185 
_refine.pdbx_solvent_vdw_probe_radii             1.00 
_refine.pdbx_solvent_ion_probe_radii             0.70 
_refine.pdbx_solvent_shrinkage_radii             0.70 
_refine.pdbx_real_space_R                        ? 
_refine.pdbx_density_correlation                 ? 
_refine.pdbx_pd_number_of_powder_patterns        ? 
_refine.pdbx_pd_number_of_points                 ? 
_refine.pdbx_pd_meas_number_of_points            ? 
_refine.pdbx_pd_proc_ls_prof_R_factor            ? 
_refine.pdbx_pd_proc_ls_prof_wR_factor           ? 
_refine.pdbx_pd_Marquardt_correlation_coeff      ? 
_refine.pdbx_pd_Fsqrd_R_factor                   ? 
_refine.pdbx_pd_ls_matrix_band_width             ? 
_refine.pdbx_overall_phase_error                 ? 
_refine.pdbx_overall_SU_R_free_Cruickshank_DPI   ? 
_refine.pdbx_overall_SU_R_free_Blow_DPI          ? 
_refine.pdbx_overall_SU_R_Blow_DPI               ? 
_refine.pdbx_TLS_residual_ADP_flag               ? 
_refine.pdbx_diffrn_id                           1 
_refine.overall_SU_B                             ? 
_refine.overall_SU_ML                            ? 
_refine.overall_SU_R_Cruickshank_DPI             ? 
_refine.overall_SU_R_free                        ? 
_refine.overall_FOM_free_R_set                   ? 
_refine.overall_FOM_work_R_set                   ? 
_refine.pdbx_average_fsc_overall                 ? 
_refine.pdbx_average_fsc_work                    ? 
_refine.pdbx_average_fsc_free                    ? 
# 
_refine_hist.pdbx_refine_id                   'X-RAY DIFFRACTION' 
_refine_hist.cycle_id                         1 
_refine_hist.details                          ? 
_refine_hist.d_res_high                       2.05 
_refine_hist.d_res_low                        42.32 
_refine_hist.number_atoms_solvent             26 
_refine_hist.number_atoms_total               1505 
_refine_hist.number_reflns_all                ? 
_refine_hist.number_reflns_obs                ? 
_refine_hist.number_reflns_R_free             ? 
_refine_hist.number_reflns_R_work             ? 
_refine_hist.R_factor_all                     ? 
_refine_hist.R_factor_obs                     ? 
_refine_hist.R_factor_R_free                  ? 
_refine_hist.R_factor_R_work                  ? 
_refine_hist.pdbx_number_residues_total       ? 
_refine_hist.pdbx_B_iso_mean_ligand           ? 
_refine_hist.pdbx_B_iso_mean_solvent          ? 
_refine_hist.pdbx_number_atoms_protein        1469 
_refine_hist.pdbx_number_atoms_nucleic_acid   0 
_refine_hist.pdbx_number_atoms_ligand         10 
_refine_hist.pdbx_number_atoms_lipid          ? 
_refine_hist.pdbx_number_atoms_carb           ? 
_refine_hist.pdbx_pseudo_atom_details         ? 
# 
loop_
_refine_ls_restr.pdbx_refine_id 
_refine_ls_restr.criterion 
_refine_ls_restr.dev_ideal 
_refine_ls_restr.dev_ideal_target 
_refine_ls_restr.number 
_refine_ls_restr.rejects 
_refine_ls_restr.type 
_refine_ls_restr.weight 
_refine_ls_restr.pdbx_restraint_function 
'X-RAY DIFFRACTION' ? 0.007  0.013  1513 ? r_bond_refined_d             ? ? 
'X-RAY DIFFRACTION' ? 0.036  0.017  1396 ? r_bond_other_d               ? ? 
'X-RAY DIFFRACTION' ? 1.469  1.649  2059 ? r_angle_refined_deg          ? ? 
'X-RAY DIFFRACTION' ? 2.328  1.573  3228 ? r_angle_other_deg            ? ? 
'X-RAY DIFFRACTION' ? 7.590  5.000  193  ? r_dihedral_angle_1_deg       ? ? 
'X-RAY DIFFRACTION' ? 33.533 21.918 73   ? r_dihedral_angle_2_deg       ? ? 
'X-RAY DIFFRACTION' ? 14.274 15.000 243  ? r_dihedral_angle_3_deg       ? ? 
'X-RAY DIFFRACTION' ? 9.387  15.000 10   ? r_dihedral_angle_4_deg       ? ? 
'X-RAY DIFFRACTION' ? 0.061  0.200  207  ? r_chiral_restr               ? ? 
'X-RAY DIFFRACTION' ? 0.007  0.020  1694 ? r_gen_planes_refined         ? ? 
'X-RAY DIFFRACTION' ? 0.009  0.020  308  ? r_gen_planes_other           ? ? 
'X-RAY DIFFRACTION' ? ?      ?      ?    ? r_nbd_refined                ? ? 
'X-RAY DIFFRACTION' ? ?      ?      ?    ? r_nbd_other                  ? ? 
'X-RAY DIFFRACTION' ? ?      ?      ?    ? r_nbtor_refined              ? ? 
'X-RAY DIFFRACTION' ? ?      ?      ?    ? r_nbtor_other                ? ? 
'X-RAY DIFFRACTION' ? ?      ?      ?    ? r_xyhbond_nbd_refined        ? ? 
'X-RAY DIFFRACTION' ? ?      ?      ?    ? r_xyhbond_nbd_other          ? ? 
'X-RAY DIFFRACTION' ? ?      ?      ?    ? r_metal_ion_refined          ? ? 
'X-RAY DIFFRACTION' ? ?      ?      ?    ? r_metal_ion_other            ? ? 
'X-RAY DIFFRACTION' ? ?      ?      ?    ? r_symmetry_vdw_refined       ? ? 
'X-RAY DIFFRACTION' ? ?      ?      ?    ? r_symmetry_vdw_other         ? ? 
'X-RAY DIFFRACTION' ? ?      ?      ?    ? r_symmetry_hbond_refined     ? ? 
'X-RAY DIFFRACTION' ? ?      ?      ?    ? r_symmetry_hbond_other       ? ? 
'X-RAY DIFFRACTION' ? ?      ?      ?    ? r_symmetry_metal_ion_refined ? ? 
'X-RAY DIFFRACTION' ? ?      ?      ?    ? r_symmetry_metal_ion_other   ? ? 
'X-RAY DIFFRACTION' ? 3.379  4.886  772  ? r_mcbond_it                  ? ? 
'X-RAY DIFFRACTION' ? 3.378  4.881  771  ? r_mcbond_other               ? ? 
'X-RAY DIFFRACTION' ? 5.034  7.306  965  ? r_mcangle_it                 ? ? 
'X-RAY DIFFRACTION' ? 5.031  7.313  966  ? r_mcangle_other              ? ? 
'X-RAY DIFFRACTION' ? 4.952  5.386  741  ? r_scbond_it                  ? ? 
'X-RAY DIFFRACTION' ? 4.937  5.342  731  ? r_scbond_other               ? ? 
'X-RAY DIFFRACTION' ? ?      ?      ?    ? r_scangle_it                 ? ? 
'X-RAY DIFFRACTION' ? 7.044  7.804  1082 ? r_scangle_other              ? ? 
'X-RAY DIFFRACTION' ? 8.700  56.979 1535 ? r_long_range_B_refined       ? ? 
'X-RAY DIFFRACTION' ? 8.700  57.018 1535 ? r_long_range_B_other         ? ? 
'X-RAY DIFFRACTION' ? ?      ?      ?    ? r_rigid_bond_restr           ? ? 
'X-RAY DIFFRACTION' ? ?      ?      ?    ? r_sphericity_free            ? ? 
'X-RAY DIFFRACTION' ? ?      ?      ?    ? r_sphericity_bonded          ? ? 
# 
_refine_ls_shell.pdbx_refine_id                   'X-RAY DIFFRACTION' 
_refine_ls_shell.d_res_high                       2.054 
_refine_ls_shell.d_res_low                        2.107 
_refine_ls_shell.number_reflns_all                ? 
_refine_ls_shell.number_reflns_obs                ? 
_refine_ls_shell.number_reflns_R_free             21 
_refine_ls_shell.number_reflns_R_work             381 
_refine_ls_shell.percent_reflns_obs               40.98 
_refine_ls_shell.percent_reflns_R_free            ? 
_refine_ls_shell.R_factor_all                     ? 
_refine_ls_shell.R_factor_obs                     ? 
_refine_ls_shell.R_factor_R_free                  0.359 
_refine_ls_shell.R_factor_R_free_error            ? 
_refine_ls_shell.R_factor_R_work                  0.325 
_refine_ls_shell.redundancy_reflns_all            ? 
_refine_ls_shell.redundancy_reflns_obs            ? 
_refine_ls_shell.wR_factor_all                    ? 
_refine_ls_shell.wR_factor_obs                    ? 
_refine_ls_shell.wR_factor_R_free                 ? 
_refine_ls_shell.wR_factor_R_work                 ? 
_refine_ls_shell.pdbx_R_complete                  ? 
_refine_ls_shell.pdbx_total_number_of_bins_used   20 
_refine_ls_shell.pdbx_phase_error                 ? 
_refine_ls_shell.pdbx_fsc_work                    ? 
_refine_ls_shell.pdbx_fsc_free                    ? 
# 
_struct.entry_id                     7CG9 
_struct.title                        'Crystal structure of pilin-specific sortase SrtC1 from Lactobacillus rhamnosus GG' 
_struct.pdbx_model_details           ? 
_struct.pdbx_formula_weight          ? 
_struct.pdbx_formula_weight_method   ? 
_struct.pdbx_model_type_details      ? 
_struct.pdbx_CASP_flag               N 
# 
_struct_keywords.entry_id        7CG9 
_struct_keywords.text            
'Pilin-specific sortase, cysteine-transpeptidase, pilus assembly, lactobacillar pilus, SpaCBA pilus, HYDROLASE, probiotics' 
_struct_keywords.pdbx_keywords   HYDROLASE 
# 
loop_
_struct_asym.id 
_struct_asym.pdbx_blank_PDB_chainid_flag 
_struct_asym.pdbx_modified 
_struct_asym.entity_id 
_struct_asym.details 
A N N 1 ? 
B N N 2 ? 
C N N 2 ? 
D N N 3 ? 
# 
_struct_ref.id                         1 
_struct_ref.db_name                    UNP 
_struct_ref.db_code                    A0A5P5ZBR6_LACRH 
_struct_ref.pdbx_db_accession          A0A5P5ZBR6 
_struct_ref.pdbx_db_isoform            ? 
_struct_ref.entity_id                  1 
_struct_ref.pdbx_seq_one_letter_code   
;AYVSYQNQQVIDRYRQQEARKNQMVLRREYNDYQQKNKQLAASQQVPGVASFNHAVNDQGTAKTAAKRNQQILTRQTVAQ
LTIPKIGLSLPVFDHTSDWLLQFGACLLDGTSYPTGGKNTHAVISAHRGVPNAELFTRVPALKKGDKFFISIGNHKLAYQ
VFKRQVIEPSDTRQLRIVPGQDLVTLMTCTPYMINSHRLLITGRRIPYVKADEEASSWAV
;
_struct_ref.pdbx_align_begin           35 
# 
_struct_ref_seq.align_id                      1 
_struct_ref_seq.ref_id                        1 
_struct_ref_seq.pdbx_PDB_id_code              7CG9 
_struct_ref_seq.pdbx_strand_id                A 
_struct_ref_seq.seq_align_beg                 22 
_struct_ref_seq.pdbx_seq_align_beg_ins_code   ? 
_struct_ref_seq.seq_align_end                 241 
_struct_ref_seq.pdbx_seq_align_end_ins_code   ? 
_struct_ref_seq.pdbx_db_accession             A0A5P5ZBR6 
_struct_ref_seq.db_align_beg                  35 
_struct_ref_seq.pdbx_db_align_beg_ins_code    ? 
_struct_ref_seq.db_align_end                  254 
_struct_ref_seq.pdbx_db_align_end_ins_code    ? 
_struct_ref_seq.pdbx_auth_seq_align_beg       35 
_struct_ref_seq.pdbx_auth_seq_align_end       254 
# 
loop_
_struct_ref_seq_dif.align_id 
_struct_ref_seq_dif.pdbx_pdb_id_code 
_struct_ref_seq_dif.mon_id 
_struct_ref_seq_dif.pdbx_pdb_strand_id 
_struct_ref_seq_dif.seq_num 
_struct_ref_seq_dif.pdbx_pdb_ins_code 
_struct_ref_seq_dif.pdbx_seq_db_name 
_struct_ref_seq_dif.pdbx_seq_db_accession_code 
_struct_ref_seq_dif.db_mon_id 
_struct_ref_seq_dif.pdbx_seq_db_seq_num 
_struct_ref_seq_dif.details 
_struct_ref_seq_dif.pdbx_auth_seq_num 
_struct_ref_seq_dif.pdbx_ordinal 
1 7CG9 MET A 1  ? UNP A0A5P5ZBR6 ? ? 'initiating methionine' 14 1  
1 7CG9 GLY A 2  ? UNP A0A5P5ZBR6 ? ? 'expression tag'        15 2  
1 7CG9 SER A 3  ? UNP A0A5P5ZBR6 ? ? 'expression tag'        16 3  
1 7CG9 SER A 4  ? UNP A0A5P5ZBR6 ? ? 'expression tag'        17 4  
1 7CG9 HIS A 5  ? UNP A0A5P5ZBR6 ? ? 'expression tag'        18 5  
1 7CG9 HIS A 6  ? UNP A0A5P5ZBR6 ? ? 'expression tag'        19 6  
1 7CG9 HIS A 7  ? UNP A0A5P5ZBR6 ? ? 'expression tag'        20 7  
1 7CG9 HIS A 8  ? UNP A0A5P5ZBR6 ? ? 'expression tag'        21 8  
1 7CG9 HIS A 9  ? UNP A0A5P5ZBR6 ? ? 'expression tag'        22 9  
1 7CG9 HIS A 10 ? UNP A0A5P5ZBR6 ? ? 'expression tag'        23 10 
1 7CG9 SER A 11 ? UNP A0A5P5ZBR6 ? ? 'expression tag'        24 11 
1 7CG9 SER A 12 ? UNP A0A5P5ZBR6 ? ? 'expression tag'        25 12 
1 7CG9 GLY A 13 ? UNP A0A5P5ZBR6 ? ? 'expression tag'        26 13 
1 7CG9 LEU A 14 ? UNP A0A5P5ZBR6 ? ? 'expression tag'        27 14 
1 7CG9 VAL A 15 ? UNP A0A5P5ZBR6 ? ? 'expression tag'        28 15 
1 7CG9 PRO A 16 ? UNP A0A5P5ZBR6 ? ? 'expression tag'        29 16 
1 7CG9 ARG A 17 ? UNP A0A5P5ZBR6 ? ? 'expression tag'        30 17 
1 7CG9 GLY A 18 ? UNP A0A5P5ZBR6 ? ? 'expression tag'        31 18 
1 7CG9 SER A 19 ? UNP A0A5P5ZBR6 ? ? 'expression tag'        32 19 
1 7CG9 HIS A 20 ? UNP A0A5P5ZBR6 ? ? 'expression tag'        33 20 
1 7CG9 MET A 21 ? UNP A0A5P5ZBR6 ? ? 'expression tag'        34 21 
# 
_pdbx_struct_assembly.id                   1 
_pdbx_struct_assembly.details              author_and_software_defined_assembly 
_pdbx_struct_assembly.method_details       PISA 
_pdbx_struct_assembly.oligomeric_details   monomeric 
_pdbx_struct_assembly.oligomeric_count     1 
# 
loop_
_pdbx_struct_assembly_prop.biol_id 
_pdbx_struct_assembly_prop.type 
_pdbx_struct_assembly_prop.value 
_pdbx_struct_assembly_prop.details 
1 'ABSA (A^2)' 240  ? 
1 MORE         -19  ? 
1 'SSA (A^2)'  9610 ? 
# 
_pdbx_struct_assembly_gen.assembly_id       1 
_pdbx_struct_assembly_gen.oper_expression   1 
_pdbx_struct_assembly_gen.asym_id_list      A,B,C,D 
# 
_pdbx_struct_assembly_auth_evidence.id                     1 
_pdbx_struct_assembly_auth_evidence.assembly_id            1 
_pdbx_struct_assembly_auth_evidence.experimental_support   'gel filtration' 
_pdbx_struct_assembly_auth_evidence.details                ? 
# 
_pdbx_struct_oper_list.id                   1 
_pdbx_struct_oper_list.type                 'identity operation' 
_pdbx_struct_oper_list.name                 1_555 
_pdbx_struct_oper_list.symmetry_operation   x,y,z 
_pdbx_struct_oper_list.matrix[1][1]         1.0000000000 
_pdbx_struct_oper_list.matrix[1][2]         0.0000000000 
_pdbx_struct_oper_list.matrix[1][3]         0.0000000000 
_pdbx_struct_oper_list.vector[1]            0.0000000000 
_pdbx_struct_oper_list.matrix[2][1]         0.0000000000 
_pdbx_struct_oper_list.matrix[2][2]         1.0000000000 
_pdbx_struct_oper_list.matrix[2][3]         0.0000000000 
_pdbx_struct_oper_list.vector[2]            0.0000000000 
_pdbx_struct_oper_list.matrix[3][1]         0.0000000000 
_pdbx_struct_oper_list.matrix[3][2]         0.0000000000 
_pdbx_struct_oper_list.matrix[3][3]         1.0000000000 
_pdbx_struct_oper_list.vector[3]            0.0000000000 
# 
loop_
_struct_conf.conf_type_id 
_struct_conf.id 
_struct_conf.pdbx_PDB_helix_id 
_struct_conf.beg_label_comp_id 
_struct_conf.beg_label_asym_id 
_struct_conf.beg_label_seq_id 
_struct_conf.pdbx_beg_PDB_ins_code 
_struct_conf.end_label_comp_id 
_struct_conf.end_label_asym_id 
_struct_conf.end_label_seq_id 
_struct_conf.pdbx_end_PDB_ins_code 
_struct_conf.beg_auth_comp_id 
_struct_conf.beg_auth_asym_id 
_struct_conf.beg_auth_seq_id 
_struct_conf.end_auth_comp_id 
_struct_conf.end_auth_asym_id 
_struct_conf.end_auth_seq_id 
_struct_conf.pdbx_PDB_helix_class 
_struct_conf.details 
_struct_conf.pdbx_PDB_helix_length 
HELX_P HELX_P1 AA1 GLN A 44  ? ALA A 63  ? GLN A 57  ALA A 76  1 ? 20 
HELX_P HELX_P2 AA2 GLY A 69  ? ALA A 83  ? GLY A 82  ALA A 96  1 ? 15 
HELX_P HELX_P3 AA3 ASN A 90  ? GLN A 97  ? ASN A 103 GLN A 110 1 ? 8  
HELX_P HELX_P4 AA4 PRO A 105 ? GLY A 108 ? PRO A 118 GLY A 121 5 ? 4  
HELX_P HELX_P5 AA5 TRP A 120 ? PHE A 124 ? TRP A 133 PHE A 137 5 ? 5  
HELX_P HELX_P6 AA6 ARG A 159 ? LEU A 163 ? ARG A 172 LEU A 176 5 ? 5  
HELX_P HELX_P7 AA7 THR A 193 ? ARG A 197 ? THR A 206 ARG A 210 5 ? 5  
HELX_P HELX_P8 AA8 VAL A 230 ? GLU A 235 ? VAL A 243 GLU A 248 1 ? 6  
# 
_struct_conf_type.id          HELX_P 
_struct_conf_type.criteria    ? 
_struct_conf_type.reference   ? 
# 
loop_
_struct_conn.id 
_struct_conn.conn_type_id 
_struct_conn.pdbx_leaving_atom_flag 
_struct_conn.pdbx_PDB_id 
_struct_conn.ptnr1_label_asym_id 
_struct_conn.ptnr1_label_comp_id 
_struct_conn.ptnr1_label_seq_id 
_struct_conn.ptnr1_label_atom_id 
_struct_conn.pdbx_ptnr1_label_alt_id 
_struct_conn.pdbx_ptnr1_PDB_ins_code 
_struct_conn.pdbx_ptnr1_standard_comp_id 
_struct_conn.ptnr1_symmetry 
_struct_conn.ptnr2_label_asym_id 
_struct_conn.ptnr2_label_comp_id 
_struct_conn.ptnr2_label_seq_id 
_struct_conn.ptnr2_label_atom_id 
_struct_conn.pdbx_ptnr2_label_alt_id 
_struct_conn.pdbx_ptnr2_PDB_ins_code 
_struct_conn.ptnr1_auth_asym_id 
_struct_conn.ptnr1_auth_comp_id 
_struct_conn.ptnr1_auth_seq_id 
_struct_conn.ptnr2_auth_asym_id 
_struct_conn.ptnr2_auth_comp_id 
_struct_conn.ptnr2_auth_seq_id 
_struct_conn.ptnr2_symmetry 
_struct_conn.pdbx_ptnr3_label_atom_id 
_struct_conn.pdbx_ptnr3_label_seq_id 
_struct_conn.pdbx_ptnr3_label_comp_id 
_struct_conn.pdbx_ptnr3_label_asym_id 
_struct_conn.pdbx_ptnr3_label_alt_id 
_struct_conn.pdbx_ptnr3_PDB_ins_code 
_struct_conn.details 
_struct_conn.pdbx_dist_value 
_struct_conn.pdbx_value_order 
_struct_conn.pdbx_role 
covale1 covale both ? A THR 209 C ? ? ? 1_555 A CME 210 N ? ? A THR 222 A CME 223 1_555 ? ? ? ? ? ? ? 1.334 ? ? 
covale2 covale both ? A CME 210 C ? ? ? 1_555 A THR 211 N ? ? A CME 223 A THR 224 1_555 ? ? ? ? ? ? ? 1.341 ? ? 
# 
_struct_conn_type.id          covale 
_struct_conn_type.criteria    ? 
_struct_conn_type.reference   ? 
# 
_pdbx_modification_feature.ordinal                            1 
_pdbx_modification_feature.label_comp_id                      CME 
_pdbx_modification_feature.label_asym_id                      A 
_pdbx_modification_feature.label_seq_id                       210 
_pdbx_modification_feature.label_alt_id                       ? 
_pdbx_modification_feature.modified_residue_label_comp_id     . 
_pdbx_modification_feature.modified_residue_label_asym_id     . 
_pdbx_modification_feature.modified_residue_label_seq_id      . 
_pdbx_modification_feature.modified_residue_label_alt_id      . 
_pdbx_modification_feature.auth_comp_id                       CME 
_pdbx_modification_feature.auth_asym_id                       A 
_pdbx_modification_feature.auth_seq_id                        223 
_pdbx_modification_feature.PDB_ins_code                       ? 
_pdbx_modification_feature.symmetry                           1_555 
_pdbx_modification_feature.modified_residue_auth_comp_id      . 
_pdbx_modification_feature.modified_residue_auth_asym_id      . 
_pdbx_modification_feature.modified_residue_auth_seq_id       . 
_pdbx_modification_feature.modified_residue_PDB_ins_code      . 
_pdbx_modification_feature.modified_residue_symmetry          . 
_pdbx_modification_feature.comp_id_linking_atom               . 
_pdbx_modification_feature.modified_residue_id_linking_atom   . 
_pdbx_modification_feature.modified_residue_id                CYS 
_pdbx_modification_feature.ref_pcm_id                         1 
_pdbx_modification_feature.ref_comp_id                        CME 
_pdbx_modification_feature.type                               Beta-mercaptoethanol 
_pdbx_modification_feature.category                           'Named protein modification' 
# 
_struct_mon_prot_cis.pdbx_id                1 
_struct_mon_prot_cis.label_comp_id          THR 
_struct_mon_prot_cis.label_seq_id           211 
_struct_mon_prot_cis.label_asym_id          A 
_struct_mon_prot_cis.label_alt_id           . 
_struct_mon_prot_cis.pdbx_PDB_ins_code      ? 
_struct_mon_prot_cis.auth_comp_id           THR 
_struct_mon_prot_cis.auth_seq_id            224 
_struct_mon_prot_cis.auth_asym_id           A 
_struct_mon_prot_cis.pdbx_label_comp_id_2   PRO 
_struct_mon_prot_cis.pdbx_label_seq_id_2    212 
_struct_mon_prot_cis.pdbx_label_asym_id_2   A 
_struct_mon_prot_cis.pdbx_PDB_ins_code_2    ? 
_struct_mon_prot_cis.pdbx_auth_comp_id_2    PRO 
_struct_mon_prot_cis.pdbx_auth_seq_id_2     225 
_struct_mon_prot_cis.pdbx_auth_asym_id_2    A 
_struct_mon_prot_cis.pdbx_PDB_model_num     1 
_struct_mon_prot_cis.pdbx_omega_angle       -10.03 
# 
_struct_sheet.id               AA1 
_struct_sheet.type             ? 
_struct_sheet.number_strands   9 
_struct_sheet.details          ? 
# 
loop_
_struct_sheet_order.sheet_id 
_struct_sheet_order.range_id_1 
_struct_sheet_order.range_id_2 
_struct_sheet_order.offset 
_struct_sheet_order.sense 
AA1 1 2 ? anti-parallel 
AA1 2 3 ? parallel      
AA1 3 4 ? anti-parallel 
AA1 4 5 ? parallel      
AA1 5 6 ? anti-parallel 
AA1 6 7 ? anti-parallel 
AA1 7 8 ? anti-parallel 
AA1 8 9 ? anti-parallel 
# 
loop_
_struct_sheet_range.sheet_id 
_struct_sheet_range.id 
_struct_sheet_range.beg_label_comp_id 
_struct_sheet_range.beg_label_asym_id 
_struct_sheet_range.beg_label_seq_id 
_struct_sheet_range.pdbx_beg_PDB_ins_code 
_struct_sheet_range.end_label_comp_id 
_struct_sheet_range.end_label_asym_id 
_struct_sheet_range.end_label_seq_id 
_struct_sheet_range.pdbx_end_PDB_ins_code 
_struct_sheet_range.beg_auth_comp_id 
_struct_sheet_range.beg_auth_asym_id 
_struct_sheet_range.beg_auth_seq_id 
_struct_sheet_range.end_auth_comp_id 
_struct_sheet_range.end_auth_asym_id 
_struct_sheet_range.end_auth_seq_id 
AA1 1 THR A 98  ? ILE A 104 ? THR A 111 ILE A 117 
AA1 2 LEU A 109 ? PHE A 114 ? LEU A 122 PHE A 127 
AA1 3 ALA A 126 ? LEU A 128 ? ALA A 139 LEU A 141 
AA1 4 THR A 141 ? SER A 146 ? THR A 154 SER A 159 
AA1 5 ASP A 203 ? THR A 211 ? ASP A 216 THR A 224 
AA1 6 HIS A 218 ? ILE A 227 ? HIS A 231 ILE A 240 
AA1 7 LYS A 177 ? ILE A 188 ? LYS A 190 ILE A 201 
AA1 8 LYS A 168 ? SER A 172 ? LYS A 181 SER A 185 
AA1 9 THR A 98  ? ILE A 104 ? THR A 111 ILE A 117 
# 
loop_
_pdbx_struct_sheet_hbond.sheet_id 
_pdbx_struct_sheet_hbond.range_id_1 
_pdbx_struct_sheet_hbond.range_id_2 
_pdbx_struct_sheet_hbond.range_1_label_atom_id 
_pdbx_struct_sheet_hbond.range_1_label_comp_id 
_pdbx_struct_sheet_hbond.range_1_label_asym_id 
_pdbx_struct_sheet_hbond.range_1_label_seq_id 
_pdbx_struct_sheet_hbond.range_1_PDB_ins_code 
_pdbx_struct_sheet_hbond.range_1_auth_atom_id 
_pdbx_struct_sheet_hbond.range_1_auth_comp_id 
_pdbx_struct_sheet_hbond.range_1_auth_asym_id 
_pdbx_struct_sheet_hbond.range_1_auth_seq_id 
_pdbx_struct_sheet_hbond.range_2_label_atom_id 
_pdbx_struct_sheet_hbond.range_2_label_comp_id 
_pdbx_struct_sheet_hbond.range_2_label_asym_id 
_pdbx_struct_sheet_hbond.range_2_label_seq_id 
_pdbx_struct_sheet_hbond.range_2_PDB_ins_code 
_pdbx_struct_sheet_hbond.range_2_auth_atom_id 
_pdbx_struct_sheet_hbond.range_2_auth_comp_id 
_pdbx_struct_sheet_hbond.range_2_auth_asym_id 
_pdbx_struct_sheet_hbond.range_2_auth_seq_id 
AA1 1 2 N ALA A 100 ? N ALA A 113 O VAL A 113 ? O VAL A 126 
AA1 2 3 N PHE A 114 ? N PHE A 127 O ALA A 126 ? O ALA A 139 
AA1 3 4 N CYS A 127 ? N CYS A 140 O SER A 146 ? O SER A 159 
AA1 4 5 N ILE A 145 ? N ILE A 158 O THR A 206 ? O THR A 219 
AA1 5 6 N VAL A 205 ? N VAL A 218 O GLY A 224 ? O GLY A 237 
AA1 6 7 O LEU A 221 ? O LEU A 234 N GLN A 186 ? N GLN A 199 
AA1 7 8 O LEU A 178 ? O LEU A 191 N ILE A 171 ? N ILE A 184 
AA1 8 9 O PHE A 170 ? O PHE A 183 N THR A 103 ? N THR A 116 
# 
loop_
_struct_site.id 
_struct_site.pdbx_evidence_code 
_struct_site.pdbx_auth_asym_id 
_struct_site.pdbx_auth_comp_id 
_struct_site.pdbx_auth_seq_id 
_struct_site.pdbx_auth_ins_code 
_struct_site.pdbx_num_residues 
_struct_site.details 
AC1 Software A SO4 301 ? 6 'binding site for residue SO4 A 301' 
AC2 Software A SO4 302 ? 4 'binding site for residue SO4 A 302' 
# 
loop_
_struct_site_gen.id 
_struct_site_gen.site_id 
_struct_site_gen.pdbx_num_res 
_struct_site_gen.label_comp_id 
_struct_site_gen.label_asym_id 
_struct_site_gen.label_seq_id 
_struct_site_gen.pdbx_auth_ins_code 
_struct_site_gen.auth_comp_id 
_struct_site_gen.auth_asym_id 
_struct_site_gen.auth_seq_id 
_struct_site_gen.label_atom_id 
_struct_site_gen.label_alt_id 
_struct_site_gen.symmetry 
_struct_site_gen.details 
1  AC1 6 HIS A 142 ? HIS A 155 . ? 1_555 ? 
2  AC1 6 LYS A 184 ? LYS A 197 . ? 1_555 ? 
3  AC1 6 GLN A 186 ? GLN A 199 . ? 1_555 ? 
4  AC1 6 GLN A 195 ? GLN A 208 . ? 1_555 ? 
5  AC1 6 LEU A 204 ? LEU A 217 . ? 1_555 ? 
6  AC1 6 THR A 223 ? THR A 236 . ? 1_555 ? 
7  AC2 4 ARG A 149 ? ARG A 162 . ? 1_555 ? 
8  AC2 4 THR A 211 ? THR A 224 . ? 1_555 ? 
9  AC2 4 PRO A 212 ? PRO A 225 . ? 1_555 ? 
10 AC2 4 TYR A 213 ? TYR A 226 . ? 1_555 ? 
# 
_pdbx_entry_details.entry_id                   7CG9 
_pdbx_entry_details.has_ligand_of_interest     Y 
_pdbx_entry_details.compound_details           ? 
_pdbx_entry_details.source_details             ? 
_pdbx_entry_details.nonpolymer_details         ? 
_pdbx_entry_details.sequence_details           ? 
_pdbx_entry_details.has_protein_modification   Y 
# 
loop_
_pdbx_validate_torsion.id 
_pdbx_validate_torsion.PDB_model_num 
_pdbx_validate_torsion.auth_comp_id 
_pdbx_validate_torsion.auth_asym_id 
_pdbx_validate_torsion.auth_seq_id 
_pdbx_validate_torsion.PDB_ins_code 
_pdbx_validate_torsion.label_alt_id 
_pdbx_validate_torsion.phi 
_pdbx_validate_torsion.psi 
1 1 HIS A 155 ? ? -150.77 89.39   
2 1 LEU A 169 ? ? 50.20   -118.93 
3 1 ASN A 188 ? ? -104.58 62.05   
4 1 ILE A 228 ? ? -121.04 -53.12  
# 
_pdbx_struct_mod_residue.id               1 
_pdbx_struct_mod_residue.label_asym_id    A 
_pdbx_struct_mod_residue.label_comp_id    CME 
_pdbx_struct_mod_residue.label_seq_id     210 
_pdbx_struct_mod_residue.auth_asym_id     A 
_pdbx_struct_mod_residue.auth_comp_id     CME 
_pdbx_struct_mod_residue.auth_seq_id      223 
_pdbx_struct_mod_residue.PDB_ins_code     ? 
_pdbx_struct_mod_residue.parent_comp_id   CYS 
_pdbx_struct_mod_residue.details          'modified residue' 
# 
_pdbx_struct_special_symmetry.id              1 
_pdbx_struct_special_symmetry.PDB_model_num   1 
_pdbx_struct_special_symmetry.auth_asym_id    A 
_pdbx_struct_special_symmetry.auth_comp_id    HOH 
_pdbx_struct_special_symmetry.auth_seq_id     402 
_pdbx_struct_special_symmetry.PDB_ins_code    ? 
_pdbx_struct_special_symmetry.label_asym_id   D 
_pdbx_struct_special_symmetry.label_comp_id   HOH 
_pdbx_struct_special_symmetry.label_seq_id    . 
# 
loop_
_pdbx_unobs_or_zero_occ_residues.id 
_pdbx_unobs_or_zero_occ_residues.PDB_model_num 
_pdbx_unobs_or_zero_occ_residues.polymer_flag 
_pdbx_unobs_or_zero_occ_residues.occupancy_flag 
_pdbx_unobs_or_zero_occ_residues.auth_asym_id 
_pdbx_unobs_or_zero_occ_residues.auth_comp_id 
_pdbx_unobs_or_zero_occ_residues.auth_seq_id 
_pdbx_unobs_or_zero_occ_residues.PDB_ins_code 
_pdbx_unobs_or_zero_occ_residues.label_asym_id 
_pdbx_unobs_or_zero_occ_residues.label_comp_id 
_pdbx_unobs_or_zero_occ_residues.label_seq_id 
1  1 Y 1 A MET 14  ? A MET 1   
2  1 Y 1 A GLY 15  ? A GLY 2   
3  1 Y 1 A SER 16  ? A SER 3   
4  1 Y 1 A SER 17  ? A SER 4   
5  1 Y 1 A HIS 18  ? A HIS 5   
6  1 Y 1 A HIS 19  ? A HIS 6   
7  1 Y 1 A HIS 20  ? A HIS 7   
8  1 Y 1 A HIS 21  ? A HIS 8   
9  1 Y 1 A HIS 22  ? A HIS 9   
10 1 Y 1 A HIS 23  ? A HIS 10  
11 1 Y 1 A SER 24  ? A SER 11  
12 1 Y 1 A SER 25  ? A SER 12  
13 1 Y 1 A GLY 26  ? A GLY 13  
14 1 Y 1 A LEU 27  ? A LEU 14  
15 1 Y 1 A VAL 28  ? A VAL 15  
16 1 Y 1 A PRO 29  ? A PRO 16  
17 1 Y 1 A ARG 30  ? A ARG 17  
18 1 Y 1 A GLY 31  ? A GLY 18  
19 1 Y 1 A SER 32  ? A SER 19  
20 1 Y 1 A HIS 33  ? A HIS 20  
21 1 Y 1 A MET 34  ? A MET 21  
22 1 Y 1 A ALA 35  ? A ALA 22  
23 1 Y 1 A TYR 36  ? A TYR 23  
24 1 Y 1 A VAL 37  ? A VAL 24  
25 1 Y 1 A SER 38  ? A SER 25  
26 1 Y 1 A TYR 39  ? A TYR 26  
27 1 Y 1 A GLN 40  ? A GLN 27  
28 1 Y 1 A ASN 41  ? A ASN 28  
29 1 Y 1 A GLN 42  ? A GLN 29  
30 1 Y 1 A GLN 43  ? A GLN 30  
31 1 Y 1 A VAL 44  ? A VAL 31  
32 1 Y 1 A ILE 45  ? A ILE 32  
33 1 Y 1 A ASP 46  ? A ASP 33  
34 1 Y 1 A ARG 47  ? A ARG 34  
35 1 Y 1 A TYR 48  ? A TYR 35  
36 1 Y 1 A ARG 49  ? A ARG 36  
37 1 Y 1 A GLN 50  ? A GLN 37  
38 1 Y 1 A GLN 51  ? A GLN 38  
39 1 Y 1 A GLU 52  ? A GLU 39  
40 1 Y 1 A ALA 53  ? A ALA 40  
41 1 Y 1 A ARG 54  ? A ARG 41  
42 1 Y 1 A LYS 55  ? A LYS 42  
43 1 Y 1 A ASN 56  ? A ASN 43  
44 1 Y 1 A ALA 249 ? A ALA 236 
45 1 Y 1 A SER 250 ? A SER 237 
46 1 Y 1 A SER 251 ? A SER 238 
47 1 Y 1 A TRP 252 ? A TRP 239 
48 1 Y 1 A ALA 253 ? A ALA 240 
49 1 Y 1 A VAL 254 ? A VAL 241 
# 
loop_
_chem_comp_atom.comp_id 
_chem_comp_atom.atom_id 
_chem_comp_atom.type_symbol 
_chem_comp_atom.pdbx_aromatic_flag 
_chem_comp_atom.pdbx_stereo_config 
_chem_comp_atom.pdbx_ordinal 
ALA N    N N N 1   
ALA CA   C N S 2   
ALA C    C N N 3   
ALA O    O N N 4   
ALA CB   C N N 5   
ALA OXT  O N N 6   
ALA H    H N N 7   
ALA H2   H N N 8   
ALA HA   H N N 9   
ALA HB1  H N N 10  
ALA HB2  H N N 11  
ALA HB3  H N N 12  
ALA HXT  H N N 13  
ARG N    N N N 14  
ARG CA   C N S 15  
ARG C    C N N 16  
ARG O    O N N 17  
ARG CB   C N N 18  
ARG CG   C N N 19  
ARG CD   C N N 20  
ARG NE   N N N 21  
ARG CZ   C N N 22  
ARG NH1  N N N 23  
ARG NH2  N N N 24  
ARG OXT  O N N 25  
ARG H    H N N 26  
ARG H2   H N N 27  
ARG HA   H N N 28  
ARG HB2  H N N 29  
ARG HB3  H N N 30  
ARG HG2  H N N 31  
ARG HG3  H N N 32  
ARG HD2  H N N 33  
ARG HD3  H N N 34  
ARG HE   H N N 35  
ARG HH11 H N N 36  
ARG HH12 H N N 37  
ARG HH21 H N N 38  
ARG HH22 H N N 39  
ARG HXT  H N N 40  
ASN N    N N N 41  
ASN CA   C N S 42  
ASN C    C N N 43  
ASN O    O N N 44  
ASN CB   C N N 45  
ASN CG   C N N 46  
ASN OD1  O N N 47  
ASN ND2  N N N 48  
ASN OXT  O N N 49  
ASN H    H N N 50  
ASN H2   H N N 51  
ASN HA   H N N 52  
ASN HB2  H N N 53  
ASN HB3  H N N 54  
ASN HD21 H N N 55  
ASN HD22 H N N 56  
ASN HXT  H N N 57  
ASP N    N N N 58  
ASP CA   C N S 59  
ASP C    C N N 60  
ASP O    O N N 61  
ASP CB   C N N 62  
ASP CG   C N N 63  
ASP OD1  O N N 64  
ASP OD2  O N N 65  
ASP OXT  O N N 66  
ASP H    H N N 67  
ASP H2   H N N 68  
ASP HA   H N N 69  
ASP HB2  H N N 70  
ASP HB3  H N N 71  
ASP HD2  H N N 72  
ASP HXT  H N N 73  
CME N    N N N 74  
CME CA   C N R 75  
CME CB   C N N 76  
CME SG   S N N 77  
CME SD   S N N 78  
CME CE   C N N 79  
CME CZ   C N N 80  
CME OH   O N N 81  
CME C    C N N 82  
CME O    O N N 83  
CME OXT  O N N 84  
CME H    H N N 85  
CME H2   H N N 86  
CME HA   H N N 87  
CME HB2  H N N 88  
CME HB3  H N N 89  
CME HE2  H N N 90  
CME HE3  H N N 91  
CME HZ2  H N N 92  
CME HZ3  H N N 93  
CME HH   H N N 94  
CME HXT  H N N 95  
CYS N    N N N 96  
CYS CA   C N R 97  
CYS C    C N N 98  
CYS O    O N N 99  
CYS CB   C N N 100 
CYS SG   S N N 101 
CYS OXT  O N N 102 
CYS H    H N N 103 
CYS H2   H N N 104 
CYS HA   H N N 105 
CYS HB2  H N N 106 
CYS HB3  H N N 107 
CYS HG   H N N 108 
CYS HXT  H N N 109 
GLN N    N N N 110 
GLN CA   C N S 111 
GLN C    C N N 112 
GLN O    O N N 113 
GLN CB   C N N 114 
GLN CG   C N N 115 
GLN CD   C N N 116 
GLN OE1  O N N 117 
GLN NE2  N N N 118 
GLN OXT  O N N 119 
GLN H    H N N 120 
GLN H2   H N N 121 
GLN HA   H N N 122 
GLN HB2  H N N 123 
GLN HB3  H N N 124 
GLN HG2  H N N 125 
GLN HG3  H N N 126 
GLN HE21 H N N 127 
GLN HE22 H N N 128 
GLN HXT  H N N 129 
GLU N    N N N 130 
GLU CA   C N S 131 
GLU C    C N N 132 
GLU O    O N N 133 
GLU CB   C N N 134 
GLU CG   C N N 135 
GLU CD   C N N 136 
GLU OE1  O N N 137 
GLU OE2  O N N 138 
GLU OXT  O N N 139 
GLU H    H N N 140 
GLU H2   H N N 141 
GLU HA   H N N 142 
GLU HB2  H N N 143 
GLU HB3  H N N 144 
GLU HG2  H N N 145 
GLU HG3  H N N 146 
GLU HE2  H N N 147 
GLU HXT  H N N 148 
GLY N    N N N 149 
GLY CA   C N N 150 
GLY C    C N N 151 
GLY O    O N N 152 
GLY OXT  O N N 153 
GLY H    H N N 154 
GLY H2   H N N 155 
GLY HA2  H N N 156 
GLY HA3  H N N 157 
GLY HXT  H N N 158 
HIS N    N N N 159 
HIS CA   C N S 160 
HIS C    C N N 161 
HIS O    O N N 162 
HIS CB   C N N 163 
HIS CG   C Y N 164 
HIS ND1  N Y N 165 
HIS CD2  C Y N 166 
HIS CE1  C Y N 167 
HIS NE2  N Y N 168 
HIS OXT  O N N 169 
HIS H    H N N 170 
HIS H2   H N N 171 
HIS HA   H N N 172 
HIS HB2  H N N 173 
HIS HB3  H N N 174 
HIS HD1  H N N 175 
HIS HD2  H N N 176 
HIS HE1  H N N 177 
HIS HE2  H N N 178 
HIS HXT  H N N 179 
HOH O    O N N 180 
HOH H1   H N N 181 
HOH H2   H N N 182 
ILE N    N N N 183 
ILE CA   C N S 184 
ILE C    C N N 185 
ILE O    O N N 186 
ILE CB   C N S 187 
ILE CG1  C N N 188 
ILE CG2  C N N 189 
ILE CD1  C N N 190 
ILE OXT  O N N 191 
ILE H    H N N 192 
ILE H2   H N N 193 
ILE HA   H N N 194 
ILE HB   H N N 195 
ILE HG12 H N N 196 
ILE HG13 H N N 197 
ILE HG21 H N N 198 
ILE HG22 H N N 199 
ILE HG23 H N N 200 
ILE HD11 H N N 201 
ILE HD12 H N N 202 
ILE HD13 H N N 203 
ILE HXT  H N N 204 
LEU N    N N N 205 
LEU CA   C N S 206 
LEU C    C N N 207 
LEU O    O N N 208 
LEU CB   C N N 209 
LEU CG   C N N 210 
LEU CD1  C N N 211 
LEU CD2  C N N 212 
LEU OXT  O N N 213 
LEU H    H N N 214 
LEU H2   H N N 215 
LEU HA   H N N 216 
LEU HB2  H N N 217 
LEU HB3  H N N 218 
LEU HG   H N N 219 
LEU HD11 H N N 220 
LEU HD12 H N N 221 
LEU HD13 H N N 222 
LEU HD21 H N N 223 
LEU HD22 H N N 224 
LEU HD23 H N N 225 
LEU HXT  H N N 226 
LYS N    N N N 227 
LYS CA   C N S 228 
LYS C    C N N 229 
LYS O    O N N 230 
LYS CB   C N N 231 
LYS CG   C N N 232 
LYS CD   C N N 233 
LYS CE   C N N 234 
LYS NZ   N N N 235 
LYS OXT  O N N 236 
LYS H    H N N 237 
LYS H2   H N N 238 
LYS HA   H N N 239 
LYS HB2  H N N 240 
LYS HB3  H N N 241 
LYS HG2  H N N 242 
LYS HG3  H N N 243 
LYS HD2  H N N 244 
LYS HD3  H N N 245 
LYS HE2  H N N 246 
LYS HE3  H N N 247 
LYS HZ1  H N N 248 
LYS HZ2  H N N 249 
LYS HZ3  H N N 250 
LYS HXT  H N N 251 
MET N    N N N 252 
MET CA   C N S 253 
MET C    C N N 254 
MET O    O N N 255 
MET CB   C N N 256 
MET CG   C N N 257 
MET SD   S N N 258 
MET CE   C N N 259 
MET OXT  O N N 260 
MET H    H N N 261 
MET H2   H N N 262 
MET HA   H N N 263 
MET HB2  H N N 264 
MET HB3  H N N 265 
MET HG2  H N N 266 
MET HG3  H N N 267 
MET HE1  H N N 268 
MET HE2  H N N 269 
MET HE3  H N N 270 
MET HXT  H N N 271 
PHE N    N N N 272 
PHE CA   C N S 273 
PHE C    C N N 274 
PHE O    O N N 275 
PHE CB   C N N 276 
PHE CG   C Y N 277 
PHE CD1  C Y N 278 
PHE CD2  C Y N 279 
PHE CE1  C Y N 280 
PHE CE2  C Y N 281 
PHE CZ   C Y N 282 
PHE OXT  O N N 283 
PHE H    H N N 284 
PHE H2   H N N 285 
PHE HA   H N N 286 
PHE HB2  H N N 287 
PHE HB3  H N N 288 
PHE HD1  H N N 289 
PHE HD2  H N N 290 
PHE HE1  H N N 291 
PHE HE2  H N N 292 
PHE HZ   H N N 293 
PHE HXT  H N N 294 
PRO N    N N N 295 
PRO CA   C N S 296 
PRO C    C N N 297 
PRO O    O N N 298 
PRO CB   C N N 299 
PRO CG   C N N 300 
PRO CD   C N N 301 
PRO OXT  O N N 302 
PRO H    H N N 303 
PRO HA   H N N 304 
PRO HB2  H N N 305 
PRO HB3  H N N 306 
PRO HG2  H N N 307 
PRO HG3  H N N 308 
PRO HD2  H N N 309 
PRO HD3  H N N 310 
PRO HXT  H N N 311 
SER N    N N N 312 
SER CA   C N S 313 
SER C    C N N 314 
SER O    O N N 315 
SER CB   C N N 316 
SER OG   O N N 317 
SER OXT  O N N 318 
SER H    H N N 319 
SER H2   H N N 320 
SER HA   H N N 321 
SER HB2  H N N 322 
SER HB3  H N N 323 
SER HG   H N N 324 
SER HXT  H N N 325 
SO4 S    S N N 326 
SO4 O1   O N N 327 
SO4 O2   O N N 328 
SO4 O3   O N N 329 
SO4 O4   O N N 330 
THR N    N N N 331 
THR CA   C N S 332 
THR C    C N N 333 
THR O    O N N 334 
THR CB   C N R 335 
THR OG1  O N N 336 
THR CG2  C N N 337 
THR OXT  O N N 338 
THR H    H N N 339 
THR H2   H N N 340 
THR HA   H N N 341 
THR HB   H N N 342 
THR HG1  H N N 343 
THR HG21 H N N 344 
THR HG22 H N N 345 
THR HG23 H N N 346 
THR HXT  H N N 347 
TRP N    N N N 348 
TRP CA   C N S 349 
TRP C    C N N 350 
TRP O    O N N 351 
TRP CB   C N N 352 
TRP CG   C Y N 353 
TRP CD1  C Y N 354 
TRP CD2  C Y N 355 
TRP NE1  N Y N 356 
TRP CE2  C Y N 357 
TRP CE3  C Y N 358 
TRP CZ2  C Y N 359 
TRP CZ3  C Y N 360 
TRP CH2  C Y N 361 
TRP OXT  O N N 362 
TRP H    H N N 363 
TRP H2   H N N 364 
TRP HA   H N N 365 
TRP HB2  H N N 366 
TRP HB3  H N N 367 
TRP HD1  H N N 368 
TRP HE1  H N N 369 
TRP HE3  H N N 370 
TRP HZ2  H N N 371 
TRP HZ3  H N N 372 
TRP HH2  H N N 373 
TRP HXT  H N N 374 
TYR N    N N N 375 
TYR CA   C N S 376 
TYR C    C N N 377 
TYR O    O N N 378 
TYR CB   C N N 379 
TYR CG   C Y N 380 
TYR CD1  C Y N 381 
TYR CD2  C Y N 382 
TYR CE1  C Y N 383 
TYR CE2  C Y N 384 
TYR CZ   C Y N 385 
TYR OH   O N N 386 
TYR OXT  O N N 387 
TYR H    H N N 388 
TYR H2   H N N 389 
TYR HA   H N N 390 
TYR HB2  H N N 391 
TYR HB3  H N N 392 
TYR HD1  H N N 393 
TYR HD2  H N N 394 
TYR HE1  H N N 395 
TYR HE2  H N N 396 
TYR HH   H N N 397 
TYR HXT  H N N 398 
VAL N    N N N 399 
VAL CA   C N S 400 
VAL C    C N N 401 
VAL O    O N N 402 
VAL CB   C N N 403 
VAL CG1  C N N 404 
VAL CG2  C N N 405 
VAL OXT  O N N 406 
VAL H    H N N 407 
VAL H2   H N N 408 
VAL HA   H N N 409 
VAL HB   H N N 410 
VAL HG11 H N N 411 
VAL HG12 H N N 412 
VAL HG13 H N N 413 
VAL HG21 H N N 414 
VAL HG22 H N N 415 
VAL HG23 H N N 416 
VAL HXT  H N N 417 
# 
loop_
_chem_comp_bond.comp_id 
_chem_comp_bond.atom_id_1 
_chem_comp_bond.atom_id_2 
_chem_comp_bond.value_order 
_chem_comp_bond.pdbx_aromatic_flag 
_chem_comp_bond.pdbx_stereo_config 
_chem_comp_bond.pdbx_ordinal 
ALA N   CA   sing N N 1   
ALA N   H    sing N N 2   
ALA N   H2   sing N N 3   
ALA CA  C    sing N N 4   
ALA CA  CB   sing N N 5   
ALA CA  HA   sing N N 6   
ALA C   O    doub N N 7   
ALA C   OXT  sing N N 8   
ALA CB  HB1  sing N N 9   
ALA CB  HB2  sing N N 10  
ALA CB  HB3  sing N N 11  
ALA OXT HXT  sing N N 12  
ARG N   CA   sing N N 13  
ARG N   H    sing N N 14  
ARG N   H2   sing N N 15  
ARG CA  C    sing N N 16  
ARG CA  CB   sing N N 17  
ARG CA  HA   sing N N 18  
ARG C   O    doub N N 19  
ARG C   OXT  sing N N 20  
ARG CB  CG   sing N N 21  
ARG CB  HB2  sing N N 22  
ARG CB  HB3  sing N N 23  
ARG CG  CD   sing N N 24  
ARG CG  HG2  sing N N 25  
ARG CG  HG3  sing N N 26  
ARG CD  NE   sing N N 27  
ARG CD  HD2  sing N N 28  
ARG CD  HD3  sing N N 29  
ARG NE  CZ   sing N N 30  
ARG NE  HE   sing N N 31  
ARG CZ  NH1  sing N N 32  
ARG CZ  NH2  doub N N 33  
ARG NH1 HH11 sing N N 34  
ARG NH1 HH12 sing N N 35  
ARG NH2 HH21 sing N N 36  
ARG NH2 HH22 sing N N 37  
ARG OXT HXT  sing N N 38  
ASN N   CA   sing N N 39  
ASN N   H    sing N N 40  
ASN N   H2   sing N N 41  
ASN CA  C    sing N N 42  
ASN CA  CB   sing N N 43  
ASN CA  HA   sing N N 44  
ASN C   O    doub N N 45  
ASN C   OXT  sing N N 46  
ASN CB  CG   sing N N 47  
ASN CB  HB2  sing N N 48  
ASN CB  HB3  sing N N 49  
ASN CG  OD1  doub N N 50  
ASN CG  ND2  sing N N 51  
ASN ND2 HD21 sing N N 52  
ASN ND2 HD22 sing N N 53  
ASN OXT HXT  sing N N 54  
ASP N   CA   sing N N 55  
ASP N   H    sing N N 56  
ASP N   H2   sing N N 57  
ASP CA  C    sing N N 58  
ASP CA  CB   sing N N 59  
ASP CA  HA   sing N N 60  
ASP C   O    doub N N 61  
ASP C   OXT  sing N N 62  
ASP CB  CG   sing N N 63  
ASP CB  HB2  sing N N 64  
ASP CB  HB3  sing N N 65  
ASP CG  OD1  doub N N 66  
ASP CG  OD2  sing N N 67  
ASP OD2 HD2  sing N N 68  
ASP OXT HXT  sing N N 69  
CME N   CA   sing N N 70  
CME N   H    sing N N 71  
CME N   H2   sing N N 72  
CME CA  CB   sing N N 73  
CME CA  C    sing N N 74  
CME CA  HA   sing N N 75  
CME CB  SG   sing N N 76  
CME CB  HB2  sing N N 77  
CME CB  HB3  sing N N 78  
CME SG  SD   sing N N 79  
CME SD  CE   sing N N 80  
CME CE  CZ   sing N N 81  
CME CE  HE2  sing N N 82  
CME CE  HE3  sing N N 83  
CME CZ  OH   sing N N 84  
CME CZ  HZ2  sing N N 85  
CME CZ  HZ3  sing N N 86  
CME OH  HH   sing N N 87  
CME C   O    doub N N 88  
CME C   OXT  sing N N 89  
CME OXT HXT  sing N N 90  
CYS N   CA   sing N N 91  
CYS N   H    sing N N 92  
CYS N   H2   sing N N 93  
CYS CA  C    sing N N 94  
CYS CA  CB   sing N N 95  
CYS CA  HA   sing N N 96  
CYS C   O    doub N N 97  
CYS C   OXT  sing N N 98  
CYS CB  SG   sing N N 99  
CYS CB  HB2  sing N N 100 
CYS CB  HB3  sing N N 101 
CYS SG  HG   sing N N 102 
CYS OXT HXT  sing N N 103 
GLN N   CA   sing N N 104 
GLN N   H    sing N N 105 
GLN N   H2   sing N N 106 
GLN CA  C    sing N N 107 
GLN CA  CB   sing N N 108 
GLN CA  HA   sing N N 109 
GLN C   O    doub N N 110 
GLN C   OXT  sing N N 111 
GLN CB  CG   sing N N 112 
GLN CB  HB2  sing N N 113 
GLN CB  HB3  sing N N 114 
GLN CG  CD   sing N N 115 
GLN CG  HG2  sing N N 116 
GLN CG  HG3  sing N N 117 
GLN CD  OE1  doub N N 118 
GLN CD  NE2  sing N N 119 
GLN NE2 HE21 sing N N 120 
GLN NE2 HE22 sing N N 121 
GLN OXT HXT  sing N N 122 
GLU N   CA   sing N N 123 
GLU N   H    sing N N 124 
GLU N   H2   sing N N 125 
GLU CA  C    sing N N 126 
GLU CA  CB   sing N N 127 
GLU CA  HA   sing N N 128 
GLU C   O    doub N N 129 
GLU C   OXT  sing N N 130 
GLU CB  CG   sing N N 131 
GLU CB  HB2  sing N N 132 
GLU CB  HB3  sing N N 133 
GLU CG  CD   sing N N 134 
GLU CG  HG2  sing N N 135 
GLU CG  HG3  sing N N 136 
GLU CD  OE1  doub N N 137 
GLU CD  OE2  sing N N 138 
GLU OE2 HE2  sing N N 139 
GLU OXT HXT  sing N N 140 
GLY N   CA   sing N N 141 
GLY N   H    sing N N 142 
GLY N   H2   sing N N 143 
GLY CA  C    sing N N 144 
GLY CA  HA2  sing N N 145 
GLY CA  HA3  sing N N 146 
GLY C   O    doub N N 147 
GLY C   OXT  sing N N 148 
GLY OXT HXT  sing N N 149 
HIS N   CA   sing N N 150 
HIS N   H    sing N N 151 
HIS N   H2   sing N N 152 
HIS CA  C    sing N N 153 
HIS CA  CB   sing N N 154 
HIS CA  HA   sing N N 155 
HIS C   O    doub N N 156 
HIS C   OXT  sing N N 157 
HIS CB  CG   sing N N 158 
HIS CB  HB2  sing N N 159 
HIS CB  HB3  sing N N 160 
HIS CG  ND1  sing Y N 161 
HIS CG  CD2  doub Y N 162 
HIS ND1 CE1  doub Y N 163 
HIS ND1 HD1  sing N N 164 
HIS CD2 NE2  sing Y N 165 
HIS CD2 HD2  sing N N 166 
HIS CE1 NE2  sing Y N 167 
HIS CE1 HE1  sing N N 168 
HIS NE2 HE2  sing N N 169 
HIS OXT HXT  sing N N 170 
HOH O   H1   sing N N 171 
HOH O   H2   sing N N 172 
ILE N   CA   sing N N 173 
ILE N   H    sing N N 174 
ILE N   H2   sing N N 175 
ILE CA  C    sing N N 176 
ILE CA  CB   sing N N 177 
ILE CA  HA   sing N N 178 
ILE C   O    doub N N 179 
ILE C   OXT  sing N N 180 
ILE CB  CG1  sing N N 181 
ILE CB  CG2  sing N N 182 
ILE CB  HB   sing N N 183 
ILE CG1 CD1  sing N N 184 
ILE CG1 HG12 sing N N 185 
ILE CG1 HG13 sing N N 186 
ILE CG2 HG21 sing N N 187 
ILE CG2 HG22 sing N N 188 
ILE CG2 HG23 sing N N 189 
ILE CD1 HD11 sing N N 190 
ILE CD1 HD12 sing N N 191 
ILE CD1 HD13 sing N N 192 
ILE OXT HXT  sing N N 193 
LEU N   CA   sing N N 194 
LEU N   H    sing N N 195 
LEU N   H2   sing N N 196 
LEU CA  C    sing N N 197 
LEU CA  CB   sing N N 198 
LEU CA  HA   sing N N 199 
LEU C   O    doub N N 200 
LEU C   OXT  sing N N 201 
LEU CB  CG   sing N N 202 
LEU CB  HB2  sing N N 203 
LEU CB  HB3  sing N N 204 
LEU CG  CD1  sing N N 205 
LEU CG  CD2  sing N N 206 
LEU CG  HG   sing N N 207 
LEU CD1 HD11 sing N N 208 
LEU CD1 HD12 sing N N 209 
LEU CD1 HD13 sing N N 210 
LEU CD2 HD21 sing N N 211 
LEU CD2 HD22 sing N N 212 
LEU CD2 HD23 sing N N 213 
LEU OXT HXT  sing N N 214 
LYS N   CA   sing N N 215 
LYS N   H    sing N N 216 
LYS N   H2   sing N N 217 
LYS CA  C    sing N N 218 
LYS CA  CB   sing N N 219 
LYS CA  HA   sing N N 220 
LYS C   O    doub N N 221 
LYS C   OXT  sing N N 222 
LYS CB  CG   sing N N 223 
LYS CB  HB2  sing N N 224 
LYS CB  HB3  sing N N 225 
LYS CG  CD   sing N N 226 
LYS CG  HG2  sing N N 227 
LYS CG  HG3  sing N N 228 
LYS CD  CE   sing N N 229 
LYS CD  HD2  sing N N 230 
LYS CD  HD3  sing N N 231 
LYS CE  NZ   sing N N 232 
LYS CE  HE2  sing N N 233 
LYS CE  HE3  sing N N 234 
LYS NZ  HZ1  sing N N 235 
LYS NZ  HZ2  sing N N 236 
LYS NZ  HZ3  sing N N 237 
LYS OXT HXT  sing N N 238 
MET N   CA   sing N N 239 
MET N   H    sing N N 240 
MET N   H2   sing N N 241 
MET CA  C    sing N N 242 
MET CA  CB   sing N N 243 
MET CA  HA   sing N N 244 
MET C   O    doub N N 245 
MET C   OXT  sing N N 246 
MET CB  CG   sing N N 247 
MET CB  HB2  sing N N 248 
MET CB  HB3  sing N N 249 
MET CG  SD   sing N N 250 
MET CG  HG2  sing N N 251 
MET CG  HG3  sing N N 252 
MET SD  CE   sing N N 253 
MET CE  HE1  sing N N 254 
MET CE  HE2  sing N N 255 
MET CE  HE3  sing N N 256 
MET OXT HXT  sing N N 257 
PHE N   CA   sing N N 258 
PHE N   H    sing N N 259 
PHE N   H2   sing N N 260 
PHE CA  C    sing N N 261 
PHE CA  CB   sing N N 262 
PHE CA  HA   sing N N 263 
PHE C   O    doub N N 264 
PHE C   OXT  sing N N 265 
PHE CB  CG   sing N N 266 
PHE CB  HB2  sing N N 267 
PHE CB  HB3  sing N N 268 
PHE CG  CD1  doub Y N 269 
PHE CG  CD2  sing Y N 270 
PHE CD1 CE1  sing Y N 271 
PHE CD1 HD1  sing N N 272 
PHE CD2 CE2  doub Y N 273 
PHE CD2 HD2  sing N N 274 
PHE CE1 CZ   doub Y N 275 
PHE CE1 HE1  sing N N 276 
PHE CE2 CZ   sing Y N 277 
PHE CE2 HE2  sing N N 278 
PHE CZ  HZ   sing N N 279 
PHE OXT HXT  sing N N 280 
PRO N   CA   sing N N 281 
PRO N   CD   sing N N 282 
PRO N   H    sing N N 283 
PRO CA  C    sing N N 284 
PRO CA  CB   sing N N 285 
PRO CA  HA   sing N N 286 
PRO C   O    doub N N 287 
PRO C   OXT  sing N N 288 
PRO CB  CG   sing N N 289 
PRO CB  HB2  sing N N 290 
PRO CB  HB3  sing N N 291 
PRO CG  CD   sing N N 292 
PRO CG  HG2  sing N N 293 
PRO CG  HG3  sing N N 294 
PRO CD  HD2  sing N N 295 
PRO CD  HD3  sing N N 296 
PRO OXT HXT  sing N N 297 
SER N   CA   sing N N 298 
SER N   H    sing N N 299 
SER N   H2   sing N N 300 
SER CA  C    sing N N 301 
SER CA  CB   sing N N 302 
SER CA  HA   sing N N 303 
SER C   O    doub N N 304 
SER C   OXT  sing N N 305 
SER CB  OG   sing N N 306 
SER CB  HB2  sing N N 307 
SER CB  HB3  sing N N 308 
SER OG  HG   sing N N 309 
SER OXT HXT  sing N N 310 
SO4 S   O1   doub N N 311 
SO4 S   O2   doub N N 312 
SO4 S   O3   sing N N 313 
SO4 S   O4   sing N N 314 
THR N   CA   sing N N 315 
THR N   H    sing N N 316 
THR N   H2   sing N N 317 
THR CA  C    sing N N 318 
THR CA  CB   sing N N 319 
THR CA  HA   sing N N 320 
THR C   O    doub N N 321 
THR C   OXT  sing N N 322 
THR CB  OG1  sing N N 323 
THR CB  CG2  sing N N 324 
THR CB  HB   sing N N 325 
THR OG1 HG1  sing N N 326 
THR CG2 HG21 sing N N 327 
THR CG2 HG22 sing N N 328 
THR CG2 HG23 sing N N 329 
THR OXT HXT  sing N N 330 
TRP N   CA   sing N N 331 
TRP N   H    sing N N 332 
TRP N   H2   sing N N 333 
TRP CA  C    sing N N 334 
TRP CA  CB   sing N N 335 
TRP CA  HA   sing N N 336 
TRP C   O    doub N N 337 
TRP C   OXT  sing N N 338 
TRP CB  CG   sing N N 339 
TRP CB  HB2  sing N N 340 
TRP CB  HB3  sing N N 341 
TRP CG  CD1  doub Y N 342 
TRP CG  CD2  sing Y N 343 
TRP CD1 NE1  sing Y N 344 
TRP CD1 HD1  sing N N 345 
TRP CD2 CE2  doub Y N 346 
TRP CD2 CE3  sing Y N 347 
TRP NE1 CE2  sing Y N 348 
TRP NE1 HE1  sing N N 349 
TRP CE2 CZ2  sing Y N 350 
TRP CE3 CZ3  doub Y N 351 
TRP CE3 HE3  sing N N 352 
TRP CZ2 CH2  doub Y N 353 
TRP CZ2 HZ2  sing N N 354 
TRP CZ3 CH2  sing Y N 355 
TRP CZ3 HZ3  sing N N 356 
TRP CH2 HH2  sing N N 357 
TRP OXT HXT  sing N N 358 
TYR N   CA   sing N N 359 
TYR N   H    sing N N 360 
TYR N   H2   sing N N 361 
TYR CA  C    sing N N 362 
TYR CA  CB   sing N N 363 
TYR CA  HA   sing N N 364 
TYR C   O    doub N N 365 
TYR C   OXT  sing N N 366 
TYR CB  CG   sing N N 367 
TYR CB  HB2  sing N N 368 
TYR CB  HB3  sing N N 369 
TYR CG  CD1  doub Y N 370 
TYR CG  CD2  sing Y N 371 
TYR CD1 CE1  sing Y N 372 
TYR CD1 HD1  sing N N 373 
TYR CD2 CE2  doub Y N 374 
TYR CD2 HD2  sing N N 375 
TYR CE1 CZ   doub Y N 376 
TYR CE1 HE1  sing N N 377 
TYR CE2 CZ   sing Y N 378 
TYR CE2 HE2  sing N N 379 
TYR CZ  OH   sing N N 380 
TYR OH  HH   sing N N 381 
TYR OXT HXT  sing N N 382 
VAL N   CA   sing N N 383 
VAL N   H    sing N N 384 
VAL N   H2   sing N N 385 
VAL CA  C    sing N N 386 
VAL CA  CB   sing N N 387 
VAL CA  HA   sing N N 388 
VAL C   O    doub N N 389 
VAL C   OXT  sing N N 390 
VAL CB  CG1  sing N N 391 
VAL CB  CG2  sing N N 392 
VAL CB  HB   sing N N 393 
VAL CG1 HG11 sing N N 394 
VAL CG1 HG12 sing N N 395 
VAL CG1 HG13 sing N N 396 
VAL CG2 HG21 sing N N 397 
VAL CG2 HG22 sing N N 398 
VAL CG2 HG23 sing N N 399 
VAL OXT HXT  sing N N 400 
# 
_pdbx_audit_support.funding_organization   'Department of Biotechnology (DBT, India)' 
_pdbx_audit_support.country                India 
_pdbx_audit_support.grant_number           BT/PR5891/BRB/10/1098/2012 
_pdbx_audit_support.ordinal                1 
# 
_pdbx_initial_refinement_model.id               1 
_pdbx_initial_refinement_model.entity_id_list   ? 
_pdbx_initial_refinement_model.type             'experimental model' 
_pdbx_initial_refinement_model.source_name      PDB 
_pdbx_initial_refinement_model.accession_code   4G1H 
_pdbx_initial_refinement_model.details          ? 
# 
_atom_sites.entry_id                    7CG9 
_atom_sites.Cartn_transf_matrix[1][1]   ? 
_atom_sites.Cartn_transf_matrix[1][2]   ? 
_atom_sites.Cartn_transf_matrix[1][3]   ? 
_atom_sites.Cartn_transf_matrix[2][1]   ? 
_atom_sites.Cartn_transf_matrix[2][2]   ? 
_atom_sites.Cartn_transf_matrix[2][3]   ? 
_atom_sites.Cartn_transf_matrix[3][1]   ? 
_atom_sites.Cartn_transf_matrix[3][2]   ? 
_atom_sites.Cartn_transf_matrix[3][3]   ? 
_atom_sites.Cartn_transf_vector[1]      ? 
_atom_sites.Cartn_transf_vector[2]      ? 
_atom_sites.Cartn_transf_vector[3]      ? 
_atom_sites.fract_transf_matrix[1][1]   -0.00624025 
_atom_sites.fract_transf_matrix[1][2]   -0.01140718 
_atom_sites.fract_transf_matrix[1][3]   -0.01923447 
_atom_sites.fract_transf_matrix[2][1]   -0.01871288 
_atom_sites.fract_transf_matrix[2][2]   -0.00827000 
_atom_sites.fract_transf_matrix[2][3]   0.01097562 
_atom_sites.fract_transf_matrix[3][1]   -0.00237318 
_atom_sites.fract_transf_matrix[3][2]   0.00357662 
_atom_sites.fract_transf_matrix[3][3]   -0.00135122 
_atom_sites.fract_transf_vector[1]      -0.004663 
_atom_sites.fract_transf_vector[2]      -0.225064 
_atom_sites.fract_transf_vector[3]      -0.057325 
_atom_sites.solution_primary            ? 
_atom_sites.solution_secondary          ? 
_atom_sites.solution_hydrogens          ? 
_atom_sites.special_details             ? 
# 
loop_
_atom_type.symbol 
C 
N 
O 
S 
# 
loop_
_atom_site.group_PDB 
_atom_site.id 
_atom_site.type_symbol 
_atom_site.label_atom_id 
_atom_site.label_alt_id 
_atom_site.label_comp_id 
_atom_site.label_asym_id 
_atom_site.label_entity_id 
_atom_site.label_seq_id 
_atom_site.pdbx_PDB_ins_code 
_atom_site.Cartn_x 
_atom_site.Cartn_y 
_atom_site.Cartn_z 
_atom_site.occupancy 
_atom_site.B_iso_or_equiv 
_atom_site.pdbx_formal_charge 
_atom_site.auth_seq_id 
_atom_site.auth_comp_id 
_atom_site.auth_asym_id 
_atom_site.auth_atom_id 
_atom_site.pdbx_PDB_model_num 
ATOM   1    N N   . GLN A 1 44  ? -17.758 -12.045 8.942   1.00 113.72 ? 57  GLN A N   1 
ATOM   2    C CA  . GLN A 1 44  ? -18.340 -13.148 8.106   1.00 111.47 ? 57  GLN A CA  1 
ATOM   3    C C   . GLN A 1 44  ? -19.068 -12.511 6.911   1.00 118.05 ? 57  GLN A C   1 
ATOM   4    O O   . GLN A 1 44  ? -18.440 -12.408 5.835   1.00 121.49 ? 57  GLN A O   1 
ATOM   5    C CB  . GLN A 1 44  ? -19.225 -14.059 8.966   1.00 108.99 ? 57  GLN A CB  1 
ATOM   6    C CG  . GLN A 1 44  ? -19.041 -15.550 8.701   1.00 108.22 ? 57  GLN A CG  1 
ATOM   7    C CD  . GLN A 1 44  ? -19.875 -16.087 7.562   1.00 107.53 ? 57  GLN A CD  1 
ATOM   8    O OE1 . GLN A 1 44  ? -20.869 -15.493 7.153   1.00 112.50 ? 57  GLN A OE1 1 
ATOM   9    N NE2 . GLN A 1 44  ? -19.478 -17.236 7.046   1.00 102.30 ? 57  GLN A NE2 1 
ATOM   10   N N   . MET A 1 45  ? -20.315 -12.060 7.097   1.00 119.55 ? 58  MET A N   1 
ATOM   11   C CA  . MET A 1 45  ? -21.145 -11.421 6.039   1.00 116.96 ? 58  MET A CA  1 
ATOM   12   C C   . MET A 1 45  ? -20.766 -9.935  5.896   1.00 110.79 ? 58  MET A C   1 
ATOM   13   O O   . MET A 1 45  ? -21.139 -9.340  4.863   1.00 110.19 ? 58  MET A O   1 
ATOM   14   C CB  . MET A 1 45  ? -22.638 -11.552 6.361   1.00 113.67 ? 58  MET A CB  1 
ATOM   15   N N   . VAL A 1 46  ? -20.065 -9.358  6.887   1.00 105.36 ? 59  VAL A N   1 
ATOM   16   C CA  . VAL A 1 46  ? -19.492 -7.972  6.840   1.00 99.49  ? 59  VAL A CA  1 
ATOM   17   C C   . VAL A 1 46  ? -18.175 -7.991  6.047   1.00 100.40 ? 59  VAL A C   1 
ATOM   18   O O   . VAL A 1 46  ? -17.954 -7.065  5.233   1.00 97.49  ? 59  VAL A O   1 
ATOM   19   C CB  . VAL A 1 46  ? -19.278 -7.352  8.241   1.00 93.49  ? 59  VAL A CB  1 
ATOM   20   C CG1 . VAL A 1 46  ? -20.593 -7.051  8.936   1.00 94.18  ? 59  VAL A CG1 1 
ATOM   21   C CG2 . VAL A 1 46  ? -18.381 -8.196  9.139   1.00 95.74  ? 59  VAL A CG2 1 
ATOM   22   N N   . LEU A 1 47  ? -17.318 -8.988  6.293   1.00 104.73 ? 60  LEU A N   1 
ATOM   23   C CA  . LEU A 1 47  ? -16.038 -9.185  5.557   1.00 100.75 ? 60  LEU A CA  1 
ATOM   24   C C   . LEU A 1 47  ? -16.359 -9.720  4.155   1.00 97.38  ? 60  LEU A C   1 
ATOM   25   O O   . LEU A 1 47  ? -15.509 -9.574  3.269   1.00 92.01  ? 60  LEU A O   1 
ATOM   26   C CB  . LEU A 1 47  ? -15.137 -10.140 6.347   1.00 94.49  ? 60  LEU A CB  1 
ATOM   27   N N   . ARG A 1 48  ? -17.556 -10.292 3.971   1.00 93.68  ? 61  ARG A N   1 
ATOM   28   C CA  . ARG A 1 48  ? -18.122 -10.667 2.647   1.00 93.44  ? 61  ARG A CA  1 
ATOM   29   C C   . ARG A 1 48  ? -18.514 -9.390  1.889   1.00 87.08  ? 61  ARG A C   1 
ATOM   30   O O   . ARG A 1 48  ? -17.857 -9.094  0.873   1.00 83.49  ? 61  ARG A O   1 
ATOM   31   C CB  . ARG A 1 48  ? -19.326 -11.602 2.817   1.00 91.26  ? 61  ARG A CB  1 
ATOM   32   N N   . ARG A 1 49  ? -19.533 -8.668  2.376   1.00 87.90  ? 62  ARG A N   1 
ATOM   33   C CA  . ARG A 1 49  ? -20.121 -7.456  1.732   1.00 91.51  ? 62  ARG A CA  1 
ATOM   34   C C   . ARG A 1 49  ? -19.024 -6.421  1.437   1.00 92.46  ? 62  ARG A C   1 
ATOM   35   O O   . ARG A 1 49  ? -19.051 -5.841  0.336   1.00 98.03  ? 62  ARG A O   1 
ATOM   36   C CB  . ARG A 1 49  ? -21.213 -6.846  2.618   1.00 88.30  ? 62  ARG A CB  1 
ATOM   37   N N   . GLU A 1 50  ? -18.104 -6.194  2.380   1.00 86.02  ? 63  GLU A N   1 
ATOM   38   C CA  . GLU A 1 50  ? -17.014 -5.193  2.251   1.00 82.29  ? 63  GLU A CA  1 
ATOM   39   C C   . GLU A 1 50  ? -16.123 -5.599  1.078   1.00 78.00  ? 63  GLU A C   1 
ATOM   40   O O   . GLU A 1 50  ? -15.842 -4.739  0.219   1.00 78.45  ? 63  GLU A O   1 
ATOM   41   C CB  . GLU A 1 50  ? -16.191 -5.106  3.540   1.00 83.68  ? 63  GLU A CB  1 
ATOM   42   N N   . TYR A 1 51  ? -15.704 -6.869  1.067   1.00 72.47  ? 64  TYR A N   1 
ATOM   43   C CA  . TYR A 1 51  ? -14.739 -7.453  0.104   1.00 69.24  ? 64  TYR A CA  1 
ATOM   44   C C   . TYR A 1 51  ? -15.295 -7.329  -1.321  1.00 70.09  ? 64  TYR A C   1 
ATOM   45   O O   . TYR A 1 51  ? -14.515 -6.975  -2.225  1.00 63.68  ? 64  TYR A O   1 
ATOM   46   C CB  . TYR A 1 51  ? -14.424 -8.907  0.469   1.00 67.33  ? 64  TYR A CB  1 
ATOM   47   C CG  . TYR A 1 51  ? -13.412 -9.576  -0.427  1.00 68.42  ? 64  TYR A CG  1 
ATOM   48   C CD1 . TYR A 1 51  ? -12.051 -9.445  -0.196  1.00 66.38  ? 64  TYR A CD1 1 
ATOM   49   C CD2 . TYR A 1 51  ? -13.811 -10.332 -1.517  1.00 70.37  ? 64  TYR A CD2 1 
ATOM   50   C CE1 . TYR A 1 51  ? -11.117 -10.039 -1.027  1.00 66.72  ? 64  TYR A CE1 1 
ATOM   51   C CE2 . TYR A 1 51  ? -12.890 -10.932 -2.357  1.00 70.26  ? 64  TYR A CE2 1 
ATOM   52   C CZ  . TYR A 1 51  ? -11.539 -10.791 -2.108  1.00 68.12  ? 64  TYR A CZ  1 
ATOM   53   O OH  . TYR A 1 51  ? -10.629 -11.384 -2.929  1.00 74.07  ? 64  TYR A OH  1 
ATOM   54   N N   . ASN A 1 52  ? -16.584 -7.628  -1.518  1.00 75.12  ? 65  ASN A N   1 
ATOM   55   C CA  . ASN A 1 52  ? -17.219 -7.683  -2.865  1.00 77.13  ? 65  ASN A CA  1 
ATOM   56   C C   . ASN A 1 52  ? -17.410 -6.256  -3.406  1.00 76.64  ? 65  ASN A C   1 
ATOM   57   O O   . ASN A 1 52  ? -17.432 -6.093  -4.636  1.00 81.04  ? 65  ASN A O   1 
ATOM   58   C CB  . ASN A 1 52  ? -18.521 -8.486  -2.849  1.00 80.81  ? 65  ASN A CB  1 
ATOM   59   C CG  . ASN A 1 52  ? -18.305 -9.969  -2.630  1.00 82.66  ? 65  ASN A CG  1 
ATOM   60   O OD1 . ASN A 1 52  ? -17.354 -10.556 -3.141  1.00 78.51  ? 65  ASN A OD1 1 
ATOM   61   N ND2 . ASN A 1 52  ? -19.206 -10.594 -1.891  1.00 92.48  ? 65  ASN A ND2 1 
ATOM   62   N N   . ASP A 1 53  ? -17.526 -5.261  -2.526  1.00 76.09  ? 66  ASP A N   1 
ATOM   63   C CA  . ASP A 1 53  ? -17.552 -3.825  -2.908  1.00 76.70  ? 66  ASP A CA  1 
ATOM   64   C C   . ASP A 1 53  ? -16.159 -3.405  -3.388  1.00 69.01  ? 66  ASP A C   1 
ATOM   65   O O   . ASP A 1 53  ? -16.068 -2.569  -4.300  1.00 73.66  ? 66  ASP A O   1 
ATOM   66   C CB  . ASP A 1 53  ? -17.971 -2.934  -1.740  1.00 79.10  ? 66  ASP A CB  1 
ATOM   67   C CG  . ASP A 1 53  ? -19.285 -3.333  -1.108  1.00 81.85  ? 66  ASP A CG  1 
ATOM   68   O OD1 . ASP A 1 53  ? -20.081 -4.002  -1.791  1.00 86.79  ? 66  ASP A OD1 1 
ATOM   69   O OD2 . ASP A 1 53  ? -19.491 -2.977  0.067   1.00 90.83  ? 66  ASP A OD2 1 
ATOM   70   N N   . TYR A 1 54  ? -15.113 -3.939  -2.772  1.00 64.63  ? 67  TYR A N   1 
ATOM   71   C CA  . TYR A 1 54  ? -13.709 -3.658  -3.161  1.00 65.98  ? 67  TYR A CA  1 
ATOM   72   C C   . TYR A 1 54  ? -13.480 -4.219  -4.569  1.00 61.61  ? 67  TYR A C   1 
ATOM   73   O O   . TYR A 1 54  ? -12.941 -3.500  -5.414  1.00 59.88  ? 67  TYR A O   1 
ATOM   74   C CB  . TYR A 1 54  ? -12.720 -4.224  -2.138  1.00 61.36  ? 67  TYR A CB  1 
ATOM   75   C CG  . TYR A 1 54  ? -12.817 -3.648  -0.747  1.00 65.13  ? 67  TYR A CG  1 
ATOM   76   C CD1 . TYR A 1 54  ? -13.219 -2.340  -0.522  1.00 62.98  ? 67  TYR A CD1 1 
ATOM   77   C CD2 . TYR A 1 54  ? -12.458 -4.412  0.355   1.00 67.76  ? 67  TYR A CD2 1 
ATOM   78   C CE1 . TYR A 1 54  ? -13.299 -1.818  0.759   1.00 65.76  ? 67  TYR A CE1 1 
ATOM   79   C CE2 . TYR A 1 54  ? -12.524 -3.902  1.643   1.00 69.36  ? 67  TYR A CE2 1 
ATOM   80   C CZ  . TYR A 1 54  ? -12.952 -2.603  1.844   1.00 69.13  ? 67  TYR A CZ  1 
ATOM   81   O OH  . TYR A 1 54  ? -13.014 -2.101  3.110   1.00 80.63  ? 67  TYR A OH  1 
ATOM   82   N N   . GLN A 1 55  ? -13.910 -5.459  -4.799  1.00 61.48  ? 68  GLN A N   1 
ATOM   83   C CA  . GLN A 1 55  ? -13.741 -6.191  -6.078  1.00 67.01  ? 68  GLN A CA  1 
ATOM   84   C C   . GLN A 1 55  ? -14.478 -5.448  -7.195  1.00 68.17  ? 68  GLN A C   1 
ATOM   85   O O   . GLN A 1 55  ? -13.894 -5.313  -8.285  1.00 67.66  ? 68  GLN A O   1 
ATOM   86   C CB  . GLN A 1 55  ? -14.246 -7.623  -5.925  1.00 71.58  ? 68  GLN A CB  1 
ATOM   87   C CG  . GLN A 1 55  ? -13.334 -8.487  -5.070  1.00 74.61  ? 68  GLN A CG  1 
ATOM   88   C CD  . GLN A 1 55  ? -12.703 -9.603  -5.862  1.00 81.27  ? 68  GLN A CD  1 
ATOM   89   O OE1 . GLN A 1 55  ? -13.376 -10.552 -6.260  1.00 85.72  ? 68  GLN A OE1 1 
ATOM   90   N NE2 . GLN A 1 55  ? -11.402 -9.500  -6.086  1.00 81.75  ? 68  GLN A NE2 1 
ATOM   91   N N   . GLN A 1 56  ? -15.697 -4.973  -6.917  1.00 68.67  ? 69  GLN A N   1 
ATOM   92   C CA  . GLN A 1 56  ? -16.555 -4.244  -7.888  1.00 73.18  ? 69  GLN A CA  1 
ATOM   93   C C   . GLN A 1 56  ? -15.883 -2.910  -8.244  1.00 69.18  ? 69  GLN A C   1 
ATOM   94   O O   . GLN A 1 56  ? -15.852 -2.576  -9.436  1.00 69.77  ? 69  GLN A O   1 
ATOM   95   C CB  . GLN A 1 56  ? -17.976 -4.120  -7.329  1.00 81.54  ? 69  GLN A CB  1 
ATOM   96   C CG  . GLN A 1 56  ? -18.743 -5.439  -7.392  1.00 93.15  ? 69  GLN A CG  1 
ATOM   97   C CD  . GLN A 1 56  ? -19.938 -5.517  -6.469  1.00 103.75 ? 69  GLN A CD  1 
ATOM   98   O OE1 . GLN A 1 56  ? -20.923 -4.797  -6.627  1.00 108.91 ? 69  GLN A OE1 1 
ATOM   99   N NE2 . GLN A 1 56  ? -19.872 -6.428  -5.509  1.00 107.43 ? 69  GLN A NE2 1 
ATOM   100  N N   . LYS A 1 57  ? -15.331 -2.195  -7.262  1.00 66.40  ? 70  LYS A N   1 
ATOM   101  C CA  . LYS A 1 57  ? -14.586 -0.927  -7.486  1.00 68.18  ? 70  LYS A CA  1 
ATOM   102  C C   . LYS A 1 57  ? -13.317 -1.208  -8.303  1.00 63.42  ? 70  LYS A C   1 
ATOM   103  O O   . LYS A 1 57  ? -12.997 -0.384  -9.178  1.00 59.87  ? 70  LYS A O   1 
ATOM   104  C CB  . LYS A 1 57  ? -14.256 -0.245  -6.153  1.00 74.48  ? 70  LYS A CB  1 
ATOM   105  C CG  . LYS A 1 57  ? -15.444 0.426   -5.474  1.00 80.44  ? 70  LYS A CG  1 
ATOM   106  C CD  . LYS A 1 57  ? -15.214 0.738   -4.005  1.00 86.01  ? 70  LYS A CD  1 
ATOM   107  C CE  . LYS A 1 57  ? -16.479 1.139   -3.269  1.00 91.63  ? 70  LYS A CE  1 
ATOM   108  N NZ  . LYS A 1 57  ? -16.205 1.473   -1.850  1.00 91.06  ? 70  LYS A NZ  1 
ATOM   109  N N   . ASN A 1 58  ? -12.635 -2.325  -8.035  1.00 55.05  ? 71  ASN A N   1 
ATOM   110  C CA  . ASN A 1 58  ? -11.428 -2.762  -8.790  1.00 58.69  ? 71  ASN A CA  1 
ATOM   111  C C   . ASN A 1 58  ? -11.794 -3.015  -10.263 1.00 63.20  ? 71  ASN A C   1 
ATOM   112  O O   . ASN A 1 58  ? -10.962 -2.673  -11.139 1.00 57.73  ? 71  ASN A O   1 
ATOM   113  C CB  . ASN A 1 58  ? -10.767 -4.004  -8.181  1.00 53.61  ? 71  ASN A CB  1 
ATOM   114  C CG  . ASN A 1 58  ? -9.904  -3.701  -6.974  1.00 52.84  ? 71  ASN A CG  1 
ATOM   115  O OD1 . ASN A 1 58  ? -9.674  -2.546  -6.624  1.00 50.79  ? 71  ASN A OD1 1 
ATOM   116  N ND2 . ASN A 1 58  ? -9.384  -4.740  -6.347  1.00 50.40  ? 71  ASN A ND2 1 
ATOM   117  N N   . LYS A 1 59  ? -12.970 -3.602  -10.520 1.00 63.42  ? 72  LYS A N   1 
ATOM   118  C CA  . LYS A 1 59  ? -13.466 -3.934  -11.886 1.00 68.15  ? 72  LYS A CA  1 
ATOM   119  C C   . LYS A 1 59  ? -13.749 -2.638  -12.648 1.00 69.11  ? 72  LYS A C   1 
ATOM   120  O O   . LYS A 1 59  ? -13.413 -2.589  -13.834 1.00 70.58  ? 72  LYS A O   1 
ATOM   121  C CB  . LYS A 1 59  ? -14.738 -4.777  -11.820 1.00 71.53  ? 72  LYS A CB  1 
ATOM   122  C CG  . LYS A 1 59  ? -14.552 -6.214  -11.355 1.00 73.49  ? 72  LYS A CG  1 
ATOM   123  C CD  . LYS A 1 59  ? -15.864 -6.859  -10.934 1.00 78.82  ? 72  LYS A CD  1 
ATOM   124  C CE  . LYS A 1 59  ? -15.980 -8.310  -11.338 1.00 81.57  ? 72  LYS A CE  1 
ATOM   125  N NZ  . LYS A 1 59  ? -14.855 -9.114  -10.811 1.00 80.21  ? 72  LYS A NZ  1 
ATOM   126  N N   . GLN A 1 60  ? -14.357 -1.652  -11.979 1.00 71.79  ? 73  GLN A N   1 
ATOM   127  C CA  . GLN A 1 60  ? -14.605 -0.279  -12.508 1.00 75.66  ? 73  GLN A CA  1 
ATOM   128  C C   . GLN A 1 60  ? -13.263 0.385   -12.849 1.00 70.87  ? 73  GLN A C   1 
ATOM   129  O O   . GLN A 1 60  ? -13.101 0.861   -13.988 1.00 71.22  ? 73  GLN A O   1 
ATOM   130  C CB  . GLN A 1 60  ? -15.378 0.574   -11.497 1.00 78.62  ? 73  GLN A CB  1 
ATOM   131  C CG  . GLN A 1 60  ? -16.882 0.331   -11.502 1.00 85.81  ? 73  GLN A CG  1 
ATOM   132  C CD  . GLN A 1 60  ? -17.518 0.494   -10.140 1.00 92.37  ? 73  GLN A CD  1 
ATOM   133  O OE1 . GLN A 1 60  ? -18.389 -0.284  -9.753  1.00 100.51 ? 73  GLN A OE1 1 
ATOM   134  N NE2 . GLN A 1 60  ? -17.083 1.501   -9.394  1.00 84.46  ? 73  GLN A NE2 1 
ATOM   135  N N   . LEU A 1 61  ? -12.327 0.394   -11.905 1.00 61.75  ? 74  LEU A N   1 
ATOM   136  C CA  . LEU A 1 61  ? -10.983 1.000   -12.093 1.00 60.66  ? 74  LEU A CA  1 
ATOM   137  C C   . LEU A 1 61  ? -10.297 0.369   -13.313 1.00 60.69  ? 74  LEU A C   1 
ATOM   138  O O   . LEU A 1 61  ? -9.782  1.132   -14.150 1.00 64.88  ? 74  LEU A O   1 
ATOM   139  C CB  . LEU A 1 61  ? -10.158 0.781   -10.824 1.00 59.42  ? 74  LEU A CB  1 
ATOM   140  C CG  . LEU A 1 61  ? -8.843  1.551   -10.766 1.00 62.49  ? 74  LEU A CG  1 
ATOM   141  C CD1 . LEU A 1 61  ? -9.097  3.052   -10.739 1.00 62.52  ? 74  LEU A CD1 1 
ATOM   142  C CD2 . LEU A 1 61  ? -8.041  1.131   -9.547  1.00 57.61  ? 74  LEU A CD2 1 
ATOM   143  N N   . ALA A 1 62  ? -10.331 -0.964  -13.427 1.00 58.02  ? 75  ALA A N   1 
ATOM   144  C CA  . ALA A 1 62  ? -9.732  -1.752  -14.534 1.00 61.88  ? 75  ALA A CA  1 
ATOM   145  C C   . ALA A 1 62  ? -10.425 -1.435  -15.864 1.00 68.68  ? 75  ALA A C   1 
ATOM   146  O O   . ALA A 1 62  ? -9.787  -1.644  -16.912 1.00 74.88  ? 75  ALA A O   1 
ATOM   147  C CB  . ALA A 1 62  ? -9.814  -3.226  -14.239 1.00 62.37  ? 75  ALA A CB  1 
ATOM   148  N N   . ALA A 1 63  ? -11.676 -0.970  -15.837 1.00 71.76  ? 76  ALA A N   1 
ATOM   149  C CA  . ALA A 1 63  ? -12.472 -0.675  -17.052 1.00 80.10  ? 76  ALA A CA  1 
ATOM   150  C C   . ALA A 1 63  ? -12.310 0.800   -17.438 1.00 80.91  ? 76  ALA A C   1 
ATOM   151  O O   . ALA A 1 63  ? -12.906 1.194   -18.433 1.00 88.99  ? 76  ALA A O   1 
ATOM   152  C CB  . ALA A 1 63  ? -13.920 -1.052  -16.837 1.00 79.49  ? 76  ALA A CB  1 
ATOM   153  N N   . SER A 1 64  ? -11.499 1.572   -16.706 1.00 84.21  ? 77  SER A N   1 
ATOM   154  C CA  . SER A 1 64  ? -11.363 3.043   -16.875 1.00 88.57  ? 77  SER A CA  1 
ATOM   155  C C   . SER A 1 64  ? -9.907  3.416   -17.183 1.00 82.26  ? 77  SER A C   1 
ATOM   156  O O   . SER A 1 64  ? -9.033  2.583   -16.976 1.00 77.10  ? 77  SER A O   1 
ATOM   157  C CB  . SER A 1 64  ? -11.872 3.774   -15.652 1.00 87.09  ? 77  SER A CB  1 
ATOM   158  O OG  . SER A 1 64  ? -10.808 4.141   -14.792 1.00 85.91  ? 77  SER A OG  1 
ATOM   159  N N   . GLN A 1 65  ? -9.685  4.637   -17.678 1.00 88.65  ? 78  GLN A N   1 
ATOM   160  C CA  . GLN A 1 65  ? -8.344  5.257   -17.846 1.00 84.04  ? 78  GLN A CA  1 
ATOM   161  C C   . GLN A 1 65  ? -7.924  5.854   -16.500 1.00 80.80  ? 78  GLN A C   1 
ATOM   162  O O   . GLN A 1 65  ? -8.292  7.009   -16.233 1.00 83.94  ? 78  GLN A O   1 
ATOM   163  C CB  . GLN A 1 65  ? -8.375  6.340   -18.925 1.00 87.02  ? 78  GLN A CB  1 
ATOM   164  N N   . GLN A 1 66  ? -7.192  5.087   -15.692 1.00 66.08  ? 79  GLN A N   1 
ATOM   165  C CA  . GLN A 1 66  ? -6.697  5.481   -14.343 1.00 67.60  ? 79  GLN A CA  1 
ATOM   166  C C   . GLN A 1 66  ? -5.572  6.518   -14.473 1.00 64.19  ? 79  GLN A C   1 
ATOM   167  O O   . GLN A 1 66  ? -4.698  6.340   -15.326 1.00 72.81  ? 79  GLN A O   1 
ATOM   168  C CB  . GLN A 1 66  ? -6.186  4.245   -13.586 1.00 58.33  ? 79  GLN A CB  1 
ATOM   169  N N   . VAL A 1 67  ? -5.590  7.571   -13.659 1.00 60.43  ? 80  VAL A N   1 
ATOM   170  C CA  . VAL A 1 67  ? -4.391  8.414   -13.381 1.00 62.07  ? 80  VAL A CA  1 
ATOM   171  C C   . VAL A 1 67  ? -4.119  8.278   -11.889 1.00 55.70  ? 80  VAL A C   1 
ATOM   172  O O   . VAL A 1 67  ? -4.784  8.925   -11.080 1.00 53.90  ? 80  VAL A O   1 
ATOM   173  C CB  . VAL A 1 67  ? -4.538  9.895   -13.771 1.00 69.28  ? 80  VAL A CB  1 
ATOM   174  C CG1 . VAL A 1 67  ? -3.246  10.652  -13.478 1.00 66.72  ? 80  VAL A CG1 1 
ATOM   175  C CG2 . VAL A 1 67  ? -4.969  10.084  -15.221 1.00 73.57  ? 80  VAL A CG2 1 
ATOM   176  N N   . PRO A 1 68  ? -3.177  7.395   -11.499 1.00 50.21  ? 81  PRO A N   1 
ATOM   177  C CA  . PRO A 1 68  ? -2.878  7.152   -10.088 1.00 49.83  ? 81  PRO A CA  1 
ATOM   178  C C   . PRO A 1 68  ? -2.646  8.472   -9.337  1.00 46.77  ? 81  PRO A C   1 
ATOM   179  O O   . PRO A 1 68  ? -1.919  9.303   -9.816  1.00 48.34  ? 81  PRO A O   1 
ATOM   180  C CB  . PRO A 1 68  ? -1.608  6.293   -10.140 1.00 48.55  ? 81  PRO A CB  1 
ATOM   181  C CG  . PRO A 1 68  ? -1.702  5.578   -11.476 1.00 50.03  ? 81  PRO A CG  1 
ATOM   182  C CD  . PRO A 1 68  ? -2.381  6.557   -12.405 1.00 50.46  ? 81  PRO A CD  1 
ATOM   183  N N   . GLY A 1 69  ? -3.274  8.631   -8.180  1.00 47.28  ? 82  GLY A N   1 
ATOM   184  C CA  . GLY A 1 69  ? -3.187  9.861   -7.367  1.00 52.57  ? 82  GLY A CA  1 
ATOM   185  C C   . GLY A 1 69  ? -1.860  10.033  -6.641  1.00 49.23  ? 82  GLY A C   1 
ATOM   186  O O   . GLY A 1 69  ? -1.909  10.150  -5.410  1.00 54.24  ? 82  GLY A O   1 
ATOM   187  N N   . VAL A 1 70  ? -0.729  10.139  -7.361  1.00 48.23  ? 83  VAL A N   1 
ATOM   188  C CA  . VAL A 1 70  ? 0.614   10.436  -6.761  1.00 49.75  ? 83  VAL A CA  1 
ATOM   189  C C   . VAL A 1 70  ? 0.607   11.835  -6.135  1.00 43.67  ? 83  VAL A C   1 
ATOM   190  O O   . VAL A 1 70  ? 1.332   12.032  -5.158  1.00 41.97  ? 83  VAL A O   1 
ATOM   191  C CB  . VAL A 1 70  ? 1.779   10.325  -7.772  1.00 51.75  ? 83  VAL A CB  1 
ATOM   192  C CG1 . VAL A 1 70  ? 2.052   8.881   -8.154  1.00 55.24  ? 83  VAL A CG1 1 
ATOM   193  C CG2 . VAL A 1 70  ? 1.567   11.177  -9.019  1.00 51.22  ? 83  VAL A CG2 1 
ATOM   194  N N   . ALA A 1 71  ? -0.168  12.767  -6.689  1.00 42.93  ? 84  ALA A N   1 
ATOM   195  C CA  . ALA A 1 71  ? -0.192  14.189  -6.272  1.00 41.84  ? 84  ALA A CA  1 
ATOM   196  C C   . ALA A 1 71  ? -0.555  14.311  -4.785  1.00 42.20  ? 84  ALA A C   1 
ATOM   197  O O   . ALA A 1 71  ? 0.029   15.145  -4.094  1.00 43.26  ? 84  ALA A O   1 
ATOM   198  C CB  . ALA A 1 71  ? -1.132  14.957  -7.145  1.00 42.16  ? 84  ALA A CB  1 
ATOM   199  N N   A SER A 1 72  ? -1.474  13.483  -4.283  0.46 39.80  ? 85  SER A N   1 
ATOM   200  N N   B SER A 1 72  ? -1.482  13.480  -4.311  0.54 40.80  ? 85  SER A N   1 
ATOM   201  C CA  A SER A 1 72  ? -1.931  13.548  -2.873  0.46 40.03  ? 85  SER A CA  1 
ATOM   202  C CA  B SER A 1 72  ? -1.949  13.491  -2.907  0.54 41.69  ? 85  SER A CA  1 
ATOM   203  C C   A SER A 1 72  ? -0.850  12.937  -1.969  0.46 40.02  ? 85  SER A C   1 
ATOM   204  C C   B SER A 1 72  ? -0.825  12.960  -2.011  0.54 41.38  ? 85  SER A C   1 
ATOM   205  O O   A SER A 1 72  ? -0.560  13.541  -0.913  0.46 40.42  ? 85  SER A O   1 
ATOM   206  O O   B SER A 1 72  ? -0.504  13.629  -1.002  0.54 42.32  ? 85  SER A O   1 
ATOM   207  C CB  A SER A 1 72  ? -3.298  12.919  -2.683  0.46 38.40  ? 85  SER A CB  1 
ATOM   208  C CB  B SER A 1 72  ? -3.224  12.712  -2.746  0.54 40.81  ? 85  SER A CB  1 
ATOM   209  O OG  A SER A 1 72  ? -3.203  11.529  -2.423  0.46 38.05  ? 85  SER A OG  1 
ATOM   210  O OG  B SER A 1 72  ? -3.613  12.715  -1.386  0.54 43.20  ? 85  SER A OG  1 
ATOM   211  N N   . PHE A 1 73  ? -0.230  11.821  -2.377  1.00 39.70  ? 86  PHE A N   1 
ATOM   212  C CA  . PHE A 1 73  ? 0.904   11.242  -1.629  1.00 35.15  ? 86  PHE A CA  1 
ATOM   213  C C   . PHE A 1 73  ? 2.065   12.243  -1.609  1.00 34.46  ? 86  PHE A C   1 
ATOM   214  O O   . PHE A 1 73  ? 2.609   12.515  -0.503  1.00 35.78  ? 86  PHE A O   1 
ATOM   215  C CB  . PHE A 1 73  ? 1.334   9.883   -2.166  1.00 35.20  ? 86  PHE A CB  1 
ATOM   216  C CG  . PHE A 1 73  ? 2.468   9.298   -1.373  1.00 34.04  ? 86  PHE A CG  1 
ATOM   217  C CD1 . PHE A 1 73  ? 2.241   8.751   -0.120  1.00 36.33  ? 86  PHE A CD1 1 
ATOM   218  C CD2 . PHE A 1 73  ? 3.771   9.316   -1.863  1.00 35.34  ? 86  PHE A CD2 1 
ATOM   219  C CE1 . PHE A 1 73  ? 3.285   8.206   0.616   1.00 36.30  ? 86  PHE A CE1 1 
ATOM   220  C CE2 . PHE A 1 73  ? 4.812   8.753   -1.135  1.00 35.68  ? 86  PHE A CE2 1 
ATOM   221  C CZ  . PHE A 1 73  ? 4.576   8.225   0.117   1.00 39.17  ? 86  PHE A CZ  1 
ATOM   222  N N   . ASN A 1 74  ? 2.412   12.797  -2.769  1.00 34.59  ? 87  ASN A N   1 
ATOM   223  C CA  . ASN A 1 74  ? 3.528   13.778  -2.907  1.00 36.85  ? 87  ASN A CA  1 
ATOM   224  C C   . ASN A 1 74  ? 3.262   14.989  -1.995  1.00 38.97  ? 87  ASN A C   1 
ATOM   225  O O   . ASN A 1 74  ? 4.206   15.464  -1.344  1.00 39.11  ? 87  ASN A O   1 
ATOM   226  C CB  . ASN A 1 74  ? 3.764   14.145  -4.368  1.00 37.42  ? 87  ASN A CB  1 
ATOM   227  C CG  . ASN A 1 74  ? 4.290   12.972  -5.172  1.00 36.63  ? 87  ASN A CG  1 
ATOM   228  O OD1 . ASN A 1 74  ? 4.892   12.070  -4.618  1.00 38.29  ? 87  ASN A OD1 1 
ATOM   229  N ND2 . ASN A 1 74  ? 4.070   12.972  -6.475  1.00 40.37  ? 87  ASN A ND2 1 
ATOM   230  N N   . HIS A 1 75  ? 2.021   15.480  -1.924  1.00 36.32  ? 88  HIS A N   1 
ATOM   231  C CA  . HIS A 1 75  ? 1.692   16.651  -1.079  1.00 35.43  ? 88  HIS A CA  1 
ATOM   232  C C   . HIS A 1 75  ? 1.915   16.314  0.414   1.00 34.78  ? 88  HIS A C   1 
ATOM   233  O O   . HIS A 1 75  ? 2.505   17.168  1.139   1.00 35.18  ? 88  HIS A O   1 
ATOM   234  C CB  . HIS A 1 75  ? 0.283   17.136  -1.394  1.00 34.59  ? 88  HIS A CB  1 
ATOM   235  C CG  . HIS A 1 75  ? 0.097   18.511  -0.889  1.00 35.91  ? 88  HIS A CG  1 
ATOM   236  N ND1 . HIS A 1 75  ? -0.651  18.789  0.235   1.00 37.57  ? 88  HIS A ND1 1 
ATOM   237  C CD2 . HIS A 1 75  ? 0.671   19.667  -1.271  1.00 37.01  ? 88  HIS A CD2 1 
ATOM   238  C CE1 . HIS A 1 75  ? -0.606  20.083  0.453   1.00 38.67  ? 88  HIS A CE1 1 
ATOM   239  N NE2 . HIS A 1 75  ? 0.205   20.635  -0.444  1.00 36.35  ? 88  HIS A NE2 1 
ATOM   240  N N   . ALA A 1 76  ? 1.521   15.110  0.850   1.00 36.55  ? 89  ALA A N   1 
ATOM   241  C CA  . ALA A 1 76  ? 1.791   14.554  2.203   1.00 37.12  ? 89  ALA A CA  1 
ATOM   242  C C   . ALA A 1 76  ? 3.302   14.449  2.491   1.00 34.67  ? 89  ALA A C   1 
ATOM   243  O O   . ALA A 1 76  ? 3.715   14.781  3.614   1.00 34.73  ? 89  ALA A O   1 
ATOM   244  C CB  . ALA A 1 76  ? 1.141   13.217  2.375   1.00 35.80  ? 89  ALA A CB  1 
ATOM   245  N N   . VAL A 1 77  ? 4.109   14.010  1.537   1.00 36.90  ? 90  VAL A N   1 
ATOM   246  C CA  . VAL A 1 77  ? 5.601   13.926  1.705   1.00 38.85  ? 90  VAL A CA  1 
ATOM   247  C C   . VAL A 1 77  ? 6.138   15.344  1.943   1.00 37.92  ? 90  VAL A C   1 
ATOM   248  O O   . VAL A 1 77  ? 6.828   15.567  2.945   1.00 38.40  ? 90  VAL A O   1 
ATOM   249  C CB  . VAL A 1 77  ? 6.261   13.228  0.503   1.00 39.82  ? 90  VAL A CB  1 
ATOM   250  C CG1 . VAL A 1 77  ? 7.778   13.373  0.497   1.00 42.90  ? 90  VAL A CG1 1 
ATOM   251  C CG2 . VAL A 1 77  ? 5.855   11.757  0.445   1.00 39.05  ? 90  VAL A CG2 1 
ATOM   252  N N   . ASN A 1 78  ? 5.748   16.304  1.107   1.00 40.55  ? 91  ASN A N   1 
ATOM   253  C CA  . ASN A 1 78  ? 6.162   17.720  1.254   1.00 39.85  ? 91  ASN A CA  1 
ATOM   254  C C   . ASN A 1 78  ? 5.677   18.296  2.588   1.00 39.22  ? 91  ASN A C   1 
ATOM   255  O O   . ASN A 1 78  ? 6.469   18.995  3.222   1.00 37.82  ? 91  ASN A O   1 
ATOM   256  C CB  . ASN A 1 78  ? 5.711   18.571  0.064   1.00 46.67  ? 91  ASN A CB  1 
ATOM   257  C CG  . ASN A 1 78  ? 6.440   18.198  -1.208  1.00 51.66  ? 91  ASN A CG  1 
ATOM   258  O OD1 . ASN A 1 78  ? 7.209   17.248  -1.224  1.00 54.49  ? 91  ASN A OD1 1 
ATOM   259  N ND2 . ASN A 1 78  ? 6.191   18.920  -2.281  1.00 60.03  ? 91  ASN A ND2 1 
ATOM   260  N N   . ASP A 1 79  ? 4.415   18.073  2.979   1.00 38.46  ? 92  ASP A N   1 
ATOM   261  C CA  . ASP A 1 79  ? 3.857   18.610  4.246   1.00 38.81  ? 92  ASP A CA  1 
ATOM   262  C C   . ASP A 1 79  ? 4.595   17.940  5.421   1.00 36.35  ? 92  ASP A C   1 
ATOM   263  O O   . ASP A 1 79  ? 4.823   18.641  6.413   1.00 38.89  ? 92  ASP A O   1 
ATOM   264  C CB  . ASP A 1 79  ? 2.330   18.446  4.356   1.00 36.18  ? 92  ASP A CB  1 
ATOM   265  C CG  . ASP A 1 79  ? 1.492   19.428  3.534   1.00 42.33  ? 92  ASP A CG  1 
ATOM   266  O OD1 . ASP A 1 79  ? 2.038   20.441  3.053   1.00 43.56  ? 92  ASP A OD1 1 
ATOM   267  O OD2 . ASP A 1 79  ? 0.275   19.165  3.362   1.00 50.65  ? 92  ASP A OD2 1 
ATOM   268  N N   . GLN A 1 80  ? 4.930   16.653  5.325   1.00 38.07  ? 93  GLN A N   1 
ATOM   269  C CA  . GLN A 1 80  ? 5.667   15.912  6.388   1.00 41.48  ? 93  GLN A CA  1 
ATOM   270  C C   . GLN A 1 80  ? 7.066   16.530  6.566   1.00 44.55  ? 93  GLN A C   1 
ATOM   271  O O   . GLN A 1 80  ? 7.440   16.734  7.711   1.00 46.06  ? 93  GLN A O   1 
ATOM   272  C CB  . GLN A 1 80  ? 5.765   14.416  6.109   1.00 43.60  ? 93  GLN A CB  1 
ATOM   273  C CG  . GLN A 1 80  ? 6.399   13.615  7.254   1.00 41.65  ? 93  GLN A CG  1 
ATOM   274  C CD  . GLN A 1 80  ? 5.583   13.676  8.520   1.00 44.00  ? 93  GLN A CD  1 
ATOM   275  O OE1 . GLN A 1 80  ? 4.362   13.882  8.510   1.00 38.37  ? 93  GLN A OE1 1 
ATOM   276  N NE2 . GLN A 1 80  ? 6.263   13.508  9.633   1.00 45.48  ? 93  GLN A NE2 1 
ATOM   277  N N   . GLY A 1 81  ? 7.774   16.864  5.481   1.00 44.02  ? 94  GLY A N   1 
ATOM   278  C CA  . GLY A 1 81  ? 9.133   17.440  5.538   1.00 44.02  ? 94  GLY A CA  1 
ATOM   279  C C   . GLY A 1 81  ? 9.197   18.694  6.396   1.00 48.81  ? 94  GLY A C   1 
ATOM   280  O O   . GLY A 1 81  ? 10.199  18.856  7.110   1.00 51.31  ? 94  GLY A O   1 
ATOM   281  N N   . THR A 1 82  ? 8.165   19.551  6.346   1.00 47.64  ? 95  THR A N   1 
ATOM   282  C CA  . THR A 1 82  ? 8.103   20.846  7.068   1.00 47.11  ? 95  THR A CA  1 
ATOM   283  C C   . THR A 1 82  ? 7.234   20.763  8.334   1.00 43.63  ? 95  THR A C   1 
ATOM   284  O O   . THR A 1 82  ? 7.196   21.760  9.060   1.00 46.08  ? 95  THR A O   1 
ATOM   285  C CB  . THR A 1 82  ? 7.648   21.968  6.116   1.00 54.22  ? 95  THR A CB  1 
ATOM   286  O OG1 . THR A 1 82  ? 6.427   21.599  5.474   1.00 48.09  ? 95  THR A OG1 1 
ATOM   287  C CG2 . THR A 1 82  ? 8.680   22.291  5.051   1.00 55.33  ? 95  THR A CG2 1 
ATOM   288  N N   . ALA A 1 83  ? 6.568   19.644  8.630   1.00 44.22  ? 96  ALA A N   1 
ATOM   289  C CA  . ALA A 1 83  ? 5.630   19.529  9.787   1.00 47.41  ? 96  ALA A CA  1 
ATOM   290  C C   . ALA A 1 83  ? 6.356   19.737  11.134  1.00 52.76  ? 96  ALA A C   1 
ATOM   291  O O   . ALA A 1 83  ? 7.493   19.254  11.298  1.00 53.85  ? 96  ALA A O   1 
ATOM   292  C CB  . ALA A 1 83  ? 4.918   18.201  9.747   1.00 46.44  ? 96  ALA A CB  1 
ATOM   293  N N   . LYS A 1 84  ? 5.726   20.451  12.074  1.00 54.27  ? 97  LYS A N   1 
ATOM   294  C CA  . LYS A 1 84  ? 6.284   20.740  13.425  1.00 58.28  ? 97  LYS A CA  1 
ATOM   295  C C   . LYS A 1 84  ? 5.450   20.049  14.519  1.00 64.59  ? 97  LYS A C   1 
ATOM   296  O O   . LYS A 1 84  ? 5.924   20.034  15.682  1.00 73.33  ? 97  LYS A O   1 
ATOM   297  C CB  . LYS A 1 84  ? 6.355   22.256  13.656  1.00 55.84  ? 97  LYS A CB  1 
ATOM   298  N N   . THR A 1 85  ? 4.278   19.484  14.192  1.00 57.17  ? 98  THR A N   1 
ATOM   299  C CA  . THR A 1 85  ? 3.309   18.937  15.185  1.00 57.86  ? 98  THR A CA  1 
ATOM   300  C C   . THR A 1 85  ? 3.004   17.473  14.871  1.00 53.15  ? 98  THR A C   1 
ATOM   301  O O   . THR A 1 85  ? 2.981   17.115  13.684  1.00 65.11  ? 98  THR A O   1 
ATOM   302  C CB  . THR A 1 85  ? 2.022   19.778  15.245  1.00 59.31  ? 98  THR A CB  1 
ATOM   303  O OG1 . THR A 1 85  ? 1.316   19.664  14.010  1.00 66.42  ? 98  THR A OG1 1 
ATOM   304  C CG2 . THR A 1 85  ? 2.291   21.238  15.522  1.00 61.71  ? 98  THR A CG2 1 
ATOM   305  N N   . ALA A 1 86  ? 2.741   16.665  15.896  1.00 54.36  ? 99  ALA A N   1 
ATOM   306  C CA  . ALA A 1 86  ? 2.340   15.240  15.765  1.00 54.41  ? 99  ALA A CA  1 
ATOM   307  C C   . ALA A 1 86  ? 0.822   15.168  15.577  1.00 45.65  ? 99  ALA A C   1 
ATOM   308  O O   . ALA A 1 86  ? 0.137   16.105  15.982  1.00 49.30  ? 99  ALA A O   1 
ATOM   309  C CB  . ALA A 1 86  ? 2.761   14.470  17.000  1.00 57.74  ? 99  ALA A CB  1 
ATOM   310  N N   . ALA A 1 87  ? 0.320   14.059  15.067  1.00 46.46  ? 100 ALA A N   1 
ATOM   311  C CA  . ALA A 1 87  ? -1.123  13.812  14.845  1.00 49.54  ? 100 ALA A CA  1 
ATOM   312  C C   . ALA A 1 87  ? -1.768  13.309  16.140  1.00 48.20  ? 100 ALA A C   1 
ATOM   313  O O   . ALA A 1 87  ? -1.100  12.599  16.900  1.00 46.09  ? 100 ALA A O   1 
ATOM   314  C CB  . ALA A 1 87  ? -1.300  12.817  13.723  1.00 45.82  ? 100 ALA A CB  1 
ATOM   315  N N   . LYS A 1 88  ? -3.020  13.692  16.377  1.00 46.52  ? 101 LYS A N   1 
ATOM   316  C CA  . LYS A 1 88  ? -3.916  13.110  17.408  1.00 50.24  ? 101 LYS A CA  1 
ATOM   317  C C   . LYS A 1 88  ? -4.575  11.868  16.798  1.00 48.90  ? 101 LYS A C   1 
ATOM   318  O O   . LYS A 1 88  ? -5.036  11.975  15.645  1.00 46.96  ? 101 LYS A O   1 
ATOM   319  C CB  . LYS A 1 88  ? -4.961  14.147  17.828  1.00 54.63  ? 101 LYS A CB  1 
ATOM   320  C CG  . LYS A 1 88  ? -5.980  13.678  18.860  1.00 63.57  ? 101 LYS A CG  1 
ATOM   321  C CD  . LYS A 1 88  ? -5.403  13.344  20.216  1.00 70.28  ? 101 LYS A CD  1 
ATOM   322  C CE  . LYS A 1 88  ? -6.449  12.889  21.217  1.00 74.44  ? 101 LYS A CE  1 
ATOM   323  N NZ  . LYS A 1 88  ? -6.591  11.411  21.224  1.00 73.94  ? 101 LYS A NZ  1 
ATOM   324  N N   . ARG A 1 89  ? -4.579  10.739  17.515  1.00 47.25  ? 102 ARG A N   1 
ATOM   325  C CA  . ARG A 1 89  ? -5.332  9.506   17.160  1.00 48.58  ? 102 ARG A CA  1 
ATOM   326  C C   . ARG A 1 89  ? -6.840  9.732   17.323  1.00 48.18  ? 102 ARG A C   1 
ATOM   327  O O   . ARG A 1 89  ? -7.249  10.330  18.329  1.00 45.80  ? 102 ARG A O   1 
ATOM   328  C CB  . ARG A 1 89  ? -4.934  8.333   18.060  1.00 57.49  ? 102 ARG A CB  1 
ATOM   329  C CG  . ARG A 1 89  ? -5.598  7.009   17.692  1.00 61.84  ? 102 ARG A CG  1 
ATOM   330  C CD  . ARG A 1 89  ? -5.183  5.874   18.608  1.00 66.18  ? 102 ARG A CD  1 
ATOM   331  N NE  . ARG A 1 89  ? -3.733  5.857   18.755  1.00 71.14  ? 102 ARG A NE  1 
ATOM   332  C CZ  . ARG A 1 89  ? -2.871  5.263   17.932  1.00 69.42  ? 102 ARG A CZ  1 
ATOM   333  N NH1 . ARG A 1 89  ? -3.285  4.581   16.876  1.00 71.07  ? 102 ARG A NH1 1 
ATOM   334  N NH2 . ARG A 1 89  ? -1.576  5.350   18.181  1.00 77.06  ? 102 ARG A NH2 1 
ATOM   335  N N   . ASN A 1 90  ? -7.627  9.261   16.356  1.00 46.31  ? 103 ASN A N   1 
ATOM   336  C CA  . ASN A 1 90  ? -9.096  9.028   16.480  1.00 45.54  ? 103 ASN A CA  1 
ATOM   337  C C   . ASN A 1 90  ? -9.339  7.597   15.998  1.00 46.46  ? 103 ASN A C   1 
ATOM   338  O O   . ASN A 1 90  ? -9.255  7.338   14.770  1.00 41.21  ? 103 ASN A O   1 
ATOM   339  C CB  . ASN A 1 90  ? -9.906  10.066  15.695  1.00 45.63  ? 103 ASN A CB  1 
ATOM   340  C CG  . ASN A 1 90  ? -11.399 9.849   15.799  1.00 46.70  ? 103 ASN A CG  1 
ATOM   341  O OD1 . ASN A 1 90  ? -11.865 8.709   15.814  1.00 45.43  ? 103 ASN A OD1 1 
ATOM   342  N ND2 . ASN A 1 90  ? -12.149 10.937  15.877  1.00 45.84  ? 103 ASN A ND2 1 
ATOM   343  N N   . GLN A 1 91  ? -9.520  6.677   16.935  1.00 46.38  ? 104 GLN A N   1 
ATOM   344  C CA  . GLN A 1 91  ? -9.446  5.228   16.645  1.00 44.50  ? 104 GLN A CA  1 
ATOM   345  C C   . GLN A 1 91  ? -10.683 4.817   15.841  1.00 43.63  ? 104 GLN A C   1 
ATOM   346  O O   . GLN A 1 91  ? -10.557 3.917   14.983  1.00 47.76  ? 104 GLN A O   1 
ATOM   347  C CB  . GLN A 1 91  ? -9.298  4.417   17.937  1.00 47.74  ? 104 GLN A CB  1 
ATOM   348  C CG  . GLN A 1 91  ? -9.009  2.937   17.676  1.00 48.55  ? 104 GLN A CG  1 
ATOM   349  C CD  . GLN A 1 91  ? -7.825  2.743   16.767  1.00 48.56  ? 104 GLN A CD  1 
ATOM   350  O OE1 . GLN A 1 91  ? -6.727  3.210   17.051  1.00 59.68  ? 104 GLN A OE1 1 
ATOM   351  N NE2 . GLN A 1 91  ? -8.041  2.103   15.629  1.00 51.43  ? 104 GLN A NE2 1 
ATOM   352  N N   . GLN A 1 92  ? -11.829 5.437   16.108  1.00 46.82  ? 105 GLN A N   1 
ATOM   353  C CA  . GLN A 1 92  ? -13.105 5.134   15.411  1.00 52.34  ? 105 GLN A CA  1 
ATOM   354  C C   . GLN A 1 92  ? -12.894 5.401   13.916  1.00 49.37  ? 105 GLN A C   1 
ATOM   355  O O   . GLN A 1 92  ? -13.200 4.512   13.095  1.00 47.10  ? 105 GLN A O   1 
ATOM   356  C CB  . GLN A 1 92  ? -14.253 5.954   15.999  1.00 59.63  ? 105 GLN A CB  1 
ATOM   357  C CG  . GLN A 1 92  ? -15.620 5.578   15.443  1.00 65.19  ? 105 GLN A CG  1 
ATOM   358  C CD  . GLN A 1 92  ? -16.724 6.449   15.996  1.00 75.44  ? 105 GLN A CD  1 
ATOM   359  O OE1 . GLN A 1 92  ? -17.550 5.988   16.780  1.00 82.08  ? 105 GLN A OE1 1 
ATOM   360  N NE2 . GLN A 1 92  ? -16.748 7.713   15.595  1.00 67.98  ? 105 GLN A NE2 1 
ATOM   361  N N   . ILE A 1 93  ? -12.309 6.550   13.586  1.00 46.55  ? 106 ILE A N   1 
ATOM   362  C CA  . ILE A 1 93  ? -12.055 6.941   12.174  1.00 47.04  ? 106 ILE A CA  1 
ATOM   363  C C   . ILE A 1 93  ? -11.010 6.000   11.576  1.00 44.48  ? 106 ILE A C   1 
ATOM   364  O O   . ILE A 1 93  ? -11.216 5.575   10.425  1.00 42.74  ? 106 ILE A O   1 
ATOM   365  C CB  . ILE A 1 93  ? -11.629 8.411   12.049  1.00 48.01  ? 106 ILE A CB  1 
ATOM   366  C CG1 . ILE A 1 93  ? -12.685 9.384   12.585  1.00 55.53  ? 106 ILE A CG1 1 
ATOM   367  C CG2 . ILE A 1 93  ? -11.257 8.711   10.605  1.00 48.57  ? 106 ILE A CG2 1 
ATOM   368  C CD1 . ILE A 1 93  ? -14.056 9.258   11.955  1.00 60.41  ? 106 ILE A CD1 1 
ATOM   369  N N   . LEU A 1 94  ? -9.908  5.724   12.285  1.00 42.56  ? 107 LEU A N   1 
ATOM   370  C CA  . LEU A 1 94  ? -8.846  4.824   11.758  1.00 42.01  ? 107 LEU A CA  1 
ATOM   371  C C   . LEU A 1 94  ? -9.442  3.435   11.452  1.00 42.48  ? 107 LEU A C   1 
ATOM   372  O O   . LEU A 1 94  ? -9.190  2.918   10.343  1.00 37.76  ? 107 LEU A O   1 
ATOM   373  C CB  . LEU A 1 94  ? -7.682  4.729   12.752  1.00 44.38  ? 107 LEU A CB  1 
ATOM   374  C CG  . LEU A 1 94  ? -6.864  6.004   12.961  1.00 44.98  ? 107 LEU A CG  1 
ATOM   375  C CD1 . LEU A 1 94  ? -5.825  5.781   14.050  1.00 48.96  ? 107 LEU A CD1 1 
ATOM   376  C CD2 . LEU A 1 94  ? -6.181  6.459   11.677  1.00 42.34  ? 107 LEU A CD2 1 
ATOM   377  N N   . THR A 1 95  ? -10.220 2.845   12.370  1.00 44.74  ? 108 THR A N   1 
ATOM   378  C CA  . THR A 1 95  ? -10.855 1.514   12.150  1.00 47.33  ? 108 THR A CA  1 
ATOM   379  C C   . THR A 1 95  ? -11.785 1.589   10.926  1.00 48.31  ? 108 THR A C   1 
ATOM   380  O O   . THR A 1 95  ? -11.639 0.742   10.018  1.00 42.26  ? 108 THR A O   1 
ATOM   381  C CB  . THR A 1 95  ? -11.549 1.015   13.422  1.00 52.00  ? 108 THR A CB  1 
ATOM   382  O OG1 . THR A 1 95  ? -10.583 1.045   14.471  1.00 48.92  ? 108 THR A OG1 1 
ATOM   383  C CG2 . THR A 1 95  ? -12.091 -0.386  13.278  1.00 55.23  ? 108 THR A CG2 1 
ATOM   384  N N   . ARG A 1 96  ? -12.665 2.593   10.853  1.00 47.63  ? 109 ARG A N   1 
ATOM   385  C CA  . ARG A 1 96  ? -13.595 2.767   9.705   1.00 52.12  ? 109 ARG A CA  1 
ATOM   386  C C   . ARG A 1 96  ? -12.807 2.871   8.386   1.00 47.80  ? 109 ARG A C   1 
ATOM   387  O O   . ARG A 1 96  ? -13.350 2.430   7.374   1.00 50.98  ? 109 ARG A O   1 
ATOM   388  C CB  . ARG A 1 96  ? -14.493 3.997   9.878   1.00 59.90  ? 109 ARG A CB  1 
ATOM   389  C CG  . ARG A 1 96  ? -15.713 3.809   10.770  1.00 74.37  ? 109 ARG A CG  1 
ATOM   390  C CD  . ARG A 1 96  ? -16.440 5.145   10.935  1.00 80.65  ? 109 ARG A CD  1 
ATOM   391  N NE  . ARG A 1 96  ? -17.525 5.194   11.915  1.00 92.31  ? 109 ARG A NE  1 
ATOM   392  C CZ  . ARG A 1 96  ? -18.070 6.320   12.401  1.00 94.42  ? 109 ARG A CZ  1 
ATOM   393  N NH1 . ARG A 1 96  ? -17.622 7.506   12.022  1.00 96.93  ? 109 ARG A NH1 1 
ATOM   394  N NH2 . ARG A 1 96  ? -19.058 6.258   13.278  1.00 95.62  ? 109 ARG A NH2 1 
ATOM   395  N N   . GLN A 1 97  ? -11.586 3.429   8.380   1.00 42.84  ? 110 GLN A N   1 
ATOM   396  C CA  . GLN A 1 97  ? -10.792 3.680   7.146   1.00 43.80  ? 110 GLN A CA  1 
ATOM   397  C C   . GLN A 1 97  ? -9.945  2.455   6.786   1.00 42.64  ? 110 GLN A C   1 
ATOM   398  O O   . GLN A 1 97  ? -9.338  2.463   5.666   1.00 38.33  ? 110 GLN A O   1 
ATOM   399  C CB  . GLN A 1 97  ? -9.850  4.885   7.311   1.00 46.42  ? 110 GLN A CB  1 
ATOM   400  C CG  . GLN A 1 97  ? -10.547 6.244   7.386   1.00 57.70  ? 110 GLN A CG  1 
ATOM   401  C CD  . GLN A 1 97  ? -11.703 6.343   6.425   1.00 63.36  ? 110 GLN A CD  1 
ATOM   402  O OE1 . GLN A 1 97  ? -11.535 6.227   5.212   1.00 68.81  ? 110 GLN A OE1 1 
ATOM   403  N NE2 . GLN A 1 97  ? -12.895 6.520   6.972   1.00 75.61  ? 110 GLN A NE2 1 
ATOM   404  N N   . THR A 1 98  ? -9.843  1.469   7.688   1.00 39.13  ? 111 THR A N   1 
ATOM   405  C CA  . THR A 1 98  ? -8.896  0.320   7.549   1.00 37.89  ? 111 THR A CA  1 
ATOM   406  C C   . THR A 1 98  ? -9.501  -0.695  6.582   1.00 38.12  ? 111 THR A C   1 
ATOM   407  O O   . THR A 1 98  ? -10.591 -1.222  6.880   1.00 40.14  ? 111 THR A O   1 
ATOM   408  C CB  . THR A 1 98  ? -8.573  -0.344  8.898   1.00 40.78  ? 111 THR A CB  1 
ATOM   409  O OG1 . THR A 1 98  ? -7.921  0.632   9.711   1.00 39.48  ? 111 THR A OG1 1 
ATOM   410  C CG2 . THR A 1 98  ? -7.672  -1.559  8.758   1.00 39.05  ? 111 THR A CG2 1 
ATOM   411  N N   . VAL A 1 99  ? -8.859  -0.951  5.446   1.00 38.11  ? 112 VAL A N   1 
ATOM   412  C CA  . VAL A 1 99  ? -9.406  -1.941  4.465   1.00 40.87  ? 112 VAL A CA  1 
ATOM   413  C C   . VAL A 1 99  ? -8.636  -3.270  4.576   1.00 39.46  ? 112 VAL A C   1 
ATOM   414  O O   . VAL A 1 99  ? -9.147  -4.291  4.088   1.00 41.49  ? 112 VAL A O   1 
ATOM   415  C CB  . VAL A 1 99  ? -9.396  -1.379  3.030   1.00 42.41  ? 112 VAL A CB  1 
ATOM   416  C CG1 . VAL A 1 99  ? -10.161 -0.068  2.929   1.00 46.85  ? 112 VAL A CG1 1 
ATOM   417  C CG2 . VAL A 1 99  ? -8.005  -1.201  2.477   1.00 40.77  ? 112 VAL A CG2 1 
ATOM   418  N N   . ALA A 1 100 ? -7.433  -3.269  5.145   1.00 36.43  ? 113 ALA A N   1 
ATOM   419  C CA  . ALA A 1 100 ? -6.574  -4.476  5.174   1.00 35.51  ? 113 ALA A CA  1 
ATOM   420  C C   . ALA A 1 100 ? -5.468  -4.327  6.213   1.00 35.00  ? 113 ALA A C   1 
ATOM   421  O O   . ALA A 1 100 ? -5.222  -3.205  6.700   1.00 35.15  ? 113 ALA A O   1 
ATOM   422  C CB  . ALA A 1 100 ? -5.997  -4.717  3.793   1.00 37.28  ? 113 ALA A CB  1 
ATOM   423  N N   . GLN A 1 101 ? -4.797  -5.438  6.510   1.00 37.28  ? 114 GLN A N   1 
ATOM   424  C CA  . GLN A 1 101 ? -3.555  -5.464  7.315   1.00 35.20  ? 114 GLN A CA  1 
ATOM   425  C C   . GLN A 1 101 ? -2.452  -5.964  6.386   1.00 36.14  ? 114 GLN A C   1 
ATOM   426  O O   . GLN A 1 101 ? -2.655  -6.997  5.734   1.00 36.20  ? 114 GLN A O   1 
ATOM   427  C CB  . GLN A 1 101 ? -3.735  -6.348  8.556   1.00 37.85  ? 114 GLN A CB  1 
ATOM   428  C CG  . GLN A 1 101 ? -2.624  -6.210  9.597   1.00 41.32  ? 114 GLN A CG  1 
ATOM   429  C CD  . GLN A 1 101 ? -2.731  -4.943  10.419  1.00 46.12  ? 114 GLN A CD  1 
ATOM   430  O OE1 . GLN A 1 101 ? -3.685  -4.177  10.297  1.00 47.62  ? 114 GLN A OE1 1 
ATOM   431  N NE2 . GLN A 1 101 ? -1.747  -4.709  11.279  1.00 47.09  ? 114 GLN A NE2 1 
ATOM   432  N N   . LEU A 1 102 ? -1.353  -5.220  6.306   1.00 33.30  ? 115 LEU A N   1 
ATOM   433  C CA  . LEU A 1 102 ? -0.133  -5.637  5.587   1.00 31.53  ? 115 LEU A CA  1 
ATOM   434  C C   . LEU A 1 102 ? 0.835   -6.242  6.612   1.00 33.36  ? 115 LEU A C   1 
ATOM   435  O O   . LEU A 1 102 ? 1.117   -5.569  7.633   1.00 32.07  ? 115 LEU A O   1 
ATOM   436  C CB  . LEU A 1 102 ? 0.453   -4.413  4.887   1.00 32.44  ? 115 LEU A CB  1 
ATOM   437  C CG  . LEU A 1 102 ? 1.837   -4.603  4.283   1.00 35.71  ? 115 LEU A CG  1 
ATOM   438  C CD1 . LEU A 1 102 ? 1.796   -5.557  3.101   1.00 36.26  ? 115 LEU A CD1 1 
ATOM   439  C CD2 . LEU A 1 102 ? 2.405   -3.253  3.883   1.00 38.08  ? 115 LEU A CD2 1 
ATOM   440  N N   . THR A 1 103 ? 1.301   -7.469  6.364   1.00 35.96  ? 116 THR A N   1 
ATOM   441  C CA  . THR A 1 103 ? 2.345   -8.145  7.188   1.00 39.67  ? 116 THR A CA  1 
ATOM   442  C C   . THR A 1 103 ? 3.565   -8.502  6.318   1.00 35.74  ? 116 THR A C   1 
ATOM   443  O O   . THR A 1 103 ? 3.396   -9.109  5.229   1.00 35.51  ? 116 THR A O   1 
ATOM   444  C CB  . THR A 1 103 ? 1.760   -9.375  7.888   1.00 42.59  ? 116 THR A CB  1 
ATOM   445  O OG1 . THR A 1 103 ? 0.641   -8.877  8.617   1.00 52.48  ? 116 THR A OG1 1 
ATOM   446  C CG2 . THR A 1 103 ? 2.729   -10.045 8.830   1.00 50.70  ? 116 THR A CG2 1 
ATOM   447  N N   . ILE A 1 104 ? 4.750   -8.123  6.789   1.00 34.42  ? 117 ILE A N   1 
ATOM   448  C CA  . ILE A 1 104 ? 6.066   -8.433  6.156   1.00 36.66  ? 117 ILE A CA  1 
ATOM   449  C C   . ILE A 1 104 ? 6.994   -9.043  7.201   1.00 35.89  ? 117 ILE A C   1 
ATOM   450  O O   . ILE A 1 104 ? 7.758   -8.325  7.850   1.00 36.84  ? 117 ILE A O   1 
ATOM   451  C CB  . ILE A 1 104 ? 6.660   -7.167  5.525   1.00 35.77  ? 117 ILE A CB  1 
ATOM   452  C CG1 . ILE A 1 104 ? 5.573   -6.364  4.812   1.00 33.47  ? 117 ILE A CG1 1 
ATOM   453  C CG2 . ILE A 1 104 ? 7.826   -7.538  4.614   1.00 39.63  ? 117 ILE A CG2 1 
ATOM   454  C CD1 . ILE A 1 104 ? 6.071   -5.134  4.133   1.00 32.87  ? 117 ILE A CD1 1 
ATOM   455  N N   . PRO A 1 105 ? 6.949   -10.383 7.366   1.00 41.61  ? 118 PRO A N   1 
ATOM   456  C CA  . PRO A 1 105 ? 7.767   -11.097 8.348   1.00 43.98  ? 118 PRO A CA  1 
ATOM   457  C C   . PRO A 1 105 ? 9.271   -10.777 8.311   1.00 44.44  ? 118 PRO A C   1 
ATOM   458  O O   . PRO A 1 105 ? 9.841   -10.667 9.374   1.00 42.91  ? 118 PRO A O   1 
ATOM   459  C CB  . PRO A 1 105 ? 7.540   -12.585 8.000   1.00 44.95  ? 118 PRO A CB  1 
ATOM   460  C CG  . PRO A 1 105 ? 6.157   -12.603 7.384   1.00 46.08  ? 118 PRO A CG  1 
ATOM   461  C CD  . PRO A 1 105 ? 6.063   -11.295 6.621   1.00 42.31  ? 118 PRO A CD  1 
ATOM   462  N N   . LYS A 1 106 ? 9.886   -10.639 7.132   1.00 42.15  ? 119 LYS A N   1 
ATOM   463  C CA  . LYS A 1 106 ? 11.359  -10.401 7.028   1.00 44.77  ? 119 LYS A CA  1 
ATOM   464  C C   . LYS A 1 106 ? 11.738  -9.144  7.824   1.00 43.63  ? 119 LYS A C   1 
ATOM   465  O O   . LYS A 1 106 ? 12.801  -9.149  8.458   1.00 43.83  ? 119 LYS A O   1 
ATOM   466  C CB  . LYS A 1 106 ? 11.829  -10.186 5.588   1.00 45.66  ? 119 LYS A CB  1 
ATOM   467  C CG  . LYS A 1 106 ? 13.337  -10.281 5.401   1.00 58.20  ? 119 LYS A CG  1 
ATOM   468  C CD  . LYS A 1 106 ? 13.907  -9.325  4.371   1.00 57.80  ? 119 LYS A CD  1 
ATOM   469  C CE  . LYS A 1 106 ? 15.256  -9.775  3.841   1.00 58.29  ? 119 LYS A CE  1 
ATOM   470  N NZ  . LYS A 1 106 ? 15.732  -8.916  2.730   1.00 58.89  ? 119 LYS A NZ  1 
ATOM   471  N N   . ILE A 1 107 ? 10.908  -8.097  7.799   1.00 41.33  ? 120 ILE A N   1 
ATOM   472  C CA  . ILE A 1 107 ? 11.249  -6.809  8.482   1.00 43.08  ? 120 ILE A CA  1 
ATOM   473  C C   . ILE A 1 107 ? 10.450  -6.630  9.783   1.00 39.55  ? 120 ILE A C   1 
ATOM   474  O O   . ILE A 1 107 ? 10.680  -5.625  10.492  1.00 42.16  ? 120 ILE A O   1 
ATOM   475  C CB  . ILE A 1 107 ? 11.130  -5.636  7.489   1.00 42.54  ? 120 ILE A CB  1 
ATOM   476  C CG1 . ILE A 1 107 ? 9.704   -5.429  6.965   1.00 40.26  ? 120 ILE A CG1 1 
ATOM   477  C CG2 . ILE A 1 107 ? 12.115  -5.836  6.348   1.00 40.59  ? 120 ILE A CG2 1 
ATOM   478  C CD1 . ILE A 1 107 ? 9.548   -4.155  6.199   1.00 38.05  ? 120 ILE A CD1 1 
ATOM   479  N N   . GLY A 1 108 ? 9.666   -7.631  10.186  1.00 43.65  ? 121 GLY A N   1 
ATOM   480  C CA  . GLY A 1 108 ? 8.889   -7.589  11.445  1.00 41.69  ? 121 GLY A CA  1 
ATOM   481  C C   . GLY A 1 108 ? 7.780   -6.551  11.387  1.00 39.01  ? 121 GLY A C   1 
ATOM   482  O O   . GLY A 1 108 ? 7.438   -5.986  12.434  1.00 40.27  ? 121 GLY A O   1 
ATOM   483  N N   . LEU A 1 109 ? 7.233   -6.280  10.206  1.00 35.65  ? 122 LEU A N   1 
ATOM   484  C CA  . LEU A 1 109 ? 6.230   -5.187  10.048  1.00 37.15  ? 122 LEU A CA  1 
ATOM   485  C C   . LEU A 1 109 ? 4.805   -5.727  9.981   1.00 35.28  ? 122 LEU A C   1 
ATOM   486  O O   . LEU A 1 109 ? 4.542   -6.698  9.255   1.00 35.81  ? 122 LEU A O   1 
ATOM   487  C CB  . LEU A 1 109 ? 6.539   -4.346  8.816   1.00 38.50  ? 122 LEU A CB  1 
ATOM   488  C CG  . LEU A 1 109 ? 5.617   -3.141  8.627   1.00 41.49  ? 122 LEU A CG  1 
ATOM   489  C CD1 . LEU A 1 109 ? 5.798   -2.157  9.778   1.00 55.45  ? 122 LEU A CD1 1 
ATOM   490  C CD2 . LEU A 1 109 ? 5.897   -2.471  7.307   1.00 43.05  ? 122 LEU A CD2 1 
ATOM   491  N N   . SER A 1 110 ? 3.916   -5.074  10.710  1.00 35.13  ? 123 SER A N   1 
ATOM   492  C CA  . SER A 1 110 ? 2.456   -5.269  10.605  1.00 40.60  ? 123 SER A CA  1 
ATOM   493  C C   . SER A 1 110 ? 1.802   -3.895  10.716  1.00 36.35  ? 123 SER A C   1 
ATOM   494  O O   . SER A 1 110 ? 1.987   -3.251  11.754  1.00 35.47  ? 123 SER A O   1 
ATOM   495  C CB  . SER A 1 110 ? 1.963   -6.234  11.657  1.00 44.42  ? 123 SER A CB  1 
ATOM   496  O OG  . SER A 1 110 ? 0.611   -6.574  11.405  1.00 49.65  ? 123 SER A OG  1 
ATOM   497  N N   . LEU A 1 111 ? 1.104   -3.449  9.673   1.00 36.14  ? 124 LEU A N   1 
ATOM   498  C CA  . LEU A 1 111 ? 0.486   -2.095  9.624   1.00 36.87  ? 124 LEU A CA  1 
ATOM   499  C C   . LEU A 1 111 ? -0.948  -2.199  9.127   1.00 37.45  ? 124 LEU A C   1 
ATOM   500  O O   . LEU A 1 111 ? -1.203  -2.971  8.203   1.00 32.05  ? 124 LEU A O   1 
ATOM   501  C CB  . LEU A 1 111 ? 1.261   -1.222  8.628   1.00 38.27  ? 124 LEU A CB  1 
ATOM   502  C CG  . LEU A 1 111 ? 2.544   -0.560  9.100   1.00 45.89  ? 124 LEU A CG  1 
ATOM   503  C CD1 . LEU A 1 111 ? 3.051   0.355   7.994   1.00 44.72  ? 124 LEU A CD1 1 
ATOM   504  C CD2 . LEU A 1 111 ? 2.347   0.212   10.405  1.00 48.32  ? 124 LEU A CD2 1 
ATOM   505  N N   . PRO A 1 112 ? -1.872  -1.310  9.573   1.00 35.57  ? 125 PRO A N   1 
ATOM   506  C CA  . PRO A 1 112 ? -3.156  -1.157  8.889   1.00 38.32  ? 125 PRO A CA  1 
ATOM   507  C C   . PRO A 1 112 ? -2.921  -0.491  7.517   1.00 34.17  ? 125 PRO A C   1 
ATOM   508  O O   . PRO A 1 112 ? -1.971  0.273   7.360   1.00 32.76  ? 125 PRO A O   1 
ATOM   509  C CB  . PRO A 1 112 ? -3.989  -0.289  9.842   1.00 38.46  ? 125 PRO A CB  1 
ATOM   510  C CG  . PRO A 1 112 ? -2.939  0.538   10.568  1.00 40.93  ? 125 PRO A CG  1 
ATOM   511  C CD  . PRO A 1 112 ? -1.733  -0.384  10.709  1.00 38.17  ? 125 PRO A CD  1 
ATOM   512  N N   . VAL A 1 113 ? -3.736  -0.866  6.535   1.00 34.55  ? 126 VAL A N   1 
ATOM   513  C CA  . VAL A 1 113 ? -3.771  -0.236  5.182   1.00 32.84  ? 126 VAL A CA  1 
ATOM   514  C C   . VAL A 1 113 ? -5.091  0.526   5.054   1.00 34.08  ? 126 VAL A C   1 
ATOM   515  O O   . VAL A 1 113 ? -6.169  -0.075  5.248   1.00 32.70  ? 126 VAL A O   1 
ATOM   516  C CB  . VAL A 1 113 ? -3.604  -1.265  4.057   1.00 31.55  ? 126 VAL A CB  1 
ATOM   517  C CG1 . VAL A 1 113 ? -3.719  -0.604  2.690   1.00 31.56  ? 126 VAL A CG1 1 
ATOM   518  C CG2 . VAL A 1 113 ? -2.296  -2.035  4.217   1.00 33.73  ? 126 VAL A CG2 1 
ATOM   519  N N   . PHE A 1 114 ? -5.008  1.817   4.767   1.00 34.88  ? 127 PHE A N   1 
ATOM   520  C CA  . PHE A 1 114 ? -6.193  2.708   4.753   1.00 35.89  ? 127 PHE A CA  1 
ATOM   521  C C   . PHE A 1 114 ? -6.674  2.862   3.317   1.00 34.44  ? 127 PHE A C   1 
ATOM   522  O O   . PHE A 1 114 ? -5.864  2.705   2.412   1.00 36.25  ? 127 PHE A O   1 
ATOM   523  C CB  . PHE A 1 114 ? -5.882  4.049   5.410   1.00 34.33  ? 127 PHE A CB  1 
ATOM   524  C CG  . PHE A 1 114 ? -5.412  3.938   6.833   1.00 37.34  ? 127 PHE A CG  1 
ATOM   525  C CD1 . PHE A 1 114 ? -6.235  3.379   7.806   1.00 35.42  ? 127 PHE A CD1 1 
ATOM   526  C CD2 . PHE A 1 114 ? -4.133  4.340   7.191   1.00 36.62  ? 127 PHE A CD2 1 
ATOM   527  C CE1 . PHE A 1 114 ? -5.804  3.282   9.115   1.00 37.05  ? 127 PHE A CE1 1 
ATOM   528  C CE2 . PHE A 1 114 ? -3.705  4.228   8.506   1.00 34.90  ? 127 PHE A CE2 1 
ATOM   529  C CZ  . PHE A 1 114 ? -4.539  3.702   9.461   1.00 35.27  ? 127 PHE A CZ  1 
ATOM   530  N N   . ASP A 1 115 ? -7.952  3.219   3.199   1.00 38.52  ? 128 ASP A N   1 
ATOM   531  C CA  . ASP A 1 115 ? -8.807  3.284   1.989   1.00 49.01  ? 128 ASP A CA  1 
ATOM   532  C C   . ASP A 1 115 ? -8.408  4.473   1.107   1.00 52.69  ? 128 ASP A C   1 
ATOM   533  O O   . ASP A 1 115 ? -8.788  4.486   -0.083  1.00 62.22  ? 128 ASP A O   1 
ATOM   534  C CB  . ASP A 1 115 ? -10.273 3.400   2.431   1.00 51.05  ? 128 ASP A CB  1 
ATOM   535  C CG  . ASP A 1 115 ? -11.245 3.687   1.309   1.00 66.55  ? 128 ASP A CG  1 
ATOM   536  O OD1 . ASP A 1 115 ? -11.377 4.881   0.950   1.00 81.03  ? 128 ASP A OD1 1 
ATOM   537  O OD2 . ASP A 1 115 ? -11.861 2.718   0.807   1.00 73.08  ? 128 ASP A OD2 1 
ATOM   538  N N   . HIS A 1 116 ? -7.764  5.487   1.673   1.00 42.77  ? 129 HIS A N   1 
ATOM   539  C CA  . HIS A 1 116 ? -7.374  6.694   0.910   1.00 47.91  ? 129 HIS A CA  1 
ATOM   540  C C   . HIS A 1 116 ? -6.182  7.373   1.579   1.00 44.82  ? 129 HIS A C   1 
ATOM   541  O O   . HIS A 1 116 ? -5.684  6.828   2.543   1.00 41.09  ? 129 HIS A O   1 
ATOM   542  C CB  . HIS A 1 116 ? -8.566  7.619   0.741   1.00 51.72  ? 129 HIS A CB  1 
ATOM   543  C CG  . HIS A 1 116 ? -9.181  8.070   2.018   1.00 53.24  ? 129 HIS A CG  1 
ATOM   544  N ND1 . HIS A 1 116 ? -8.658  9.111   2.753   1.00 62.66  ? 129 HIS A ND1 1 
ATOM   545  C CD2 . HIS A 1 116 ? -10.304 7.669   2.652   1.00 61.30  ? 129 HIS A CD2 1 
ATOM   546  C CE1 . HIS A 1 116 ? -9.420  9.325   3.809   1.00 69.01  ? 129 HIS A CE1 1 
ATOM   547  N NE2 . HIS A 1 116 ? -10.437 8.448   3.772   1.00 66.48  ? 129 HIS A NE2 1 
ATOM   548  N N   . THR A 1 117 ? -5.784  8.536   1.063   1.00 47.67  ? 130 THR A N   1 
ATOM   549  C CA  . THR A 1 117 ? -4.467  9.158   1.307   1.00 47.61  ? 130 THR A CA  1 
ATOM   550  C C   . THR A 1 117 ? -4.661  10.492  2.028   1.00 41.09  ? 130 THR A C   1 
ATOM   551  O O   . THR A 1 117 ? -5.312  11.367  1.492   1.00 38.60  ? 130 THR A O   1 
ATOM   552  C CB  . THR A 1 117 ? -3.691  9.287   -0.007  1.00 49.63  ? 130 THR A CB  1 
ATOM   553  O OG1 . THR A 1 117 ? -3.483  7.965   -0.504  1.00 52.69  ? 130 THR A OG1 1 
ATOM   554  C CG2 . THR A 1 117 ? -2.354  9.977   0.163   1.00 49.72  ? 130 THR A CG2 1 
ATOM   555  N N   . SER A 1 118 ? -4.107  10.622  3.223   1.00 34.76  ? 131 SER A N   1 
ATOM   556  C CA  . SER A 1 118 ? -3.971  11.937  3.899   1.00 38.36  ? 131 SER A CA  1 
ATOM   557  C C   . SER A 1 118 ? -2.720  11.883  4.771   1.00 39.28  ? 131 SER A C   1 
ATOM   558  O O   . SER A 1 118 ? -2.286  10.741  5.158   1.00 30.36  ? 131 SER A O   1 
ATOM   559  C CB  . SER A 1 118 ? -5.201  12.270  4.693   1.00 37.68  ? 131 SER A CB  1 
ATOM   560  O OG  . SER A 1 118 ? -5.195  11.569  5.922   1.00 39.02  ? 131 SER A OG  1 
ATOM   561  N N   . ASP A 1 119 ? -2.106  13.034  5.026   1.00 37.33  ? 132 ASP A N   1 
ATOM   562  C CA  . ASP A 1 119 ? -0.897  13.056  5.882   1.00 40.08  ? 132 ASP A CA  1 
ATOM   563  C C   . ASP A 1 119 ? -1.285  12.518  7.273   1.00 38.72  ? 132 ASP A C   1 
ATOM   564  O O   . ASP A 1 119 ? -0.438  11.843  7.910   1.00 35.63  ? 132 ASP A O   1 
ATOM   565  C CB  . ASP A 1 119 ? -0.163  14.403  5.913   1.00 35.81  ? 132 ASP A CB  1 
ATOM   566  C CG  . ASP A 1 119 ? 1.283   14.138  6.373   1.00 41.50  ? 132 ASP A CG  1 
ATOM   567  O OD1 . ASP A 1 119 ? 1.807   13.062  6.024   1.00 38.13  ? 132 ASP A OD1 1 
ATOM   568  O OD2 . ASP A 1 119 ? 1.841   14.931  7.142   1.00 40.42  ? 132 ASP A OD2 1 
ATOM   569  N N   . TRP A 1 120 ? -2.535  12.723  7.697   1.00 33.35  ? 133 TRP A N   1 
ATOM   570  C CA  . TRP A 1 120 ? -3.033  12.246  9.017   1.00 33.80  ? 133 TRP A CA  1 
ATOM   571  C C   . TRP A 1 120 ? -3.017  10.705  9.075   1.00 33.75  ? 133 TRP A C   1 
ATOM   572  O O   . TRP A 1 120 ? -2.391  10.148  10.008  1.00 32.35  ? 133 TRP A O   1 
ATOM   573  C CB  . TRP A 1 120 ? -4.410  12.850  9.319   1.00 34.33  ? 133 TRP A CB  1 
ATOM   574  C CG  . TRP A 1 120 ? -4.872  12.515  10.695  1.00 34.94  ? 133 TRP A CG  1 
ATOM   575  C CD1 . TRP A 1 120 ? -4.407  13.025  11.872  1.00 39.23  ? 133 TRP A CD1 1 
ATOM   576  C CD2 . TRP A 1 120 ? -5.866  11.543  11.040  1.00 37.99  ? 133 TRP A CD2 1 
ATOM   577  N NE1 . TRP A 1 120 ? -5.071  12.461  12.926  1.00 36.76  ? 133 TRP A NE1 1 
ATOM   578  C CE2 . TRP A 1 120 ? -5.945  11.523  12.450  1.00 39.31  ? 133 TRP A CE2 1 
ATOM   579  C CE3 . TRP A 1 120 ? -6.686  10.683  10.298  1.00 40.99  ? 133 TRP A CE3 1 
ATOM   580  C CZ2 . TRP A 1 120 ? -6.822  10.675  13.126  1.00 41.36  ? 133 TRP A CZ2 1 
ATOM   581  C CZ3 . TRP A 1 120 ? -7.558  9.854   10.968  1.00 41.12  ? 133 TRP A CZ3 1 
ATOM   582  C CH2 . TRP A 1 120 ? -7.597  9.830   12.367  1.00 41.19  ? 133 TRP A CH2 1 
ATOM   583  N N   . LEU A 1 121 ? -3.636  10.029  8.094   1.00 33.84  ? 134 LEU A N   1 
ATOM   584  C CA  . LEU A 1 121 ? -3.669  8.551   7.999   1.00 33.38  ? 134 LEU A CA  1 
ATOM   585  C C   . LEU A 1 121 ? -2.233  8.001   7.919   1.00 33.98  ? 134 LEU A C   1 
ATOM   586  O O   . LEU A 1 121 ? -1.932  7.002   8.597   1.00 30.66  ? 134 LEU A O   1 
ATOM   587  C CB  . LEU A 1 121 ? -4.536  8.143   6.802   1.00 35.24  ? 134 LEU A CB  1 
ATOM   588  C CG  . LEU A 1 121 ? -6.043  8.371   6.966   1.00 36.03  ? 134 LEU A CG  1 
ATOM   589  C CD1 . LEU A 1 121 ? -6.779  8.023   5.675   1.00 36.32  ? 134 LEU A CD1 1 
ATOM   590  C CD2 . LEU A 1 121 ? -6.599  7.573   8.147   1.00 36.95  ? 134 LEU A CD2 1 
ATOM   591  N N   . LEU A 1 122 ? -1.350  8.665   7.183   1.00 31.89  ? 135 LEU A N   1 
ATOM   592  C CA  . LEU A 1 122 ? 0.055   8.226   6.971   1.00 31.06  ? 135 LEU A CA  1 
ATOM   593  C C   . LEU A 1 122 ? 0.896   8.342   8.257   1.00 31.91  ? 135 LEU A C   1 
ATOM   594  O O   . LEU A 1 122 ? 2.054   7.883   8.247   1.00 29.84  ? 135 LEU A O   1 
ATOM   595  C CB  . LEU A 1 122 ? 0.638   9.078   5.846   1.00 29.73  ? 135 LEU A CB  1 
ATOM   596  C CG  . LEU A 1 122 ? 0.158   8.710   4.448   1.00 31.25  ? 135 LEU A CG  1 
ATOM   597  C CD1 . LEU A 1 122 ? 0.585   9.773   3.462   1.00 32.06  ? 135 LEU A CD1 1 
ATOM   598  C CD2 . LEU A 1 122 ? 0.665   7.327   4.020   1.00 31.71  ? 135 LEU A CD2 1 
ATOM   599  N N   . GLN A 1 123 ? 0.367   8.935   9.328   1.00 33.36  ? 136 GLN A N   1 
ATOM   600  C CA  . GLN A 1 123 ? 1.036   8.909   10.654  1.00 36.02  ? 136 GLN A CA  1 
ATOM   601  C C   . GLN A 1 123 ? 0.801   7.538   11.312  1.00 38.62  ? 136 GLN A C   1 
ATOM   602  O O   . GLN A 1 123 ? 1.585   7.171   12.197  1.00 39.47  ? 136 GLN A O   1 
ATOM   603  C CB  . GLN A 1 123 ? 0.562   10.054  11.549  1.00 35.49  ? 136 GLN A CB  1 
ATOM   604  C CG  . GLN A 1 123 ? 0.659   11.428  10.918  1.00 34.82  ? 136 GLN A CG  1 
ATOM   605  C CD  . GLN A 1 123 ? 2.060   11.760  10.469  1.00 39.11  ? 136 GLN A CD  1 
ATOM   606  O OE1 . GLN A 1 123 ? 2.996   11.682  11.251  1.00 38.90  ? 136 GLN A OE1 1 
ATOM   607  N NE2 . GLN A 1 123 ? 2.227   12.064  9.193   1.00 33.50  ? 136 GLN A NE2 1 
ATOM   608  N N   . PHE A 1 124 ? -0.198  6.771   10.871  1.00 35.05  ? 137 PHE A N   1 
ATOM   609  C CA  . PHE A 1 124 ? -0.694  5.592   11.625  1.00 34.51  ? 137 PHE A CA  1 
ATOM   610  C C   . PHE A 1 124 ? -0.549  4.302   10.827  1.00 36.89  ? 137 PHE A C   1 
ATOM   611  O O   . PHE A 1 124 ? -0.811  3.246   11.386  1.00 39.40  ? 137 PHE A O   1 
ATOM   612  C CB  . PHE A 1 124 ? -2.149  5.817   12.018  1.00 34.50  ? 137 PHE A CB  1 
ATOM   613  C CG  . PHE A 1 124 ? -2.322  6.965   12.979  1.00 39.24  ? 137 PHE A CG  1 
ATOM   614  C CD1 . PHE A 1 124 ? -1.921  6.835   14.300  1.00 40.89  ? 137 PHE A CD1 1 
ATOM   615  C CD2 . PHE A 1 124 ? -2.862  8.170   12.565  1.00 34.40  ? 137 PHE A CD2 1 
ATOM   616  C CE1 . PHE A 1 124 ? -2.060  7.893   15.183  1.00 41.40  ? 137 PHE A CE1 1 
ATOM   617  C CE2 . PHE A 1 124 ? -2.993  9.225   13.447  1.00 40.61  ? 137 PHE A CE2 1 
ATOM   618  C CZ  . PHE A 1 124 ? -2.597  9.087   14.753  1.00 41.56  ? 137 PHE A CZ  1 
ATOM   619  N N   . GLY A 1 125 ? -0.188  4.385   9.552   1.00 35.39  ? 138 GLY A N   1 
ATOM   620  C CA  . GLY A 1 125 ? -0.194  3.212   8.676   1.00 31.92  ? 138 GLY A CA  1 
ATOM   621  C C   . GLY A 1 125 ? 0.139   3.607   7.264   1.00 32.42  ? 138 GLY A C   1 
ATOM   622  O O   . GLY A 1 125 ? 0.710   4.695   7.054   1.00 34.04  ? 138 GLY A O   1 
ATOM   623  N N   . ALA A 1 126 ? -0.229  2.739   6.335   1.00 29.67  ? 139 ALA A N   1 
ATOM   624  C CA  . ALA A 1 126 ? -0.017  2.894   4.891   1.00 31.79  ? 139 ALA A CA  1 
ATOM   625  C C   . ALA A 1 126 ? -1.366  3.183   4.239   1.00 30.92  ? 139 ALA A C   1 
ATOM   626  O O   . ALA A 1 126 ? -2.426  2.768   4.784   1.00 34.70  ? 139 ALA A O   1 
ATOM   627  C CB  . ALA A 1 126 ? 0.615   1.634   4.342   1.00 37.97  ? 139 ALA A CB  1 
ATOM   628  N N   . CYS A 1 127 ? -1.327  3.870   3.116   1.00 30.09  ? 140 CYS A N   1 
ATOM   629  C CA  . CYS A 1 127 ? -2.537  4.275   2.363   1.00 34.43  ? 140 CYS A CA  1 
ATOM   630  C C   . CYS A 1 127 ? -2.467  3.679   0.970   1.00 32.71  ? 140 CYS A C   1 
ATOM   631  O O   . CYS A 1 127 ? -1.398  3.750   0.348   1.00 35.01  ? 140 CYS A O   1 
ATOM   632  C CB  . CYS A 1 127 ? -2.659  5.792   2.278   1.00 36.04  ? 140 CYS A CB  1 
ATOM   633  S SG  . CYS A 1 127 ? -2.805  6.524   3.921   1.00 38.75  ? 140 CYS A SG  1 
ATOM   634  N N   . LEU A 1 128 ? -3.586  3.148   0.503   1.00 34.90  ? 141 LEU A N   1 
ATOM   635  C CA  . LEU A 1 128 ? -3.760  2.790   -0.917  1.00 37.25  ? 141 LEU A CA  1 
ATOM   636  C C   . LEU A 1 128 ? -3.796  4.094   -1.712  1.00 40.82  ? 141 LEU A C   1 
ATOM   637  O O   . LEU A 1 128 ? -4.549  4.987   -1.325  1.00 40.59  ? 141 LEU A O   1 
ATOM   638  C CB  . LEU A 1 128 ? -5.057  1.996   -1.077  1.00 48.40  ? 141 LEU A CB  1 
ATOM   639  C CG  . LEU A 1 128 ? -5.030  0.628   -0.399  1.00 46.84  ? 141 LEU A CG  1 
ATOM   640  C CD1 . LEU A 1 128 ? -6.429  0.087   -0.198  1.00 53.41  ? 141 LEU A CD1 1 
ATOM   641  C CD2 . LEU A 1 128 ? -4.202  -0.340  -1.214  1.00 54.99  ? 141 LEU A CD2 1 
ATOM   642  N N   . LEU A 1 129 ? -2.957  4.208   -2.734  1.00 38.08  ? 142 LEU A N   1 
ATOM   643  C CA  . LEU A 1 129 ? -2.890  5.410   -3.589  1.00 39.50  ? 142 LEU A CA  1 
ATOM   644  C C   . LEU A 1 129 ? -4.210  5.516   -4.363  1.00 39.33  ? 142 LEU A C   1 
ATOM   645  O O   . LEU A 1 129 ? -4.597  4.530   -5.020  1.00 41.65  ? 142 LEU A O   1 
ATOM   646  C CB  . LEU A 1 129 ? -1.667  5.250   -4.492  1.00 43.46  ? 142 LEU A CB  1 
ATOM   647  C CG  . LEU A 1 129 ? -1.008  6.538   -4.952  1.00 47.99  ? 142 LEU A CG  1 
ATOM   648  C CD1 . LEU A 1 129 ? -0.431  7.302   -3.773  1.00 49.15  ? 142 LEU A CD1 1 
ATOM   649  C CD2 . LEU A 1 129 ? 0.072   6.214   -5.975  1.00 50.07  ? 142 LEU A CD2 1 
ATOM   650  N N   . ASP A 1 130 ? -4.931  6.637   -4.206  1.00 39.03  ? 143 ASP A N   1 
ATOM   651  C CA  . ASP A 1 130 ? -6.170  6.974   -4.952  1.00 41.96  ? 143 ASP A CA  1 
ATOM   652  C C   . ASP A 1 130 ? -5.923  6.652   -6.423  1.00 44.26  ? 143 ASP A C   1 
ATOM   653  O O   . ASP A 1 130 ? -4.820  6.968   -6.920  1.00 44.44  ? 143 ASP A O   1 
ATOM   654  C CB  . ASP A 1 130 ? -6.590  8.441   -4.731  1.00 47.72  ? 143 ASP A CB  1 
ATOM   655  N N   . GLY A 1 131 ? -6.885  5.984   -7.060  1.00 43.39  ? 144 GLY A N   1 
ATOM   656  C CA  . GLY A 1 131 ? -6.811  5.553   -8.471  1.00 46.28  ? 144 GLY A CA  1 
ATOM   657  C C   . GLY A 1 131 ? -6.121  4.214   -8.674  1.00 45.07  ? 144 GLY A C   1 
ATOM   658  O O   . GLY A 1 131 ? -6.024  3.814   -9.827  1.00 50.37  ? 144 GLY A O   1 
ATOM   659  N N   . THR A 1 132 ? -5.678  3.525   -7.613  1.00 43.67  ? 145 THR A N   1 
ATOM   660  C CA  . THR A 1 132 ? -5.098  2.159   -7.706  1.00 40.68  ? 145 THR A CA  1 
ATOM   661  C C   . THR A 1 132 ? -6.022  1.151   -6.986  1.00 43.76  ? 145 THR A C   1 
ATOM   662  O O   . THR A 1 132 ? -6.896  1.561   -6.216  1.00 41.96  ? 145 THR A O   1 
ATOM   663  C CB  . THR A 1 132 ? -3.641  2.182   -7.229  1.00 40.75  ? 145 THR A CB  1 
ATOM   664  O OG1 . THR A 1 132 ? -3.549  2.256   -5.804  1.00 31.44  ? 145 THR A OG1 1 
ATOM   665  C CG2 . THR A 1 132 ? -2.878  3.345   -7.828  1.00 40.77  ? 145 THR A CG2 1 
ATOM   666  N N   . SER A 1 133 ? -5.878  -0.136  -7.293  1.00 39.92  ? 146 SER A N   1 
ATOM   667  C CA  . SER A 1 133 ? -6.747  -1.237  -6.809  1.00 41.82  ? 146 SER A CA  1 
ATOM   668  C C   . SER A 1 133 ? -6.730  -1.317  -5.277  1.00 41.43  ? 146 SER A C   1 
ATOM   669  O O   . SER A 1 133 ? -5.672  -1.116  -4.668  1.00 39.01  ? 146 SER A O   1 
ATOM   670  C CB  . SER A 1 133 ? -6.334  -2.554  -7.414  1.00 41.50  ? 146 SER A CB  1 
ATOM   671  O OG  . SER A 1 133 ? -6.150  -2.445  -8.824  1.00 41.84  ? 146 SER A OG  1 
ATOM   672  N N   . TYR A 1 134 ? -7.886  -1.592  -4.686  1.00 46.09  ? 147 TYR A N   1 
ATOM   673  C CA  . TYR A 1 134 ? -7.996  -2.311  -3.392  1.00 47.13  ? 147 TYR A CA  1 
ATOM   674  C C   . TYR A 1 134 ? -7.207  -3.608  -3.519  1.00 44.77  ? 147 TYR A C   1 
ATOM   675  O O   . TYR A 1 134 ? -7.247  -4.247  -4.574  1.00 48.76  ? 147 TYR A O   1 
ATOM   676  C CB  . TYR A 1 134 ? -9.460  -2.570  -3.038  1.00 46.62  ? 147 TYR A CB  1 
ATOM   677  C CG  . TYR A 1 134 ? -10.202 -1.301  -2.733  1.00 48.82  ? 147 TYR A CG  1 
ATOM   678  C CD1 . TYR A 1 134 ? -10.025 -0.664  -1.520  1.00 48.46  ? 147 TYR A CD1 1 
ATOM   679  C CD2 . TYR A 1 134 ? -11.040 -0.714  -3.670  1.00 50.60  ? 147 TYR A CD2 1 
ATOM   680  C CE1 . TYR A 1 134 ? -10.679 0.518   -1.233  1.00 51.04  ? 147 TYR A CE1 1 
ATOM   681  C CE2 . TYR A 1 134 ? -11.703 0.467   -3.395  1.00 52.96  ? 147 TYR A CE2 1 
ATOM   682  C CZ  . TYR A 1 134 ? -11.508 1.092   -2.178  1.00 52.69  ? 147 TYR A CZ  1 
ATOM   683  O OH  . TYR A 1 134 ? -12.153 2.251   -1.881  1.00 56.31  ? 147 TYR A OH  1 
ATOM   684  N N   . PRO A 1 135 ? -6.434  -4.004  -2.477  1.00 45.11  ? 148 PRO A N   1 
ATOM   685  C CA  . PRO A 1 135 ? -5.602  -5.198  -2.531  1.00 44.20  ? 148 PRO A CA  1 
ATOM   686  C C   . PRO A 1 135 ? -6.431  -6.439  -2.178  1.00 49.02  ? 148 PRO A C   1 
ATOM   687  O O   . PRO A 1 135 ? -6.257  -6.987  -1.106  1.00 53.99  ? 148 PRO A O   1 
ATOM   688  C CB  . PRO A 1 135 ? -4.528  -4.891  -1.481  1.00 46.73  ? 148 PRO A CB  1 
ATOM   689  C CG  . PRO A 1 135 ? -5.288  -4.125  -0.419  1.00 44.92  ? 148 PRO A CG  1 
ATOM   690  C CD  . PRO A 1 135 ? -6.344  -3.335  -1.170  1.00 45.25  ? 148 PRO A CD  1 
ATOM   691  N N   . THR A 1 136 ? -7.309  -6.839  -3.099  1.00 48.77  ? 149 THR A N   1 
ATOM   692  C CA  . THR A 1 136 ? -8.292  -7.938  -2.944  1.00 50.99  ? 149 THR A CA  1 
ATOM   693  C C   . THR A 1 136 ? -7.756  -9.193  -3.636  1.00 52.30  ? 149 THR A C   1 
ATOM   694  O O   . THR A 1 136 ? -8.309  -10.271 -3.389  1.00 59.86  ? 149 THR A O   1 
ATOM   695  C CB  . THR A 1 136 ? -9.642  -7.540  -3.554  1.00 57.16  ? 149 THR A CB  1 
ATOM   696  O OG1 . THR A 1 136 ? -9.404  -7.080  -4.887  1.00 55.55  ? 149 THR A OG1 1 
ATOM   697  C CG2 . THR A 1 136 ? -10.360 -6.466  -2.770  1.00 57.30  ? 149 THR A CG2 1 
ATOM   698  N N   . GLY A 1 137 ? -6.720  -9.037  -4.462  1.00 47.23  ? 150 GLY A N   1 
ATOM   699  C CA  . GLY A 1 137 ? -6.229  -10.058 -5.398  1.00 50.07  ? 150 GLY A CA  1 
ATOM   700  C C   . GLY A 1 137 ? -7.109  -10.129 -6.629  1.00 52.13  ? 150 GLY A C   1 
ATOM   701  O O   . GLY A 1 137 ? -8.139  -9.442  -6.653  1.00 54.11  ? 150 GLY A O   1 
ATOM   702  N N   . GLY A 1 138 ? -6.717  -10.941 -7.609  1.00 53.13  ? 151 GLY A N   1 
ATOM   703  C CA  . GLY A 1 138 ? -7.364  -11.028 -8.935  1.00 51.54  ? 151 GLY A CA  1 
ATOM   704  C C   . GLY A 1 138 ? -6.494  -10.407 -10.014 1.00 49.73  ? 151 GLY A C   1 
ATOM   705  O O   . GLY A 1 138 ? -5.717  -9.453  -9.714  1.00 47.65  ? 151 GLY A O   1 
ATOM   706  N N   . LYS A 1 139 ? -6.607  -10.929 -11.230 1.00 52.56  ? 152 LYS A N   1 
ATOM   707  C CA  . LYS A 1 139 ? -6.018  -10.334 -12.456 1.00 57.96  ? 152 LYS A CA  1 
ATOM   708  C C   . LYS A 1 139 ? -6.622  -8.897  -12.658 1.00 60.02  ? 152 LYS A C   1 
ATOM   709  O O   . LYS A 1 139 ? -7.766  -8.640  -12.244 1.00 58.03  ? 152 LYS A O   1 
ATOM   710  C CB  . LYS A 1 139 ? -6.252  -11.251 -13.665 1.00 65.13  ? 152 LYS A CB  1 
ATOM   711  C CG  . LYS A 1 139 ? -5.554  -12.608 -13.584 1.00 72.26  ? 152 LYS A CG  1 
ATOM   712  C CD  . LYS A 1 139 ? -4.241  -12.571 -12.808 1.00 72.30  ? 152 LYS A CD  1 
ATOM   713  C CE  . LYS A 1 139 ? -3.444  -13.857 -12.861 1.00 72.66  ? 152 LYS A CE  1 
ATOM   714  N NZ  . LYS A 1 139 ? -4.154  -14.954 -12.167 1.00 76.66  ? 152 LYS A NZ  1 
ATOM   715  N N   . ASN A 1 140 ? -5.761  -8.038  -13.247 1.00 56.61  ? 153 ASN A N   1 
ATOM   716  C CA  . ASN A 1 140 ? -6.063  -6.613  -13.560 1.00 55.33  ? 153 ASN A CA  1 
ATOM   717  C C   . ASN A 1 140 ? -6.278  -5.855  -12.255 1.00 51.57  ? 153 ASN A C   1 
ATOM   718  O O   . ASN A 1 140 ? -7.105  -4.902  -12.262 1.00 49.10  ? 153 ASN A O   1 
ATOM   719  C CB  . ASN A 1 140 ? -7.282  -6.520  -14.479 1.00 60.68  ? 153 ASN A CB  1 
ATOM   720  C CG  . ASN A 1 140 ? -7.107  -7.438  -15.671 1.00 61.77  ? 153 ASN A CG  1 
ATOM   721  O OD1 . ASN A 1 140 ? -6.006  -7.403  -16.366 1.00 65.15  ? 153 ASN A OD1 1 
ATOM   722  N ND2 . ASN A 1 140 ? -8.134  -8.317  -15.864 1.00 63.06  ? 153 ASN A ND2 1 
ATOM   723  N N   . THR A 1 141 ? -5.569  -6.267  -11.193 1.00 46.41  ? 154 THR A N   1 
ATOM   724  C CA  . THR A 1 141 ? -5.428  -5.481  -9.936  1.00 45.52  ? 154 THR A CA  1 
ATOM   725  C C   . THR A 1 141 ? -3.958  -5.095  -9.738  1.00 43.41  ? 154 THR A C   1 
ATOM   726  O O   . THR A 1 141 ? -3.053  -5.894  -10.031 1.00 42.30  ? 154 THR A O   1 
ATOM   727  C CB  . THR A 1 141 ? -5.995  -6.205  -8.710  1.00 46.40  ? 154 THR A CB  1 
ATOM   728  O OG1 . THR A 1 141 ? -5.159  -7.340  -8.471  1.00 48.28  ? 154 THR A OG1 1 
ATOM   729  C CG2 . THR A 1 141 ? -7.436  -6.632  -8.898  1.00 51.89  ? 154 THR A CG2 1 
ATOM   730  N N   . HIS A 1 142 ? -3.741  -3.870  -9.286  1.00 42.18  ? 155 HIS A N   1 
ATOM   731  C CA  . HIS A 1 142 ? -2.412  -3.337  -8.912  1.00 42.36  ? 155 HIS A CA  1 
ATOM   732  C C   . HIS A 1 142 ? -2.638  -2.293  -7.828  1.00 40.09  ? 155 HIS A C   1 
ATOM   733  O O   . HIS A 1 142 ? -2.887  -1.126  -8.188  1.00 41.37  ? 155 HIS A O   1 
ATOM   734  C CB  . HIS A 1 142 ? -1.637  -2.746  -10.100 1.00 42.75  ? 155 HIS A CB  1 
ATOM   735  C CG  . HIS A 1 142 ? -0.266  -2.317  -9.690  1.00 40.40  ? 155 HIS A CG  1 
ATOM   736  N ND1 . HIS A 1 142 ? 0.563   -1.566  -10.507 1.00 43.27  ? 155 HIS A ND1 1 
ATOM   737  C CD2 . HIS A 1 142 ? 0.422   -2.539  -8.540  1.00 38.32  ? 155 HIS A CD2 1 
ATOM   738  C CE1 . HIS A 1 142 ? 1.719   -1.368  -9.891  1.00 40.18  ? 155 HIS A CE1 1 
ATOM   739  N NE2 . HIS A 1 142 ? 1.655   -1.962  -8.682  1.00 39.41  ? 155 HIS A NE2 1 
ATOM   740  N N   . ALA A 1 143 ? -2.632  -2.747  -6.579  1.00 40.10  ? 156 ALA A N   1 
ATOM   741  C CA  . ALA A 1 143 ? -2.706  -1.915  -5.361  1.00 37.94  ? 156 ALA A CA  1 
ATOM   742  C C   . ALA A 1 143 ? -1.333  -1.288  -5.141  1.00 38.59  ? 156 ALA A C   1 
ATOM   743  O O   . ALA A 1 143 ? -0.323  -2.024  -5.173  1.00 36.14  ? 156 ALA A O   1 
ATOM   744  C CB  . ALA A 1 143 ? -3.143  -2.753  -4.182  1.00 38.22  ? 156 ALA A CB  1 
ATOM   745  N N   . VAL A 1 144 ? -1.299  0.039   -4.997  1.00 35.09  ? 157 VAL A N   1 
ATOM   746  C CA  . VAL A 1 144 ? -0.081  0.781   -4.617  1.00 32.93  ? 157 VAL A CA  1 
ATOM   747  C C   . VAL A 1 144 ? -0.288  1.199   -3.164  1.00 35.51  ? 157 VAL A C   1 
ATOM   748  O O   . VAL A 1 144 ? -1.108  2.078   -2.907  1.00 31.97  ? 157 VAL A O   1 
ATOM   749  C CB  . VAL A 1 144 ? 0.230   1.967   -5.542  1.00 35.64  ? 157 VAL A CB  1 
ATOM   750  C CG1 . VAL A 1 144 ? 1.515   2.673   -5.115  1.00 35.03  ? 157 VAL A CG1 1 
ATOM   751  C CG2 . VAL A 1 144 ? 0.320   1.529   -6.989  1.00 44.26  ? 157 VAL A CG2 1 
ATOM   752  N N   . ILE A 1 145 ? 0.390   0.500   -2.258  1.00 34.49  ? 158 ILE A N   1 
ATOM   753  C CA  . ILE A 1 145 ? 0.330   0.752   -0.803  1.00 34.96  ? 158 ILE A CA  1 
ATOM   754  C C   . ILE A 1 145 ? 1.547   1.623   -0.480  1.00 36.46  ? 158 ILE A C   1 
ATOM   755  O O   . ILE A 1 145 ? 2.692   1.169   -0.712  1.00 34.36  ? 158 ILE A O   1 
ATOM   756  C CB  . ILE A 1 145 ? 0.297   -0.581  -0.038  1.00 33.43  ? 158 ILE A CB  1 
ATOM   757  C CG1 . ILE A 1 145 ? -0.891  -1.438  -0.477  1.00 35.13  ? 158 ILE A CG1 1 
ATOM   758  C CG2 . ILE A 1 145 ? 0.290   -0.331  1.453   1.00 32.59  ? 158 ILE A CG2 1 
ATOM   759  C CD1 . ILE A 1 145 ? -0.918  -2.821  0.162   1.00 34.59  ? 158 ILE A CD1 1 
ATOM   760  N N   . SER A 1 146 ? 1.278   2.837   -0.007  1.00 30.41  ? 159 SER A N   1 
ATOM   761  C CA  . SER A 1 146 ? 2.270   3.912   0.192   1.00 35.35  ? 159 SER A CA  1 
ATOM   762  C C   . SER A 1 146 ? 2.363   4.267   1.685   1.00 34.51  ? 159 SER A C   1 
ATOM   763  O O   . SER A 1 146 ? 1.339   4.251   2.387   1.00 32.46  ? 159 SER A O   1 
ATOM   764  C CB  . SER A 1 146 ? 1.906   5.086   -0.676  1.00 38.20  ? 159 SER A CB  1 
ATOM   765  O OG  . SER A 1 146 ? 1.739   4.650   -2.039  1.00 41.61  ? 159 SER A OG  1 
ATOM   766  N N   . ALA A 1 147 ? 3.574   4.508   2.166   1.00 32.55  ? 160 ALA A N   1 
ATOM   767  C CA  . ALA A 1 147 ? 3.820   4.960   3.550   1.00 33.45  ? 160 ALA A CA  1 
ATOM   768  C C   . ALA A 1 147 ? 5.118   5.759   3.609   1.00 30.03  ? 160 ALA A C   1 
ATOM   769  O O   . ALA A 1 147 ? 6.014   5.568   2.778   1.00 33.89  ? 160 ALA A O   1 
ATOM   770  C CB  . ALA A 1 147 ? 3.840   3.796   4.517   1.00 30.17  ? 160 ALA A CB  1 
ATOM   771  N N   . HIS A 1 148 ? 5.197   6.617   4.611   1.00 32.12  ? 161 HIS A N   1 
ATOM   772  C CA  . HIS A 1 148 ? 6.419   7.349   5.003   1.00 32.44  ? 161 HIS A CA  1 
ATOM   773  C C   . HIS A 1 148 ? 7.519   6.357   5.306   1.00 36.88  ? 161 HIS A C   1 
ATOM   774  O O   . HIS A 1 148 ? 7.254   5.267   5.870   1.00 33.30  ? 161 HIS A O   1 
ATOM   775  C CB  . HIS A 1 148 ? 6.167   8.260   6.210   1.00 37.18  ? 161 HIS A CB  1 
ATOM   776  C CG  . HIS A 1 148 ? 5.321   9.441   5.876   1.00 34.95  ? 161 HIS A CG  1 
ATOM   777  N ND1 . HIS A 1 148 ? 5.663   10.315  4.871   1.00 34.22  ? 161 HIS A ND1 1 
ATOM   778  C CD2 . HIS A 1 148 ? 4.161   9.894   6.409   1.00 37.46  ? 161 HIS A CD2 1 
ATOM   779  C CE1 . HIS A 1 148 ? 4.736   11.251  4.778   1.00 37.54  ? 161 HIS A CE1 1 
ATOM   780  N NE2 . HIS A 1 148 ? 3.799   11.020  5.714   1.00 35.18  ? 161 HIS A NE2 1 
ATOM   781  N N   . ARG A 1 149 ? 8.727   6.721   4.910   1.00 37.98  ? 162 ARG A N   1 
ATOM   782  C CA  . ARG A 1 149 ? 9.925   5.995   5.340   1.00 41.34  ? 162 ARG A CA  1 
ATOM   783  C C   . ARG A 1 149 ? 10.207  6.422   6.787   1.00 40.93  ? 162 ARG A C   1 
ATOM   784  O O   . ARG A 1 149 ? 11.234  7.009   7.013   1.00 38.82  ? 162 ARG A O   1 
ATOM   785  C CB  . ARG A 1 149 ? 11.055  6.284   4.352   1.00 43.53  ? 162 ARG A CB  1 
ATOM   786  C CG  . ARG A 1 149 ? 12.179  5.276   4.465   1.00 48.71  ? 162 ARG A CG  1 
ATOM   787  C CD  . ARG A 1 149 ? 13.053  5.361   3.258   1.00 50.70  ? 162 ARG A CD  1 
ATOM   788  N NE  . ARG A 1 149 ? 14.352  4.787   3.524   1.00 50.30  ? 162 ARG A NE  1 
ATOM   789  C CZ  . ARG A 1 149 ? 15.304  4.708   2.629   1.00 50.28  ? 162 ARG A CZ  1 
ATOM   790  N NH1 . ARG A 1 149 ? 16.473  4.184   2.956   1.00 53.74  ? 162 ARG A NH1 1 
ATOM   791  N NH2 . ARG A 1 149 ? 15.070  5.134   1.398   1.00 51.65  ? 162 ARG A NH2 1 
ATOM   792  N N   . GLY A 1 150 ? 9.301   6.127   7.718   1.00 42.27  ? 163 GLY A N   1 
ATOM   793  C CA  . GLY A 1 150 ? 9.420   6.549   9.127   1.00 42.23  ? 163 GLY A CA  1 
ATOM   794  C C   . GLY A 1 150 ? 8.822   7.932   9.349   1.00 42.07  ? 163 GLY A C   1 
ATOM   795  O O   . GLY A 1 150 ? 9.021   8.814   8.522   1.00 42.66  ? 163 GLY A O   1 
ATOM   796  N N   . VAL A 1 151 ? 8.102   8.118   10.447  1.00 43.63  ? 164 VAL A N   1 
ATOM   797  C CA  . VAL A 1 151 ? 7.851   9.458   11.050  1.00 45.87  ? 164 VAL A CA  1 
ATOM   798  C C   . VAL A 1 151 ? 8.324   9.355   12.497  1.00 49.92  ? 164 VAL A C   1 
ATOM   799  O O   . VAL A 1 151 ? 8.423   8.253   13.047  1.00 44.48  ? 164 VAL A O   1 
ATOM   800  C CB  . VAL A 1 151 ? 6.372   9.886   10.922  1.00 44.43  ? 164 VAL A CB  1 
ATOM   801  C CG1 . VAL A 1 151 ? 5.934   9.914   9.457   1.00 47.97  ? 164 VAL A CG1 1 
ATOM   802  C CG2 . VAL A 1 151 ? 5.446   8.990   11.735  1.00 43.50  ? 164 VAL A CG2 1 
ATOM   803  N N   . PRO A 1 152 ? 8.658   10.488  13.152  1.00 52.63  ? 165 PRO A N   1 
ATOM   804  C CA  . PRO A 1 152 ? 9.221   10.440  14.503  1.00 55.30  ? 165 PRO A CA  1 
ATOM   805  C C   . PRO A 1 152 ? 8.512   9.406   15.400  1.00 55.80  ? 165 PRO A C   1 
ATOM   806  O O   . PRO A 1 152 ? 9.186   8.696   16.136  1.00 58.38  ? 165 PRO A O   1 
ATOM   807  C CB  . PRO A 1 152 ? 9.048   11.896  14.973  1.00 54.37  ? 165 PRO A CB  1 
ATOM   808  C CG  . PRO A 1 152 ? 9.203   12.694  13.689  1.00 53.97  ? 165 PRO A CG  1 
ATOM   809  C CD  . PRO A 1 152 ? 8.532   11.859  12.618  1.00 46.02  ? 165 PRO A CD  1 
ATOM   810  N N   . ASN A 1 153 ? 7.191   9.291   15.259  1.00 53.37  ? 166 ASN A N   1 
ATOM   811  C CA  . ASN A 1 153 ? 6.309   8.439   16.100  1.00 60.54  ? 166 ASN A CA  1 
ATOM   812  C C   . ASN A 1 153 ? 6.373   6.940   15.731  1.00 63.18  ? 166 ASN A C   1 
ATOM   813  O O   . ASN A 1 153 ? 6.025   6.121   16.595  1.00 58.00  ? 166 ASN A O   1 
ATOM   814  C CB  . ASN A 1 153 ? 4.880   8.975   16.012  1.00 62.70  ? 166 ASN A CB  1 
ATOM   815  C CG  . ASN A 1 153 ? 4.805   10.433  16.430  1.00 74.39  ? 166 ASN A CG  1 
ATOM   816  O OD1 . ASN A 1 153 ? 4.866   10.736  17.619  1.00 67.30  ? 166 ASN A OD1 1 
ATOM   817  N ND2 . ASN A 1 153 ? 4.708   11.343  15.465  1.00 72.19  ? 166 ASN A ND2 1 
ATOM   818  N N   . ALA A 1 154 ? 6.748   6.558   14.504  1.00 52.04  ? 167 ALA A N   1 
ATOM   819  C CA  . ALA A 1 154 ? 6.435   5.206   13.976  1.00 48.14  ? 167 ALA A CA  1 
ATOM   820  C C   . ALA A 1 154 ? 7.335   4.848   12.791  1.00 45.80  ? 167 ALA A C   1 
ATOM   821  O O   . ALA A 1 154 ? 7.525   5.698   11.884  1.00 42.33  ? 167 ALA A O   1 
ATOM   822  C CB  . ALA A 1 154 ? 4.978   5.147   13.581  1.00 47.70  ? 167 ALA A CB  1 
ATOM   823  N N   . GLU A 1 155 ? 7.816   3.606   12.769  1.00 48.96  ? 168 GLU A N   1 
ATOM   824  C CA  . GLU A 1 155 ? 8.798   3.142   11.754  1.00 47.31  ? 168 GLU A CA  1 
ATOM   825  C C   . GLU A 1 155 ? 8.133   3.062   10.377  1.00 39.42  ? 168 GLU A C   1 
ATOM   826  O O   . GLU A 1 155 ? 8.796   3.467   9.377   1.00 40.77  ? 168 GLU A O   1 
ATOM   827  C CB  . GLU A 1 155 ? 9.426   1.818   12.183  1.00 47.93  ? 168 GLU A CB  1 
ATOM   828  C CG  . GLU A 1 155 ? 10.473  1.991   13.268  1.00 49.93  ? 168 GLU A CG  1 
ATOM   829  C CD  . GLU A 1 155 ? 11.530  0.902   13.247  1.00 51.56  ? 168 GLU A CD  1 
ATOM   830  O OE1 . GLU A 1 155 ? 11.356  -0.092  12.496  1.00 52.26  ? 168 GLU A OE1 1 
ATOM   831  O OE2 . GLU A 1 155 ? 12.536  1.054   13.968  1.00 61.15  ? 168 GLU A OE2 1 
ATOM   832  N N   . LEU A 1 156 ? 6.865   2.638   10.314  1.00 37.10  ? 169 LEU A N   1 
ATOM   833  C CA  . LEU A 1 156 ? 6.100   2.555   9.035   1.00 34.99  ? 169 LEU A CA  1 
ATOM   834  C C   . LEU A 1 156 ? 6.961   1.794   8.008   1.00 35.45  ? 169 LEU A C   1 
ATOM   835  O O   . LEU A 1 156 ? 7.311   0.663   8.319   1.00 34.92  ? 169 LEU A O   1 
ATOM   836  C CB  . LEU A 1 156 ? 5.722   3.975   8.577   1.00 36.31  ? 169 LEU A CB  1 
ATOM   837  C CG  . LEU A 1 156 ? 4.821   4.758   9.548   1.00 41.20  ? 169 LEU A CG  1 
ATOM   838  C CD1 . LEU A 1 156 ? 4.749   6.220   9.173   1.00 43.98  ? 169 LEU A CD1 1 
ATOM   839  C CD2 . LEU A 1 156 ? 3.417   4.187   9.596   1.00 44.68  ? 169 LEU A CD2 1 
ATOM   840  N N   . PHE A 1 157 ? 7.344   2.399   6.874   1.00 34.61  ? 170 PHE A N   1 
ATOM   841  C CA  . PHE A 1 157 ? 8.094   1.747   5.767   1.00 33.30  ? 170 PHE A CA  1 
ATOM   842  C C   . PHE A 1 157 ? 9.597   2.041   5.868   1.00 34.40  ? 170 PHE A C   1 
ATOM   843  O O   . PHE A 1 157 ? 10.316  1.820   4.855   1.00 34.72  ? 170 PHE A O   1 
ATOM   844  C CB  . PHE A 1 157 ? 7.512   2.142   4.397   1.00 33.45  ? 170 PHE A CB  1 
ATOM   845  C CG  . PHE A 1 157 ? 6.328   1.334   3.930   1.00 29.58  ? 170 PHE A CG  1 
ATOM   846  C CD1 . PHE A 1 157 ? 5.584   0.555   4.820   1.00 31.42  ? 170 PHE A CD1 1 
ATOM   847  C CD2 . PHE A 1 157 ? 5.890   1.418   2.614   1.00 31.50  ? 170 PHE A CD2 1 
ATOM   848  C CE1 . PHE A 1 157 ? 4.455   -0.136  4.406   1.00 29.87  ? 170 PHE A CE1 1 
ATOM   849  C CE2 . PHE A 1 157 ? 4.769   0.712   2.187   1.00 29.65  ? 170 PHE A CE2 1 
ATOM   850  C CZ  . PHE A 1 157 ? 4.061   -0.079  3.078   1.00 33.28  ? 170 PHE A CZ  1 
ATOM   851  N N   . THR A 1 158 ? 10.087  2.410   7.055   1.00 35.70  ? 171 THR A N   1 
ATOM   852  C CA  . THR A 1 158 ? 11.540  2.532   7.363   1.00 37.67  ? 171 THR A CA  1 
ATOM   853  C C   . THR A 1 158 ? 12.357  1.340   6.819   1.00 41.38  ? 171 THR A C   1 
ATOM   854  O O   . THR A 1 158 ? 13.394  1.594   6.202   1.00 39.52  ? 171 THR A O   1 
ATOM   855  C CB  . THR A 1 158 ? 11.774  2.708   8.869   1.00 39.74  ? 171 THR A CB  1 
ATOM   856  O OG1 . THR A 1 158 ? 11.134  3.917   9.244   1.00 37.45  ? 171 THR A OG1 1 
ATOM   857  C CG2 . THR A 1 158 ? 13.234  2.804   9.245   1.00 42.47  ? 171 THR A CG2 1 
ATOM   858  N N   . ARG A 1 159 ? 11.931  0.087   7.020   1.00 38.27  ? 172 ARG A N   1 
ATOM   859  C CA  . ARG A 1 159 ? 12.744  -1.102  6.638   1.00 39.05  ? 172 ARG A CA  1 
ATOM   860  C C   . ARG A 1 159 ? 12.318  -1.701  5.290   1.00 36.55  ? 172 ARG A C   1 
ATOM   861  O O   . ARG A 1 159 ? 12.987  -2.637  4.823   1.00 38.73  ? 172 ARG A O   1 
ATOM   862  C CB  . ARG A 1 159 ? 12.684  -2.139  7.761   1.00 42.05  ? 172 ARG A CB  1 
ATOM   863  C CG  . ARG A 1 159 ? 13.250  -1.607  9.066   1.00 43.57  ? 172 ARG A CG  1 
ATOM   864  C CD  . ARG A 1 159 ? 13.446  -2.628  10.163  1.00 43.58  ? 172 ARG A CD  1 
ATOM   865  N NE  . ARG A 1 159 ? 13.561  -1.802  11.337  1.00 43.97  ? 172 ARG A NE  1 
ATOM   866  C CZ  . ARG A 1 159 ? 14.689  -1.320  11.836  1.00 43.53  ? 172 ARG A CZ  1 
ATOM   867  N NH1 . ARG A 1 159 ? 15.865  -1.690  11.357  1.00 43.13  ? 172 ARG A NH1 1 
ATOM   868  N NH2 . ARG A 1 159 ? 14.628  -0.509  12.868  1.00 43.79  ? 172 ARG A NH2 1 
ATOM   869  N N   . VAL A 1 160 ? 11.288  -1.167  4.640   1.00 36.15  ? 173 VAL A N   1 
ATOM   870  C CA  . VAL A 1 160 ? 10.807  -1.704  3.329   1.00 34.60  ? 173 VAL A CA  1 
ATOM   871  C C   . VAL A 1 160 ? 11.905  -1.686  2.258   1.00 37.62  ? 173 VAL A C   1 
ATOM   872  O O   . VAL A 1 160 ? 12.008  -2.637  1.477   1.00 35.33  ? 173 VAL A O   1 
ATOM   873  C CB  . VAL A 1 160 ? 9.512   -1.001  2.896   1.00 36.29  ? 173 VAL A CB  1 
ATOM   874  C CG1 . VAL A 1 160 ? 9.261   -1.063  1.400   1.00 37.79  ? 173 VAL A CG1 1 
ATOM   875  C CG2 . VAL A 1 160 ? 8.345   -1.577  3.667   1.00 36.16  ? 173 VAL A CG2 1 
ATOM   876  N N   . PRO A 1 161 ? 12.782  -0.662  2.174   1.00 39.17  ? 174 PRO A N   1 
ATOM   877  C CA  . PRO A 1 161 ? 13.889  -0.692  1.215   1.00 38.80  ? 174 PRO A CA  1 
ATOM   878  C C   . PRO A 1 161 ? 14.918  -1.819  1.385   1.00 40.89  ? 174 PRO A C   1 
ATOM   879  O O   . PRO A 1 161 ? 15.727  -1.976  0.508   1.00 43.35  ? 174 PRO A O   1 
ATOM   880  C CB  . PRO A 1 161 ? 14.596  0.659   1.459   1.00 40.57  ? 174 PRO A CB  1 
ATOM   881  C CG  . PRO A 1 161 ? 13.490  1.537   1.996   1.00 40.59  ? 174 PRO A CG  1 
ATOM   882  C CD  . PRO A 1 161 ? 12.693  0.621   2.894   1.00 39.02  ? 174 PRO A CD  1 
ATOM   883  N N   . ALA A 1 162 ? 14.899  -2.560  2.498   1.00 38.32  ? 175 ALA A N   1 
ATOM   884  C CA  . ALA A 1 162 ? 15.772  -3.738  2.708   1.00 42.26  ? 175 ALA A CA  1 
ATOM   885  C C   . ALA A 1 162 ? 15.164  -4.970  2.026   1.00 40.55  ? 175 ALA A C   1 
ATOM   886  O O   . ALA A 1 162 ? 15.806  -6.023  2.060   1.00 43.78  ? 175 ALA A O   1 
ATOM   887  C CB  . ALA A 1 162 ? 15.977  -3.996  4.179   1.00 43.22  ? 175 ALA A CB  1 
ATOM   888  N N   . LEU A 1 163 ? 13.954  -4.885  1.477   1.00 39.04  ? 176 LEU A N   1 
ATOM   889  C CA  . LEU A 1 163 ? 13.313  -6.085  0.868   1.00 43.31  ? 176 LEU A CA  1 
ATOM   890  C C   . LEU A 1 163 ? 14.019  -6.412  -0.454  1.00 46.29  ? 176 LEU A C   1 
ATOM   891  O O   . LEU A 1 163 ? 14.398  -5.479  -1.169  1.00 45.59  ? 176 LEU A O   1 
ATOM   892  C CB  . LEU A 1 163 ? 11.814  -5.856  0.662   1.00 42.78  ? 176 LEU A CB  1 
ATOM   893  C CG  . LEU A 1 163 ? 10.947  -5.855  1.927   1.00 44.96  ? 176 LEU A CG  1 
ATOM   894  C CD1 . LEU A 1 163 ? 9.518   -5.420  1.590   1.00 43.40  ? 176 LEU A CD1 1 
ATOM   895  C CD2 . LEU A 1 163 ? 10.934  -7.224  2.605   1.00 46.86  ? 176 LEU A CD2 1 
ATOM   896  N N   . LYS A 1 164 ? 14.131  -7.700  -0.768  1.00 48.43  ? 177 LYS A N   1 
ATOM   897  C CA  . LYS A 1 164 ? 14.815  -8.231  -1.973  1.00 54.51  ? 177 LYS A CA  1 
ATOM   898  C C   . LYS A 1 164 ? 13.861  -9.153  -2.743  1.00 48.81  ? 177 LYS A C   1 
ATOM   899  O O   . LYS A 1 164 ? 12.843  -9.595  -2.171  1.00 46.99  ? 177 LYS A O   1 
ATOM   900  C CB  . LYS A 1 164 ? 16.082  -8.985  -1.545  1.00 59.29  ? 177 LYS A CB  1 
ATOM   901  C CG  . LYS A 1 164 ? 17.141  -8.129  -0.863  1.00 65.59  ? 177 LYS A CG  1 
ATOM   902  C CD  . LYS A 1 164 ? 18.262  -8.930  -0.205  1.00 78.03  ? 177 LYS A CD  1 
ATOM   903  C CE  . LYS A 1 164 ? 19.431  -8.073  0.246   1.00 79.54  ? 177 LYS A CE  1 
ATOM   904  N NZ  . LYS A 1 164 ? 20.385  -8.823  1.103   1.00 81.58  ? 177 LYS A NZ  1 
ATOM   905  N N   . LYS A 1 165 ? 14.218  -9.487  -3.980  1.00 52.91  ? 178 LYS A N   1 
ATOM   906  C CA  . LYS A 1 165 ? 13.489  -10.483 -4.806  1.00 53.64  ? 178 LYS A CA  1 
ATOM   907  C C   . LYS A 1 165 ? 13.401  -11.789 -4.014  1.00 48.01  ? 178 LYS A C   1 
ATOM   908  O O   . LYS A 1 165 ? 14.417  -12.183 -3.432  1.00 50.67  ? 178 LYS A O   1 
ATOM   909  C CB  . LYS A 1 165 ? 14.170  -10.672 -6.165  1.00 61.68  ? 178 LYS A CB  1 
ATOM   910  C CG  . LYS A 1 165 ? 13.993  -9.517  -7.148  1.00 71.92  ? 178 LYS A CG  1 
ATOM   911  C CD  . LYS A 1 165 ? 15.234  -8.652  -7.356  1.00 87.54  ? 178 LYS A CD  1 
ATOM   912  C CE  . LYS A 1 165 ? 15.319  -8.013  -8.732  1.00 94.15  ? 178 LYS A CE  1 
ATOM   913  N NZ  . LYS A 1 165 ? 14.712  -6.659  -8.764  1.00 94.96  ? 178 LYS A NZ  1 
ATOM   914  N N   . GLY A 1 166 ? 12.217  -12.403 -3.971  1.00 43.53  ? 179 GLY A N   1 
ATOM   915  C CA  . GLY A 1 166 ? 11.958  -13.677 -3.274  1.00 44.76  ? 179 GLY A CA  1 
ATOM   916  C C   . GLY A 1 166 ? 11.345  -13.464 -1.899  1.00 44.85  ? 179 GLY A C   1 
ATOM   917  O O   . GLY A 1 166 ? 10.742  -14.420 -1.359  1.00 41.79  ? 179 GLY A O   1 
ATOM   918  N N   . ASP A 1 167 ? 11.470  -12.254 -1.330  1.00 45.09  ? 180 ASP A N   1 
ATOM   919  C CA  . ASP A 1 167 ? 10.836  -11.933 -0.031  1.00 40.06  ? 180 ASP A CA  1 
ATOM   920  C C   . ASP A 1 167 ? 9.321   -11.893 -0.239  1.00 36.86  ? 180 ASP A C   1 
ATOM   921  O O   . ASP A 1 167 ? 8.872   -11.496 -1.322  1.00 38.50  ? 180 ASP A O   1 
ATOM   922  C CB  . ASP A 1 167 ? 11.384  -10.646 0.583   1.00 43.72  ? 180 ASP A CB  1 
ATOM   923  C CG  . ASP A 1 167 ? 12.839  -10.700 1.041   1.00 44.99  ? 180 ASP A CG  1 
ATOM   924  O OD1 . ASP A 1 167 ? 13.394  -11.814 1.183   1.00 47.34  ? 180 ASP A OD1 1 
ATOM   925  O OD2 . ASP A 1 167 ? 13.423  -9.615  1.199   1.00 45.97  ? 180 ASP A OD2 1 
ATOM   926  N N   . LYS A 1 168 ? 8.569   -12.288 0.786   1.00 37.06  ? 181 LYS A N   1 
ATOM   927  C CA  . LYS A 1 168 ? 7.098   -12.395 0.751   1.00 37.92  ? 181 LYS A CA  1 
ATOM   928  C C   . LYS A 1 168 ? 6.454   -11.324 1.634   1.00 41.53  ? 181 LYS A C   1 
ATOM   929  O O   . LYS A 1 168 ? 7.046   -10.895 2.639   1.00 37.72  ? 181 LYS A O   1 
ATOM   930  C CB  . LYS A 1 168 ? 6.690   -13.791 1.186   1.00 42.56  ? 181 LYS A CB  1 
ATOM   931  C CG  . LYS A 1 168 ? 7.124   -14.833 0.165   1.00 46.98  ? 181 LYS A CG  1 
ATOM   932  C CD  . LYS A 1 168 ? 6.831   -16.225 0.547   1.00 49.30  ? 181 LYS A CD  1 
ATOM   933  C CE  . LYS A 1 168 ? 7.242   -17.167 -0.565  1.00 55.21  ? 181 LYS A CE  1 
ATOM   934  N NZ  . LYS A 1 168 ? 8.679   -17.025 -0.912  1.00 56.80  ? 181 LYS A NZ  1 
ATOM   935  N N   . PHE A 1 169 ? 5.247   -10.927 1.271   1.00 34.58  ? 182 PHE A N   1 
ATOM   936  C CA  . PHE A 1 169 ? 4.382   -10.128 2.162   1.00 35.24  ? 182 PHE A CA  1 
ATOM   937  C C   . PHE A 1 169 ? 2.952   -10.620 2.010   1.00 34.69  ? 182 PHE A C   1 
ATOM   938  O O   . PHE A 1 169 ? 2.619   -11.289 0.990   1.00 33.95  ? 182 PHE A O   1 
ATOM   939  C CB  . PHE A 1 169 ? 4.570   -8.628  1.923   1.00 34.26  ? 182 PHE A CB  1 
ATOM   940  C CG  . PHE A 1 169 ? 4.276   -8.107  0.547   1.00 36.30  ? 182 PHE A CG  1 
ATOM   941  C CD1 . PHE A 1 169 ? 2.988   -7.738  0.184   1.00 36.21  ? 182 PHE A CD1 1 
ATOM   942  C CD2 . PHE A 1 169 ? 5.299   -7.937  -0.376  1.00 37.02  ? 182 PHE A CD2 1 
ATOM   943  C CE1 . PHE A 1 169 ? 2.731   -7.228  -1.079  1.00 35.81  ? 182 PHE A CE1 1 
ATOM   944  C CE2 . PHE A 1 169 ? 5.034   -7.412  -1.631  1.00 37.45  ? 182 PHE A CE2 1 
ATOM   945  C CZ  . PHE A 1 169 ? 3.751   -7.073  -1.988  1.00 34.04  ? 182 PHE A CZ  1 
ATOM   946  N N   . PHE A 1 170 ? 2.152   -10.308 3.020   1.00 34.03  ? 183 PHE A N   1 
ATOM   947  C CA  . PHE A 1 170 ? 0.790   -10.852 3.203   1.00 37.21  ? 183 PHE A CA  1 
ATOM   948  C C   . PHE A 1 170 ? -0.195  -9.701  3.421   1.00 37.28  ? 183 PHE A C   1 
ATOM   949  O O   . PHE A 1 170 ? 0.131   -8.670  4.099   1.00 36.34  ? 183 PHE A O   1 
ATOM   950  C CB  . PHE A 1 170 ? 0.816   -11.903 4.314   1.00 38.42  ? 183 PHE A CB  1 
ATOM   951  C CG  . PHE A 1 170 ? 1.852   -12.967 4.063   1.00 41.58  ? 183 PHE A CG  1 
ATOM   952  C CD1 . PHE A 1 170 ? 3.158   -12.798 4.503   1.00 39.45  ? 183 PHE A CD1 1 
ATOM   953  C CD2 . PHE A 1 170 ? 1.534   -14.104 3.337   1.00 40.44  ? 183 PHE A CD2 1 
ATOM   954  C CE1 . PHE A 1 170 ? 4.125   -13.742 4.216   1.00 44.81  ? 183 PHE A CE1 1 
ATOM   955  C CE2 . PHE A 1 170 ? 2.500   -15.059 3.076   1.00 46.69  ? 183 PHE A CE2 1 
ATOM   956  C CZ  . PHE A 1 170 ? 3.796   -14.874 3.505   1.00 45.97  ? 183 PHE A CZ  1 
ATOM   957  N N   . ILE A 1 171 ? -1.380  -9.893  2.843   1.00 38.46  ? 184 ILE A N   1 
ATOM   958  C CA  . ILE A 1 171 ? -2.553  -8.985  2.950   1.00 39.83  ? 184 ILE A CA  1 
ATOM   959  C C   . ILE A 1 171 ? -3.681  -9.779  3.603   1.00 41.10  ? 184 ILE A C   1 
ATOM   960  O O   . ILE A 1 171 ? -4.002  -10.851 3.085   1.00 40.45  ? 184 ILE A O   1 
ATOM   961  C CB  . ILE A 1 171 ? -2.977  -8.472  1.563   1.00 39.47  ? 184 ILE A CB  1 
ATOM   962  C CG1 . ILE A 1 171 ? -1.835  -7.745  0.850   1.00 38.82  ? 184 ILE A CG1 1 
ATOM   963  C CG2 . ILE A 1 171 ? -4.231  -7.619  1.684   1.00 41.35  ? 184 ILE A CG2 1 
ATOM   964  C CD1 . ILE A 1 171 ? -1.565  -6.355  1.364   1.00 41.02  ? 184 ILE A CD1 1 
ATOM   965  N N   . SER A 1 172 ? -4.216  -9.289  4.715   1.00 37.80  ? 185 SER A N   1 
ATOM   966  C CA  . SER A 1 172 ? -5.501  -9.757  5.296   1.00 46.57  ? 185 SER A CA  1 
ATOM   967  C C   . SER A 1 172 ? -6.554  -8.713  4.916   1.00 46.80  ? 185 SER A C   1 
ATOM   968  O O   . SER A 1 172 ? -6.326  -7.536  5.244   1.00 43.37  ? 185 SER A O   1 
ATOM   969  C CB  . SER A 1 172 ? -5.412  -9.934  6.787   1.00 45.92  ? 185 SER A CB  1 
ATOM   970  O OG  . SER A 1 172 ? -4.284  -10.718 7.126   1.00 56.04  ? 185 SER A OG  1 
ATOM   971  N N   . ILE A 1 173 ? -7.615  -9.108  4.211   1.00 46.35  ? 186 ILE A N   1 
ATOM   972  C CA  . ILE A 1 173 ? -8.642  -8.153  3.691   1.00 46.83  ? 186 ILE A CA  1 
ATOM   973  C C   . ILE A 1 173 ? -9.978  -8.885  3.613   1.00 58.08  ? 186 ILE A C   1 
ATOM   974  O O   . ILE A 1 173 ? -10.062 -9.909  2.909   1.00 59.90  ? 186 ILE A O   1 
ATOM   975  C CB  . ILE A 1 173 ? -8.239  -7.526  2.340   1.00 48.83  ? 186 ILE A CB  1 
ATOM   976  C CG1 . ILE A 1 173 ? -9.367  -6.621  1.807   1.00 52.45  ? 186 ILE A CG1 1 
ATOM   977  C CG2 . ILE A 1 173 ? -7.845  -8.606  1.333   1.00 50.88  ? 186 ILE A CG2 1 
ATOM   978  C CD1 . ILE A 1 173 ? -8.936  -5.592  0.783   1.00 50.05  ? 186 ILE A CD1 1 
ATOM   979  N N   . GLY A 1 174 ? -10.966 -8.390  4.357   1.00 68.28  ? 187 GLY A N   1 
ATOM   980  C CA  . GLY A 1 174 ? -12.251 -9.074  4.589   1.00 73.41  ? 187 GLY A CA  1 
ATOM   981  C C   . GLY A 1 174 ? -12.050 -10.507 5.052   1.00 78.42  ? 187 GLY A C   1 
ATOM   982  O O   . GLY A 1 174 ? -11.415 -10.706 6.105   1.00 79.04  ? 187 GLY A O   1 
ATOM   983  N N   . ASN A 1 175 ? -12.593 -11.464 4.291   1.00 82.14  ? 188 ASN A N   1 
ATOM   984  C CA  . ASN A 1 175 ? -12.538 -12.924 4.564   1.00 86.09  ? 188 ASN A CA  1 
ATOM   985  C C   . ASN A 1 175 ? -11.517 -13.553 3.610   1.00 80.89  ? 188 ASN A C   1 
ATOM   986  O O   . ASN A 1 175 ? -11.929 -14.387 2.777   1.00 94.15  ? 188 ASN A O   1 
ATOM   987  C CB  . ASN A 1 175 ? -13.913 -13.575 4.411   1.00 30.00  ? 188 ASN A CB  1 
ATOM   988  N N   . HIS A 1 176 ? -10.248 -13.150 3.706   1.00 66.38  ? 189 HIS A N   1 
ATOM   989  C CA  . HIS A 1 176 ? -9.190  -13.520 2.733   1.00 61.04  ? 189 HIS A CA  1 
ATOM   990  C C   . HIS A 1 176 ? -7.790  -13.197 3.276   1.00 55.67  ? 189 HIS A C   1 
ATOM   991  O O   . HIS A 1 176 ? -7.588  -12.098 3.860   1.00 49.41  ? 189 HIS A O   1 
ATOM   992  C CB  . HIS A 1 176 ? -9.473  -12.857 1.375   1.00 63.25  ? 189 HIS A CB  1 
ATOM   993  N N   . LYS A 1 177 ? -6.855  -14.129 3.073   1.00 50.03  ? 190 LYS A N   1 
ATOM   994  C CA  . LYS A 1 177 ? -5.398  -13.912 3.255   1.00 50.53  ? 190 LYS A CA  1 
ATOM   995  C C   . LYS A 1 177 ? -4.712  -14.126 1.904   1.00 46.80  ? 190 LYS A C   1 
ATOM   996  O O   . LYS A 1 177 ? -4.975  -15.165 1.270   1.00 44.06  ? 190 LYS A O   1 
ATOM   997  C CB  . LYS A 1 177 ? -4.836  -14.846 4.332   1.00 57.93  ? 190 LYS A CB  1 
ATOM   998  C CG  . LYS A 1 177 ? -5.645  -14.896 5.621   1.00 64.32  ? 190 LYS A CG  1 
ATOM   999  C CD  . LYS A 1 177 ? -4.858  -14.529 6.860   1.00 67.36  ? 190 LYS A CD  1 
ATOM   1000 C CE  . LYS A 1 177 ? -5.712  -14.489 8.114   1.00 68.50  ? 190 LYS A CE  1 
ATOM   1001 N NZ  . LYS A 1 177 ? -6.402  -15.780 8.351   1.00 73.95  ? 190 LYS A NZ  1 
ATOM   1002 N N   . LEU A 1 178 ? -3.882  -13.174 1.478   1.00 39.20  ? 191 LEU A N   1 
ATOM   1003 C CA  . LEU A 1 178 ? -3.218  -13.199 0.147   1.00 42.05  ? 191 LEU A CA  1 
ATOM   1004 C C   . LEU A 1 178 ? -1.707  -13.164 0.364   1.00 38.97  ? 191 LEU A C   1 
ATOM   1005 O O   . LEU A 1 178 ? -1.246  -12.408 1.258   1.00 34.50  ? 191 LEU A O   1 
ATOM   1006 C CB  . LEU A 1 178 ? -3.680  -12.001 -0.689  1.00 43.79  ? 191 LEU A CB  1 
ATOM   1007 C CG  . LEU A 1 178 ? -5.181  -11.724 -0.670  1.00 47.18  ? 191 LEU A CG  1 
ATOM   1008 C CD1 . LEU A 1 178 ? -5.485  -10.398 -1.338  1.00 53.99  ? 191 LEU A CD1 1 
ATOM   1009 C CD2 . LEU A 1 178 ? -5.947  -12.848 -1.346  1.00 53.97  ? 191 LEU A CD2 1 
ATOM   1010 N N   . ALA A 1 179 ? -0.970  -13.963 -0.408  1.00 35.67  ? 192 ALA A N   1 
ATOM   1011 C CA  . ALA A 1 179 ? 0.508   -13.974 -0.409  1.00 35.55  ? 192 ALA A CA  1 
ATOM   1012 C C   . ALA A 1 179 ? 1.028   -13.280 -1.673  1.00 35.64  ? 192 ALA A C   1 
ATOM   1013 O O   . ALA A 1 179 ? 0.455   -13.479 -2.760  1.00 39.36  ? 192 ALA A O   1 
ATOM   1014 C CB  . ALA A 1 179 ? 0.999   -15.391 -0.296  1.00 36.75  ? 192 ALA A CB  1 
ATOM   1015 N N   . TYR A 1 180 ? 2.052   -12.450 -1.519  1.00 38.48  ? 193 TYR A N   1 
ATOM   1016 C CA  . TYR A 1 180 ? 2.777   -11.785 -2.626  1.00 38.38  ? 193 TYR A CA  1 
ATOM   1017 C C   . TYR A 1 180 ? 4.268   -12.085 -2.474  1.00 42.05  ? 193 TYR A C   1 
ATOM   1018 O O   . TYR A 1 180 ? 4.776   -12.149 -1.337  1.00 41.37  ? 193 TYR A O   1 
ATOM   1019 C CB  . TYR A 1 180 ? 2.460   -10.290 -2.646  1.00 37.63  ? 193 TYR A CB  1 
ATOM   1020 C CG  . TYR A 1 180 ? 1.051   -10.037 -3.112  1.00 39.45  ? 193 TYR A CG  1 
ATOM   1021 C CD1 . TYR A 1 180 ? -0.014  -10.031 -2.219  1.00 41.25  ? 193 TYR A CD1 1 
ATOM   1022 C CD2 . TYR A 1 180 ? 0.777   -9.871  -4.456  1.00 40.96  ? 193 TYR A CD2 1 
ATOM   1023 C CE1 . TYR A 1 180 ? -1.320  -9.865  -2.663  1.00 44.24  ? 193 TYR A CE1 1 
ATOM   1024 C CE2 . TYR A 1 180 ? -0.518  -9.695  -4.914  1.00 41.28  ? 193 TYR A CE2 1 
ATOM   1025 C CZ  . TYR A 1 180 ? -1.570  -9.705  -4.018  1.00 41.17  ? 193 TYR A CZ  1 
ATOM   1026 O OH  . TYR A 1 180 ? -2.840  -9.542  -4.482  1.00 42.58  ? 193 TYR A OH  1 
ATOM   1027 N N   . GLN A 1 181 ? 4.932   -12.307 -3.599  1.00 39.41  ? 194 GLN A N   1 
ATOM   1028 C CA  . GLN A 1 181 ? 6.400   -12.499 -3.649  1.00 42.35  ? 194 GLN A CA  1 
ATOM   1029 C C   . GLN A 1 181 ? 7.001   -11.319 -4.412  1.00 39.90  ? 194 GLN A C   1 
ATOM   1030 O O   . GLN A 1 181 ? 6.554   -11.091 -5.551  1.00 39.82  ? 194 GLN A O   1 
ATOM   1031 C CB  . GLN A 1 181 ? 6.753   -13.821 -4.328  1.00 39.88  ? 194 GLN A CB  1 
ATOM   1032 C CG  . GLN A 1 181 ? 8.240   -14.129 -4.331  1.00 41.23  ? 194 GLN A CG  1 
ATOM   1033 C CD  . GLN A 1 181 ? 8.499   -15.586 -4.657  1.00 49.14  ? 194 GLN A CD  1 
ATOM   1034 O OE1 . GLN A 1 181 ? 8.115   -16.499 -3.927  1.00 55.97  ? 194 GLN A OE1 1 
ATOM   1035 N NE2 . GLN A 1 181 ? 9.196   -15.820 -5.746  1.00 44.96  ? 194 GLN A NE2 1 
ATOM   1036 N N   . VAL A 1 182 ? 8.000   -10.654 -3.818  1.00 37.42  ? 195 VAL A N   1 
ATOM   1037 C CA  . VAL A 1 182 ? 8.745   -9.517  -4.438  1.00 38.28  ? 195 VAL A CA  1 
ATOM   1038 C C   . VAL A 1 182 ? 9.515   -10.028 -5.658  1.00 41.17  ? 195 VAL A C   1 
ATOM   1039 O O   . VAL A 1 182 ? 10.236  -11.017 -5.520  1.00 42.20  ? 195 VAL A O   1 
ATOM   1040 C CB  . VAL A 1 182 ? 9.690   -8.865  -3.416  1.00 38.90  ? 195 VAL A CB  1 
ATOM   1041 C CG1 . VAL A 1 182 ? 10.660  -7.879  -4.056  1.00 39.17  ? 195 VAL A CG1 1 
ATOM   1042 C CG2 . VAL A 1 182 ? 8.896   -8.212  -2.293  1.00 38.61  ? 195 VAL A CG2 1 
ATOM   1043 N N   . PHE A 1 183 ? 9.363   -9.385  -6.815  1.00 43.12  ? 196 PHE A N   1 
ATOM   1044 C CA  . PHE A 1 183 ? 10.143  -9.741  -8.029  1.00 46.49  ? 196 PHE A CA  1 
ATOM   1045 C C   . PHE A 1 183 ? 10.772  -8.492  -8.654  1.00 47.93  ? 196 PHE A C   1 
ATOM   1046 O O   . PHE A 1 183 ? 11.534  -8.676  -9.593  1.00 48.68  ? 196 PHE A O   1 
ATOM   1047 C CB  . PHE A 1 183 ? 9.260   -10.479 -9.036  1.00 47.60  ? 196 PHE A CB  1 
ATOM   1048 C CG  . PHE A 1 183 ? 8.163   -9.640  -9.637  1.00 49.25  ? 196 PHE A CG  1 
ATOM   1049 C CD1 . PHE A 1 183 ? 7.003   -9.375  -8.928  1.00 50.90  ? 196 PHE A CD1 1 
ATOM   1050 C CD2 . PHE A 1 183 ? 8.290   -9.109  -10.910 1.00 55.08  ? 196 PHE A CD2 1 
ATOM   1051 C CE1 . PHE A 1 183 ? 5.997   -8.602  -9.482  1.00 48.44  ? 196 PHE A CE1 1 
ATOM   1052 C CE2 . PHE A 1 183 ? 7.284   -8.332  -11.459 1.00 53.29  ? 196 PHE A CE2 1 
ATOM   1053 C CZ  . PHE A 1 183 ? 6.141   -8.080  -10.742 1.00 51.50  ? 196 PHE A CZ  1 
ATOM   1054 N N   . LYS A 1 184 ? 10.471  -7.279  -8.172  1.00 47.19  ? 197 LYS A N   1 
ATOM   1055 C CA  . LYS A 1 184 ? 10.933  -6.038  -8.850  1.00 49.50  ? 197 LYS A CA  1 
ATOM   1056 C C   . LYS A 1 184 ? 11.124  -4.905  -7.837  1.00 47.46  ? 197 LYS A C   1 
ATOM   1057 O O   . LYS A 1 184 ? 10.258  -4.713  -6.976  1.00 43.30  ? 197 LYS A O   1 
ATOM   1058 C CB  . LYS A 1 184 ? 9.938   -5.624  -9.936  1.00 49.56  ? 197 LYS A CB  1 
ATOM   1059 C CG  . LYS A 1 184 ? 10.489  -4.637  -10.950 1.00 56.78  ? 197 LYS A CG  1 
ATOM   1060 C CD  . LYS A 1 184 ? 9.431   -4.027  -11.839 1.00 65.43  ? 197 LYS A CD  1 
ATOM   1061 C CE  . LYS A 1 184 ? 8.660   -5.050  -12.643 1.00 70.81  ? 197 LYS A CE  1 
ATOM   1062 N NZ  . LYS A 1 184 ? 7.864   -4.405  -13.713 1.00 80.01  ? 197 LYS A NZ  1 
ATOM   1063 N N   . ARG A 1 185 ? 12.250  -4.204  -7.955  1.00 51.18  ? 198 ARG A N   1 
ATOM   1064 C CA  . ARG A 1 185 ? 12.592  -2.970  -7.202  1.00 52.76  ? 198 ARG A CA  1 
ATOM   1065 C C   . ARG A 1 185 ? 12.911  -1.918  -8.261  1.00 52.31  ? 198 ARG A C   1 
ATOM   1066 O O   . ARG A 1 185 ? 13.709  -2.223  -9.157  1.00 47.85  ? 198 ARG A O   1 
ATOM   1067 C CB  . ARG A 1 185 ? 13.790  -3.174  -6.266  1.00 54.39  ? 198 ARG A CB  1 
ATOM   1068 C CG  . ARG A 1 185 ? 13.620  -4.314  -5.269  1.00 66.14  ? 198 ARG A CG  1 
ATOM   1069 C CD  . ARG A 1 185 ? 14.866  -4.641  -4.446  1.00 67.91  ? 198 ARG A CD  1 
ATOM   1070 N NE  . ARG A 1 185 ? 15.054  -3.715  -3.331  1.00 75.57  ? 198 ARG A NE  1 
ATOM   1071 C CZ  . ARG A 1 185 ? 15.755  -2.579  -3.378  1.00 70.95  ? 198 ARG A CZ  1 
ATOM   1072 N NH1 . ARG A 1 185 ? 15.839  -1.817  -2.300  1.00 66.40  ? 198 ARG A NH1 1 
ATOM   1073 N NH2 . ARG A 1 185 ? 16.364  -2.197  -4.489  1.00 68.80  ? 198 ARG A NH2 1 
ATOM   1074 N N   . GLN A 1 186 ? 12.275  -0.751  -8.192  1.00 45.95  ? 199 GLN A N   1 
ATOM   1075 C CA  . GLN A 1 186 ? 12.600  0.362   -9.112  1.00 49.13  ? 199 GLN A CA  1 
ATOM   1076 C C   . GLN A 1 186 ? 12.529  1.680   -8.359  1.00 44.92  ? 199 GLN A C   1 
ATOM   1077 O O   . GLN A 1 186 ? 11.801  1.786   -7.327  1.00 41.30  ? 199 GLN A O   1 
ATOM   1078 C CB  . GLN A 1 186 ? 11.723  0.362   -10.372 1.00 54.22  ? 199 GLN A CB  1 
ATOM   1079 C CG  . GLN A 1 186 ? 10.225  0.290   -10.135 1.00 58.45  ? 199 GLN A CG  1 
ATOM   1080 C CD  . GLN A 1 186 ? 9.480   -0.166  -11.371 1.00 63.68  ? 199 GLN A CD  1 
ATOM   1081 O OE1 . GLN A 1 186 ? 9.789   0.226   -12.496 1.00 68.98  ? 199 GLN A OE1 1 
ATOM   1082 N NE2 . GLN A 1 186 ? 8.469   -0.993  -11.167 1.00 63.61  ? 199 GLN A NE2 1 
ATOM   1083 N N   . VAL A 1 187 ? 13.299  2.634   -8.863  1.00 43.11  ? 200 VAL A N   1 
ATOM   1084 C CA  . VAL A 1 187 ? 13.235  4.052   -8.441  1.00 46.45  ? 200 VAL A CA  1 
ATOM   1085 C C   . VAL A 1 187 ? 12.596  4.840   -9.581  1.00 46.76  ? 200 VAL A C   1 
ATOM   1086 O O   . VAL A 1 187 ? 13.087  4.744   -10.738 1.00 47.46  ? 200 VAL A O   1 
ATOM   1087 C CB  . VAL A 1 187 ? 14.627  4.586   -8.064  1.00 50.72  ? 200 VAL A CB  1 
ATOM   1088 C CG1 . VAL A 1 187 ? 14.554  6.030   -7.575  1.00 48.77  ? 200 VAL A CG1 1 
ATOM   1089 C CG2 . VAL A 1 187 ? 15.281  3.700   -7.012  1.00 49.89  ? 200 VAL A CG2 1 
ATOM   1090 N N   . ILE A 1 188 ? 11.566  5.616   -9.260  1.00 44.48  ? 201 ILE A N   1 
ATOM   1091 C CA  . ILE A 1 188 ? 10.845  6.461   -10.257 1.00 47.77  ? 201 ILE A CA  1 
ATOM   1092 C C   . ILE A 1 188 ? 10.919  7.917   -9.794  1.00 49.41  ? 201 ILE A C   1 
ATOM   1093 O O   . ILE A 1 188 ? 11.246  8.147   -8.596  1.00 48.93  ? 201 ILE A O   1 
ATOM   1094 C CB  . ILE A 1 188 ? 9.392   5.978   -10.457 1.00 47.22  ? 201 ILE A CB  1 
ATOM   1095 C CG1 . ILE A 1 188 ? 8.572   6.031   -9.166  1.00 47.65  ? 201 ILE A CG1 1 
ATOM   1096 C CG2 . ILE A 1 188 ? 9.360   4.591   -11.075 1.00 47.23  ? 201 ILE A CG2 1 
ATOM   1097 C CD1 . ILE A 1 188 ? 7.080   5.993   -9.407  1.00 47.19  ? 201 ILE A CD1 1 
ATOM   1098 N N   . GLU A 1 189 ? 10.649  8.847   -10.714 1.00 46.96  ? 202 GLU A N   1 
ATOM   1099 C CA  . GLU A 1 189 ? 10.356  10.265  -10.391 1.00 51.42  ? 202 GLU A CA  1 
ATOM   1100 C C   . GLU A 1 189 ? 9.005   10.314  -9.678  1.00 45.53  ? 202 GLU A C   1 
ATOM   1101 O O   . GLU A 1 189 ? 8.087   9.583   -10.029 1.00 42.69  ? 202 GLU A O   1 
ATOM   1102 C CB  . GLU A 1 189 ? 10.326  11.136  -11.652 1.00 58.42  ? 202 GLU A CB  1 
ATOM   1103 C CG  . GLU A 1 189 ? 11.636  11.167  -12.434 1.00 68.04  ? 202 GLU A CG  1 
ATOM   1104 C CD  . GLU A 1 189 ? 12.746  12.033  -11.860 1.00 76.37  ? 202 GLU A CD  1 
ATOM   1105 O OE1 . GLU A 1 189 ? 13.882  11.946  -12.375 1.00 84.30  ? 202 GLU A OE1 1 
ATOM   1106 O OE2 . GLU A 1 189 ? 12.478  12.794  -10.904 1.00 83.55  ? 202 GLU A OE2 1 
ATOM   1107 N N   . PRO A 1 190 ? 8.817   11.228  -8.705  1.00 43.60  ? 203 PRO A N   1 
ATOM   1108 C CA  . PRO A 1 190 ? 7.561   11.299  -7.949  1.00 46.88  ? 203 PRO A CA  1 
ATOM   1109 C C   . PRO A 1 190 ? 6.309   11.574  -8.812  1.00 49.24  ? 203 PRO A C   1 
ATOM   1110 O O   . PRO A 1 190 ? 5.215   11.218  -8.400  1.00 48.57  ? 203 PRO A O   1 
ATOM   1111 C CB  . PRO A 1 190 ? 7.782   12.441  -6.934  1.00 49.46  ? 203 PRO A CB  1 
ATOM   1112 C CG  . PRO A 1 190 ? 9.053   13.166  -7.375  1.00 50.02  ? 203 PRO A CG  1 
ATOM   1113 C CD  . PRO A 1 190 ? 9.800   12.247  -8.314  1.00 45.08  ? 203 PRO A CD  1 
ATOM   1114 N N   . SER A 1 191 ? 6.499   12.153  -9.999  1.00 49.04  ? 204 SER A N   1 
ATOM   1115 C CA  . SER A 1 191 ? 5.441   12.519  -10.973 1.00 57.00  ? 204 SER A CA  1 
ATOM   1116 C C   . SER A 1 191 ? 5.123   11.339  -11.909 1.00 54.57  ? 204 SER A C   1 
ATOM   1117 O O   . SER A 1 191 ? 4.103   11.396  -12.629 1.00 55.50  ? 204 SER A O   1 
ATOM   1118 C CB  . SER A 1 191 ? 5.889   13.729  -11.759 1.00 63.27  ? 204 SER A CB  1 
ATOM   1119 O OG  . SER A 1 191 ? 7.187   13.495  -12.314 1.00 67.68  ? 204 SER A OG  1 
ATOM   1120 N N   . ASP A 1 192 ? 5.977   10.322  -11.958 1.00 52.75  ? 205 ASP A N   1 
ATOM   1121 C CA  . ASP A 1 192 ? 5.817   9.191   -12.916 1.00 53.83  ? 205 ASP A CA  1 
ATOM   1122 C C   . ASP A 1 192 ? 4.672   8.304   -12.412 1.00 52.21  ? 205 ASP A C   1 
ATOM   1123 O O   . ASP A 1 192 ? 4.788   7.801   -11.303 1.00 53.55  ? 205 ASP A O   1 
ATOM   1124 C CB  . ASP A 1 192 ? 7.128   8.410   -13.071 1.00 58.83  ? 205 ASP A CB  1 
ATOM   1125 C CG  . ASP A 1 192 ? 7.266   7.622   -14.365 1.00 66.24  ? 205 ASP A CG  1 
ATOM   1126 O OD1 . ASP A 1 192 ? 6.308   7.607   -15.158 1.00 67.54  ? 205 ASP A OD1 1 
ATOM   1127 O OD2 . ASP A 1 192 ? 8.336   7.027   -14.573 1.00 75.49  ? 205 ASP A OD2 1 
ATOM   1128 N N   . THR A 1 193 ? 3.581   8.161   -13.165 1.00 52.05  ? 206 THR A N   1 
ATOM   1129 C CA  . THR A 1 193 ? 2.437   7.285   -12.794 1.00 56.83  ? 206 THR A CA  1 
ATOM   1130 C C   . THR A 1 193 ? 2.430   5.987   -13.624 1.00 58.36  ? 206 THR A C   1 
ATOM   1131 O O   . THR A 1 193 ? 1.619   5.106   -13.292 1.00 53.53  ? 206 THR A O   1 
ATOM   1132 C CB  . THR A 1 193 ? 1.103   8.019   -12.956 1.00 58.61  ? 206 THR A CB  1 
ATOM   1133 O OG1 . THR A 1 193 ? 1.035   8.447   -14.311 1.00 63.55  ? 206 THR A OG1 1 
ATOM   1134 C CG2 . THR A 1 193 ? 0.948   9.204   -12.027 1.00 62.59  ? 206 THR A CG2 1 
ATOM   1135 N N   . ARG A 1 194 ? 3.282   5.867   -14.651 1.00 60.48  ? 207 ARG A N   1 
ATOM   1136 C CA  . ARG A 1 194 ? 3.294   4.723   -15.610 1.00 65.94  ? 207 ARG A CA  1 
ATOM   1137 C C   . ARG A 1 194 ? 3.400   3.393   -14.856 1.00 60.08  ? 207 ARG A C   1 
ATOM   1138 O O   . ARG A 1 194 ? 2.580   2.485   -15.136 1.00 55.13  ? 207 ARG A O   1 
ATOM   1139 C CB  . ARG A 1 194 ? 4.462   4.834   -16.599 1.00 71.26  ? 207 ARG A CB  1 
ATOM   1140 C CG  . ARG A 1 194 ? 4.300   5.957   -17.613 1.00 83.41  ? 207 ARG A CG  1 
ATOM   1141 C CD  . ARG A 1 194 ? 5.602   6.356   -18.289 1.00 92.56  ? 207 ARG A CD  1 
ATOM   1142 N NE  . ARG A 1 194 ? 5.663   7.807   -18.443 1.00 93.97  ? 207 ARG A NE  1 
ATOM   1143 C CZ  . ARG A 1 194 ? 5.422   8.493   -19.564 1.00 97.37  ? 207 ARG A CZ  1 
ATOM   1144 N NH1 . ARG A 1 194 ? 5.112   7.876   -20.693 1.00 100.60 ? 207 ARG A NH1 1 
ATOM   1145 N NH2 . ARG A 1 194 ? 5.506   9.812   -19.548 1.00 100.04 ? 207 ARG A NH2 1 
ATOM   1146 N N   . GLN A 1 195 ? 4.373   3.285   -13.945 1.00 56.53  ? 208 GLN A N   1 
ATOM   1147 C CA  . GLN A 1 195 ? 4.676   2.035   -13.199 1.00 54.39  ? 208 GLN A CA  1 
ATOM   1148 C C   . GLN A 1 195 ? 3.628   1.789   -12.104 1.00 49.30  ? 208 GLN A C   1 
ATOM   1149 O O   . GLN A 1 195 ? 3.695   0.728   -11.445 1.00 47.73  ? 208 GLN A O   1 
ATOM   1150 C CB  . GLN A 1 195 ? 6.085   2.130   -12.615 1.00 59.95  ? 208 GLN A CB  1 
ATOM   1151 C CG  . GLN A 1 195 ? 7.160   2.180   -13.694 1.00 65.95  ? 208 GLN A CG  1 
ATOM   1152 C CD  . GLN A 1 195 ? 7.188   0.908   -14.511 1.00 65.84  ? 208 GLN A CD  1 
ATOM   1153 O OE1 . GLN A 1 195 ? 6.985   -0.195  -13.999 1.00 72.12  ? 208 GLN A OE1 1 
ATOM   1154 N NE2 . GLN A 1 195 ? 7.446   1.052   -15.798 1.00 69.95  ? 208 GLN A NE2 1 
ATOM   1155 N N   . LEU A 1 196 ? 2.704   2.726   -11.892 1.00 43.79  ? 209 LEU A N   1 
ATOM   1156 C CA  . LEU A 1 196 ? 1.684   2.635   -10.816 1.00 41.79  ? 209 LEU A CA  1 
ATOM   1157 C C   . LEU A 1 196 ? 0.323   2.265   -11.413 1.00 43.41  ? 209 LEU A C   1 
ATOM   1158 O O   . LEU A 1 196 ? -0.638  2.121   -10.650 1.00 45.51  ? 209 LEU A O   1 
ATOM   1159 C CB  . LEU A 1 196 ? 1.665   3.961   -10.065 1.00 43.23  ? 209 LEU A CB  1 
ATOM   1160 C CG  . LEU A 1 196 ? 3.039   4.427   -9.585  1.00 46.16  ? 209 LEU A CG  1 
ATOM   1161 C CD1 . LEU A 1 196 ? 2.944   5.791   -8.923  1.00 49.36  ? 209 LEU A CD1 1 
ATOM   1162 C CD2 . LEU A 1 196 ? 3.650   3.431   -8.626  1.00 45.08  ? 209 LEU A CD2 1 
ATOM   1163 N N   . ARG A 1 197 ? 0.262   2.041   -12.723 1.00 46.50  ? 210 ARG A N   1 
ATOM   1164 C CA  . ARG A 1 197 ? -0.989  1.661   -13.426 1.00 50.83  ? 210 ARG A CA  1 
ATOM   1165 C C   . ARG A 1 197 ? -1.217  0.149   -13.338 1.00 47.37  ? 210 ARG A C   1 
ATOM   1166 O O   . ARG A 1 197 ? -0.276  -0.588  -13.060 1.00 46.25  ? 210 ARG A O   1 
ATOM   1167 C CB  . ARG A 1 197 ? -0.927  2.089   -14.892 1.00 55.46  ? 210 ARG A CB  1 
ATOM   1168 C CG  . ARG A 1 197 ? -1.118  3.583   -15.086 1.00 64.50  ? 210 ARG A CG  1 
ATOM   1169 C CD  . ARG A 1 197 ? -0.716  4.018   -16.482 1.00 72.26  ? 210 ARG A CD  1 
ATOM   1170 N NE  . ARG A 1 197 ? -1.040  5.423   -16.674 1.00 83.11  ? 210 ARG A NE  1 
ATOM   1171 C CZ  . ARG A 1 197 ? -2.240  5.888   -17.001 1.00 95.16  ? 210 ARG A CZ  1 
ATOM   1172 N NH1 . ARG A 1 197 ? -3.255  5.059   -17.187 1.00 95.81  ? 210 ARG A NH1 1 
ATOM   1173 N NH2 . ARG A 1 197 ? -2.423  7.191   -17.142 1.00 106.88 ? 210 ARG A NH2 1 
ATOM   1174 N N   . ILE A 1 198 ? -2.449  -0.281  -13.588 1.00 50.80  ? 211 ILE A N   1 
ATOM   1175 C CA  . ILE A 1 198 ? -2.834  -1.715  -13.657 1.00 54.55  ? 211 ILE A CA  1 
ATOM   1176 C C   . ILE A 1 198 ? -2.107  -2.353  -14.847 1.00 54.48  ? 211 ILE A C   1 
ATOM   1177 O O   . ILE A 1 198 ? -2.222  -1.817  -15.938 1.00 54.08  ? 211 ILE A O   1 
ATOM   1178 C CB  . ILE A 1 198 ? -4.361  -1.847  -13.754 1.00 56.31  ? 211 ILE A CB  1 
ATOM   1179 C CG1 . ILE A 1 198 ? -5.007  -1.476  -12.418 1.00 56.42  ? 211 ILE A CG1 1 
ATOM   1180 C CG2 . ILE A 1 198 ? -4.756  -3.242  -14.228 1.00 57.55  ? 211 ILE A CG2 1 
ATOM   1181 C CD1 . ILE A 1 198 ? -6.479  -1.129  -12.520 1.00 60.88  ? 211 ILE A CD1 1 
ATOM   1182 N N   . VAL A 1 199 ? -1.329  -3.411  -14.604 1.00 54.03  ? 212 VAL A N   1 
ATOM   1183 C CA  . VAL A 1 199 ? -0.754  -4.288  -15.664 1.00 57.56  ? 212 VAL A CA  1 
ATOM   1184 C C   . VAL A 1 199 ? -1.798  -5.345  -16.016 1.00 59.57  ? 212 VAL A C   1 
ATOM   1185 O O   . VAL A 1 199 ? -2.148  -6.184  -15.168 1.00 53.75  ? 212 VAL A O   1 
ATOM   1186 C CB  . VAL A 1 199 ? 0.575   -4.944  -15.244 1.00 58.55  ? 212 VAL A CB  1 
ATOM   1187 C CG1 . VAL A 1 199 ? 1.161   -5.757  -16.399 1.00 58.78  ? 212 VAL A CG1 1 
ATOM   1188 C CG2 . VAL A 1 199 ? 1.571   -3.915  -14.730 1.00 57.32  ? 212 VAL A CG2 1 
ATOM   1189 N N   . PRO A 1 200 ? -2.360  -5.307  -17.250 1.00 62.72  ? 213 PRO A N   1 
ATOM   1190 C CA  . PRO A 1 200 ? -3.383  -6.268  -17.659 1.00 64.98  ? 213 PRO A CA  1 
ATOM   1191 C C   . PRO A 1 200 ? -2.889  -7.754  -17.492 1.00 63.67  ? 213 PRO A C   1 
ATOM   1192 O O   . PRO A 1 200 ? -1.717  -7.982  -17.719 1.00 68.60  ? 213 PRO A O   1 
ATOM   1193 C CB  . PRO A 1 200 ? -3.678  -5.955  -19.147 1.00 70.32  ? 213 PRO A CB  1 
ATOM   1194 C CG  . PRO A 1 200 ? -2.599  -4.962  -19.572 1.00 70.50  ? 213 PRO A CG  1 
ATOM   1195 C CD  . PRO A 1 200 ? -2.069  -4.320  -18.303 1.00 66.40  ? 213 PRO A CD  1 
ATOM   1196 N N   . GLY A 1 201 ? -3.758  -8.559  -16.852 1.00 60.20  ? 214 GLY A N   1 
ATOM   1197 C CA  . GLY A 1 201 ? -3.561  -10.013 -16.631 1.00 64.62  ? 214 GLY A CA  1 
ATOM   1198 C C   . GLY A 1 201 ? -2.620  -10.304 -15.469 1.00 59.16  ? 214 GLY A C   1 
ATOM   1199 O O   . GLY A 1 201 ? -2.305  -11.482 -15.244 1.00 59.74  ? 214 GLY A O   1 
ATOM   1200 N N   . GLN A 1 202 ? -2.169  -9.282  -14.743 1.00 58.91  ? 215 GLN A N   1 
ATOM   1201 C CA  . GLN A 1 202 ? -1.256  -9.480  -13.589 1.00 54.98  ? 215 GLN A CA  1 
ATOM   1202 C C   . GLN A 1 202 ? -2.020  -9.146  -12.300 1.00 52.61  ? 215 GLN A C   1 
ATOM   1203 O O   . GLN A 1 202 ? -3.010  -8.371  -12.349 1.00 53.15  ? 215 GLN A O   1 
ATOM   1204 C CB  . GLN A 1 202 ? 0.050   -8.708  -13.808 1.00 57.27  ? 215 GLN A CB  1 
ATOM   1205 C CG  . GLN A 1 202 ? 0.834   -9.210  -15.026 1.00 64.26  ? 215 GLN A CG  1 
ATOM   1206 C CD  . GLN A 1 202 ? 2.311   -8.877  -15.030 1.00 67.49  ? 215 GLN A CD  1 
ATOM   1207 O OE1 . GLN A 1 202 ? 2.904   -8.493  -14.023 1.00 67.74  ? 215 GLN A OE1 1 
ATOM   1208 N NE2 . GLN A 1 202 ? 2.935   -9.022  -16.189 1.00 65.15  ? 215 GLN A NE2 1 
ATOM   1209 N N   . ASP A 1 203 ? -1.610  -9.782  -11.202 1.00 49.41  ? 216 ASP A N   1 
ATOM   1210 C CA  . ASP A 1 203 ? -2.142  -9.548  -9.835  1.00 48.18  ? 216 ASP A CA  1 
ATOM   1211 C C   . ASP A 1 203 ? -0.966  -9.035  -8.991  1.00 47.15  ? 216 ASP A C   1 
ATOM   1212 O O   . ASP A 1 203 ? -0.139  -9.872  -8.547  1.00 43.98  ? 216 ASP A O   1 
ATOM   1213 C CB  . ASP A 1 203 ? -2.784  -10.832 -9.297  1.00 46.71  ? 216 ASP A CB  1 
ATOM   1214 C CG  . ASP A 1 203 ? -3.354  -10.735 -7.893  1.00 48.13  ? 216 ASP A CG  1 
ATOM   1215 O OD1 . ASP A 1 203 ? -3.016  -9.775  -7.152  1.00 47.62  ? 216 ASP A OD1 1 
ATOM   1216 O OD2 . ASP A 1 203 ? -4.127  -11.620 -7.541  1.00 48.21  ? 216 ASP A OD2 1 
ATOM   1217 N N   . LEU A 1 204 ? -0.873  -7.714  -8.809  1.00 41.72  ? 217 LEU A N   1 
ATOM   1218 C CA  . LEU A 1 204 ? 0.340   -7.056  -8.254  1.00 39.51  ? 217 LEU A CA  1 
ATOM   1219 C C   . LEU A 1 204 ? -0.026  -6.189  -7.062  1.00 38.79  ? 217 LEU A C   1 
ATOM   1220 O O   . LEU A 1 204 ? -1.111  -5.563  -7.067  1.00 38.46  ? 217 LEU A O   1 
ATOM   1221 C CB  . LEU A 1 204 ? 0.998   -6.180  -9.329  1.00 41.45  ? 217 LEU A CB  1 
ATOM   1222 C CG  . LEU A 1 204 ? 1.349   -6.878  -10.639 1.00 42.57  ? 217 LEU A CG  1 
ATOM   1223 C CD1 . LEU A 1 204 ? 1.861   -5.883  -11.664 1.00 43.49  ? 217 LEU A CD1 1 
ATOM   1224 C CD2 . LEU A 1 204 ? 2.373   -7.980  -10.432 1.00 45.65  ? 217 LEU A CD2 1 
ATOM   1225 N N   . VAL A 1 205 ? 0.888   -6.121  -6.103  1.00 34.86  ? 218 VAL A N   1 
ATOM   1226 C CA  . VAL A 1 205 ? 0.897   -5.093  -5.032  1.00 34.08  ? 218 VAL A CA  1 
ATOM   1227 C C   . VAL A 1 205 ? 2.298   -4.473  -5.010  1.00 35.43  ? 218 VAL A C   1 
ATOM   1228 O O   . VAL A 1 205 ? 3.316   -5.225  -5.019  1.00 34.58  ? 218 VAL A O   1 
ATOM   1229 C CB  . VAL A 1 205 ? 0.481   -5.673  -3.670  1.00 33.21  ? 218 VAL A CB  1 
ATOM   1230 C CG1 . VAL A 1 205 ? 0.624   -4.643  -2.565  1.00 33.40  ? 218 VAL A CG1 1 
ATOM   1231 C CG2 . VAL A 1 205 ? -0.943  -6.223  -3.722  1.00 35.37  ? 218 VAL A CG2 1 
ATOM   1232 N N   . THR A 1 206 ? 2.339   -3.150  -5.103  1.00 37.09  ? 219 THR A N   1 
ATOM   1233 C CA  . THR A 1 206 ? 3.566   -2.333  -4.983  1.00 36.67  ? 219 THR A CA  1 
ATOM   1234 C C   . THR A 1 206 ? 3.538   -1.641  -3.620  1.00 34.16  ? 219 THR A C   1 
ATOM   1235 O O   . THR A 1 206 ? 2.505   -0.995  -3.265  1.00 38.26  ? 219 THR A O   1 
ATOM   1236 C CB  . THR A 1 206 ? 3.684   -1.364  -6.162  1.00 39.41  ? 219 THR A CB  1 
ATOM   1237 O OG1 . THR A 1 206 ? 3.922   -2.156  -7.328  1.00 41.00  ? 219 THR A OG1 1 
ATOM   1238 C CG2 . THR A 1 206 ? 4.778   -0.344  -5.945  1.00 43.66  ? 219 THR A CG2 1 
ATOM   1239 N N   . LEU A 1 207 ? 4.622   -1.805  -2.880  1.00 33.84  ? 220 LEU A N   1 
ATOM   1240 C CA  . LEU A 1 207 ? 4.934   -1.003  -1.687  1.00 31.87  ? 220 LEU A CA  1 
ATOM   1241 C C   . LEU A 1 207 ? 5.757   0.209   -2.134  1.00 34.84  ? 220 LEU A C   1 
ATOM   1242 O O   . LEU A 1 207 ? 6.819   0.025   -2.745  1.00 37.05  ? 220 LEU A O   1 
ATOM   1243 C CB  . LEU A 1 207 ? 5.685   -1.880  -0.683  1.00 32.06  ? 220 LEU A CB  1 
ATOM   1244 C CG  . LEU A 1 207 ? 5.053   -3.251  -0.401  1.00 33.00  ? 220 LEU A CG  1 
ATOM   1245 C CD1 . LEU A 1 207 ? 5.884   -4.014  0.623   1.00 36.06  ? 220 LEU A CD1 1 
ATOM   1246 C CD2 . LEU A 1 207 ? 3.614   -3.111  0.069   1.00 33.27  ? 220 LEU A CD2 1 
ATOM   1247 N N   . MET A 1 208 ? 5.286   1.419   -1.834  1.00 32.20  ? 221 MET A N   1 
ATOM   1248 C CA  . MET A 1 208 ? 5.950   2.657   -2.298  1.00 33.23  ? 221 MET A CA  1 
ATOM   1249 C C   . MET A 1 208 ? 6.390   3.462   -1.077  1.00 34.67  ? 221 MET A C   1 
ATOM   1250 O O   . MET A 1 208 ? 5.567   3.649   -0.152  1.00 34.78  ? 221 MET A O   1 
ATOM   1251 C CB  . MET A 1 208 ? 5.024   3.510   -3.172  1.00 34.45  ? 221 MET A CB  1 
ATOM   1252 C CG  . MET A 1 208 ? 5.666   4.822   -3.589  1.00 41.58  ? 221 MET A CG  1 
ATOM   1253 S SD  . MET A 1 208 ? 4.796   5.710   -4.923  1.00 51.04  ? 221 MET A SD  1 
ATOM   1254 C CE  . MET A 1 208 ? 3.526   6.466   -3.921  1.00 44.79  ? 221 MET A CE  1 
ATOM   1255 N N   . THR A 1 209 ? 7.638   3.932   -1.091  1.00 32.73  ? 222 THR A N   1 
ATOM   1256 C CA  . THR A 1 209 ? 8.133   4.951   -0.132  1.00 32.83  ? 222 THR A CA  1 
ATOM   1257 C C   . THR A 1 209 ? 9.156   5.836   -0.847  1.00 33.75  ? 222 THR A C   1 
ATOM   1258 O O   . THR A 1 209 ? 9.304   5.788   -2.074  1.00 35.63  ? 222 THR A O   1 
ATOM   1259 C CB  . THR A 1 209 ? 8.626   4.269   1.152   1.00 34.60  ? 222 THR A CB  1 
ATOM   1260 O OG1 . THR A 1 209 ? 8.771   5.253   2.183   1.00 35.01  ? 222 THR A OG1 1 
ATOM   1261 C CG2 . THR A 1 209 ? 9.922   3.523   0.938   1.00 35.79  ? 222 THR A CG2 1 
HETATM 1262 N N   . CME A 1 210 ? 9.840   6.674   -0.067  1.00 34.95  ? 223 CME A N   1 
HETATM 1263 C CA  . CME A 1 210 ? 10.766  7.639   -0.620  1.00 37.75  ? 223 CME A CA  1 
HETATM 1264 C CB  . CME A 1 210 ? 10.594  9.005   0.003   1.00 43.61  ? 223 CME A CB  1 
HETATM 1265 S SG  . CME A 1 210 ? 8.878   9.542   0.229   1.00 42.87  ? 223 CME A SG  1 
HETATM 1266 S SD  . CME A 1 210 ? 8.575   8.973   2.195   1.00 63.22  ? 223 CME A SD  1 
HETATM 1267 C CE  . CME A 1 210 ? 8.627   10.507  3.171   1.00 71.88  ? 223 CME A CE  1 
HETATM 1268 C CZ  . CME A 1 210 ? 9.231   10.298  4.527   1.00 78.00  ? 223 CME A CZ  1 
HETATM 1269 O OH  . CME A 1 210 ? 8.785   11.289  5.421   1.00 82.25  ? 223 CME A OH  1 
HETATM 1270 C C   . CME A 1 210 ? 12.200  7.138   -0.521  1.00 42.35  ? 223 CME A C   1 
HETATM 1271 O O   . CME A 1 210 ? 12.523  6.272   0.300   1.00 38.34  ? 223 CME A O   1 
ATOM   1272 N N   . THR A 1 211 ? 13.032  7.787   -1.349  1.00 42.05  ? 224 THR A N   1 
ATOM   1273 C CA  . THR A 1 211 ? 14.452  7.528   -1.498  1.00 46.12  ? 224 THR A CA  1 
ATOM   1274 C C   . THR A 1 211 ? 15.060  8.725   -2.234  1.00 46.99  ? 224 THR A C   1 
ATOM   1275 O O   . THR A 1 211 ? 14.354  9.414   -2.966  1.00 46.26  ? 224 THR A O   1 
ATOM   1276 C CB  . THR A 1 211 ? 14.662  6.199   -2.236  1.00 49.25  ? 224 THR A CB  1 
ATOM   1277 O OG1 . THR A 1 211 ? 16.063  5.947   -2.278  1.00 55.84  ? 224 THR A OG1 1 
ATOM   1278 C CG2 . THR A 1 211 ? 14.115  6.205   -3.648  1.00 50.85  ? 224 THR A CG2 1 
ATOM   1279 N N   . PRO A 1 212 ? 16.353  9.079   -2.045  1.00 52.32  ? 225 PRO A N   1 
ATOM   1280 C CA  . PRO A 1 212 ? 17.203  8.512   -0.998  1.00 53.46  ? 225 PRO A CA  1 
ATOM   1281 C C   . PRO A 1 212 ? 16.751  8.891   0.422   1.00 52.11  ? 225 PRO A C   1 
ATOM   1282 O O   . PRO A 1 212 ? 15.935  9.799   0.622   1.00 46.81  ? 225 PRO A O   1 
ATOM   1283 C CB  . PRO A 1 212 ? 18.601  9.100   -1.269  1.00 58.17  ? 225 PRO A CB  1 
ATOM   1284 C CG  . PRO A 1 212 ? 18.520  9.661   -2.678  1.00 59.07  ? 225 PRO A CG  1 
ATOM   1285 C CD  . PRO A 1 212 ? 17.071  10.076  -2.851  1.00 55.41  ? 225 PRO A CD  1 
ATOM   1286 N N   . TYR A 1 213 ? 17.259  8.132   1.386   1.00 55.08  ? 226 TYR A N   1 
ATOM   1287 C CA  . TYR A 1 213 ? 17.029  8.319   2.839   1.00 55.59  ? 226 TYR A CA  1 
ATOM   1288 C C   . TYR A 1 213 ? 17.311  9.779   3.231   1.00 57.85  ? 226 TYR A C   1 
ATOM   1289 O O   . TYR A 1 213 ? 18.404  10.299  2.919   1.00 58.79  ? 226 TYR A O   1 
ATOM   1290 C CB  . TYR A 1 213 ? 17.920  7.351   3.620   1.00 62.44  ? 226 TYR A CB  1 
ATOM   1291 C CG  . TYR A 1 213 ? 17.862  7.563   5.105   1.00 63.28  ? 226 TYR A CG  1 
ATOM   1292 C CD1 . TYR A 1 213 ? 16.674  7.381   5.799   1.00 59.95  ? 226 TYR A CD1 1 
ATOM   1293 C CD2 . TYR A 1 213 ? 18.979  7.987   5.803   1.00 68.19  ? 226 TYR A CD2 1 
ATOM   1294 C CE1 . TYR A 1 213 ? 16.603  7.596   7.164   1.00 65.07  ? 226 TYR A CE1 1 
ATOM   1295 C CE2 . TYR A 1 213 ? 18.926  8.204   7.168   1.00 71.82  ? 226 TYR A CE2 1 
ATOM   1296 C CZ  . TYR A 1 213 ? 17.736  8.003   7.846   1.00 65.70  ? 226 TYR A CZ  1 
ATOM   1297 O OH  . TYR A 1 213 ? 17.693  8.217   9.188   1.00 74.31  ? 226 TYR A OH  1 
ATOM   1298 N N   . MET A 1 214 ? 16.336  10.410  3.891   1.00 63.60  ? 227 MET A N   1 
ATOM   1299 C CA  . MET A 1 214 ? 16.384  11.794  4.439   1.00 72.02  ? 227 MET A CA  1 
ATOM   1300 C C   . MET A 1 214 ? 16.536  12.840  3.320   1.00 68.19  ? 227 MET A C   1 
ATOM   1301 O O   . MET A 1 214 ? 16.834  13.991  3.656   1.00 65.11  ? 227 MET A O   1 
ATOM   1302 C CB  . MET A 1 214 ? 17.520  11.930  5.463   1.00 74.67  ? 227 MET A CB  1 
ATOM   1303 C CG  . MET A 1 214 ? 17.043  11.726  6.892   1.00 75.96  ? 227 MET A CG  1 
ATOM   1304 S SD  . MET A 1 214 ? 18.338  11.968  8.127   1.00 96.49  ? 227 MET A SD  1 
ATOM   1305 C CE  . MET A 1 214 ? 18.551  13.748  8.055   1.00 90.35  ? 227 MET A CE  1 
ATOM   1306 N N   . ILE A 1 215 ? 16.316  12.469  2.053   1.00 62.69  ? 228 ILE A N   1 
ATOM   1307 C CA  . ILE A 1 215 ? 16.301  13.403  0.886   1.00 58.51  ? 228 ILE A CA  1 
ATOM   1308 C C   . ILE A 1 215 ? 14.923  13.298  0.219   1.00 52.81  ? 228 ILE A C   1 
ATOM   1309 O O   . ILE A 1 215 ? 14.287  14.333  0.040   1.00 51.04  ? 228 ILE A O   1 
ATOM   1310 C CB  . ILE A 1 215 ? 17.463  13.124  -0.091  1.00 64.12  ? 228 ILE A CB  1 
ATOM   1311 C CG1 . ILE A 1 215 ? 18.822  13.226  0.611   1.00 65.73  ? 228 ILE A CG1 1 
ATOM   1312 C CG2 . ILE A 1 215 ? 17.383  14.048  -1.306  1.00 66.85  ? 228 ILE A CG2 1 
ATOM   1313 C CD1 . ILE A 1 215 ? 20.003  12.929  -0.276  1.00 65.71  ? 228 ILE A CD1 1 
ATOM   1314 N N   . ASN A 1 216 ? 14.482  12.088  -0.131  1.00 48.61  ? 229 ASN A N   1 
ATOM   1315 C CA  . ASN A 1 216 ? 13.073  11.791  -0.506  1.00 49.34  ? 229 ASN A CA  1 
ATOM   1316 C C   . ASN A 1 216 ? 12.677  12.449  -1.837  1.00 47.93  ? 229 ASN A C   1 
ATOM   1317 O O   . ASN A 1 216 ? 11.476  12.699  -2.022  1.00 48.71  ? 229 ASN A O   1 
ATOM   1318 C CB  . ASN A 1 216 ? 12.113  12.237  0.592   1.00 47.32  ? 229 ASN A CB  1 
ATOM   1319 C CG  . ASN A 1 216 ? 12.441  11.594  1.918   1.00 52.00  ? 229 ASN A CG  1 
ATOM   1320 O OD1 . ASN A 1 216 ? 12.727  10.403  1.964   1.00 47.39  ? 229 ASN A OD1 1 
ATOM   1321 N ND2 . ASN A 1 216 ? 12.413  12.370  2.989   1.00 54.70  ? 229 ASN A ND2 1 
ATOM   1322 N N   . SER A 1 217 ? 13.631  12.684  -2.735  1.00 49.87  ? 230 SER A N   1 
ATOM   1323 C CA  . SER A 1 217 ? 13.402  13.303  -4.067  1.00 52.35  ? 230 SER A CA  1 
ATOM   1324 C C   . SER A 1 217 ? 12.706  12.301  -5.001  1.00 53.10  ? 230 SER A C   1 
ATOM   1325 O O   . SER A 1 217 ? 12.116  12.741  -6.005  1.00 50.33  ? 230 SER A O   1 
ATOM   1326 C CB  . SER A 1 217 ? 14.702  13.767  -4.642  1.00 52.22  ? 230 SER A CB  1 
ATOM   1327 O OG  . SER A 1 217 ? 15.650  12.719  -4.562  1.00 56.28  ? 230 SER A OG  1 
ATOM   1328 N N   . HIS A 1 218 ? 12.807  11.000  -4.701  1.00 49.90  ? 231 HIS A N   1 
ATOM   1329 C CA  . HIS A 1 218 ? 12.344  9.896   -5.574  1.00 48.85  ? 231 HIS A CA  1 
ATOM   1330 C C   . HIS A 1 218 ? 11.461  8.934   -4.772  1.00 44.58  ? 231 HIS A C   1 
ATOM   1331 O O   . HIS A 1 218 ? 11.359  9.084   -3.544  1.00 42.19  ? 231 HIS A O   1 
ATOM   1332 C CB  . HIS A 1 218 ? 13.545  9.193   -6.213  1.00 52.56  ? 231 HIS A CB  1 
ATOM   1333 C CG  . HIS A 1 218 ? 14.376  10.111  -7.044  1.00 60.72  ? 231 HIS A CG  1 
ATOM   1334 N ND1 . HIS A 1 218 ? 15.228  11.037  -6.486  1.00 68.80  ? 231 HIS A ND1 1 
ATOM   1335 C CD2 . HIS A 1 218 ? 14.465  10.271  -8.380  1.00 66.98  ? 231 HIS A CD2 1 
ATOM   1336 C CE1 . HIS A 1 218 ? 15.820  11.725  -7.446  1.00 74.47  ? 231 HIS A CE1 1 
ATOM   1337 N NE2 . HIS A 1 218 ? 15.367  11.274  -8.618  1.00 72.88  ? 231 HIS A NE2 1 
ATOM   1338 N N   . ARG A 1 219 ? 10.839  8.002   -5.483  1.00 41.95  ? 232 ARG A N   1 
ATOM   1339 C CA  . ARG A 1 219 ? 9.967   6.943   -4.933  1.00 41.40  ? 232 ARG A CA  1 
ATOM   1340 C C   . ARG A 1 219 ? 10.631  5.600   -5.237  1.00 39.54  ? 232 ARG A C   1 
ATOM   1341 O O   . ARG A 1 219 ? 11.096  5.390   -6.360  1.00 37.91  ? 232 ARG A O   1 
ATOM   1342 C CB  . ARG A 1 219 ? 8.546   7.064   -5.503  1.00 38.67  ? 232 ARG A CB  1 
ATOM   1343 C CG  . ARG A 1 219 ? 7.932   8.446   -5.332  1.00 39.96  ? 232 ARG A CG  1 
ATOM   1344 C CD  . ARG A 1 219 ? 7.798   8.824   -3.874  1.00 39.32  ? 232 ARG A CD  1 
ATOM   1345 N NE  . ARG A 1 219 ? 7.343   10.187  -3.705  1.00 41.89  ? 232 ARG A NE  1 
ATOM   1346 C CZ  . ARG A 1 219 ? 8.082   11.231  -3.320  1.00 42.53  ? 232 ARG A CZ  1 
ATOM   1347 N NH1 . ARG A 1 219 ? 9.366   11.104  -3.042  1.00 40.60  ? 232 ARG A NH1 1 
ATOM   1348 N NH2 . ARG A 1 219 ? 7.528   12.431  -3.246  1.00 43.30  ? 232 ARG A NH2 1 
ATOM   1349 N N   . LEU A 1 220 ? 10.743  4.770   -4.211  1.00 38.86  ? 233 LEU A N   1 
ATOM   1350 C CA  . LEU A 1 220 ? 11.187  3.368   -4.319  1.00 38.01  ? 233 LEU A CA  1 
ATOM   1351 C C   . LEU A 1 220 ? 9.916   2.526   -4.434  1.00 38.90  ? 233 LEU A C   1 
ATOM   1352 O O   . LEU A 1 220 ? 9.050   2.676   -3.568  1.00 37.02  ? 233 LEU A O   1 
ATOM   1353 C CB  . LEU A 1 220 ? 11.987  3.007   -3.061  1.00 41.79  ? 233 LEU A CB  1 
ATOM   1354 C CG  . LEU A 1 220 ? 12.453  1.557   -2.980  1.00 42.01  ? 233 LEU A CG  1 
ATOM   1355 C CD1 . LEU A 1 220 ? 13.429  1.248   -4.107  1.00 47.36  ? 233 LEU A CD1 1 
ATOM   1356 C CD2 . LEU A 1 220 ? 13.095  1.280   -1.634  1.00 47.12  ? 233 LEU A CD2 1 
ATOM   1357 N N   . LEU A 1 221 ? 9.797   1.730   -5.492  1.00 37.77  ? 234 LEU A N   1 
ATOM   1358 C CA  . LEU A 1 221 ? 8.705   0.747   -5.666  1.00 41.32  ? 234 LEU A CA  1 
ATOM   1359 C C   . LEU A 1 221 ? 9.245   -0.669  -5.452  1.00 40.18  ? 234 LEU A C   1 
ATOM   1360 O O   . LEU A 1 221 ? 10.169  -1.070  -6.176  1.00 40.82  ? 234 LEU A O   1 
ATOM   1361 C CB  . LEU A 1 221 ? 8.133   0.864   -7.076  1.00 41.45  ? 234 LEU A CB  1 
ATOM   1362 C CG  . LEU A 1 221 ? 7.816   2.266   -7.571  1.00 44.02  ? 234 LEU A CG  1 
ATOM   1363 C CD1 . LEU A 1 221 ? 7.149   2.159   -8.936  1.00 46.96  ? 234 LEU A CD1 1 
ATOM   1364 C CD2 . LEU A 1 221 ? 6.927   3.027   -6.586  1.00 43.79  ? 234 LEU A CD2 1 
ATOM   1365 N N   . ILE A 1 222 ? 8.650   -1.395  -4.514  1.00 39.17  ? 235 ILE A N   1 
ATOM   1366 C CA  . ILE A 1 222 ? 8.895   -2.849  -4.284  1.00 42.02  ? 235 ILE A CA  1 
ATOM   1367 C C   . ILE A 1 222 ? 7.616   -3.561  -4.713  1.00 37.20  ? 235 ILE A C   1 
ATOM   1368 O O   . ILE A 1 222 ? 6.594   -3.382  -4.038  1.00 34.77  ? 235 ILE A O   1 
ATOM   1369 C CB  . ILE A 1 222 ? 9.223   -3.136  -2.809  1.00 40.06  ? 235 ILE A CB  1 
ATOM   1370 C CG1 . ILE A 1 222 ? 10.311  -2.213  -2.262  1.00 45.94  ? 235 ILE A CG1 1 
ATOM   1371 C CG2 . ILE A 1 222 ? 9.563   -4.604  -2.628  1.00 42.88  ? 235 ILE A CG2 1 
ATOM   1372 C CD1 . ILE A 1 222 ? 11.678  -2.473  -2.810  1.00 49.86  ? 235 ILE A CD1 1 
ATOM   1373 N N   . THR A 1 223 ? 7.653   -4.292  -5.820  1.00 37.12  ? 236 THR A N   1 
ATOM   1374 C CA  . THR A 1 223 ? 6.446   -4.896  -6.414  1.00 35.41  ? 236 THR A CA  1 
ATOM   1375 C C   . THR A 1 223 ? 6.477   -6.409  -6.174  1.00 35.83  ? 236 THR A C   1 
ATOM   1376 O O   . THR A 1 223 ? 7.476   -7.058  -6.526  1.00 34.44  ? 236 THR A O   1 
ATOM   1377 C CB  . THR A 1 223 ? 6.324   -4.485  -7.887  1.00 41.31  ? 236 THR A CB  1 
ATOM   1378 O OG1 . THR A 1 223 ? 6.316   -3.054  -7.947  1.00 37.98  ? 236 THR A OG1 1 
ATOM   1379 C CG2 . THR A 1 223 ? 5.076   -5.045  -8.531  1.00 40.42  ? 236 THR A CG2 1 
ATOM   1380 N N   . GLY A 1 224 ? 5.411   -6.936  -5.569  1.00 35.47  ? 237 GLY A N   1 
ATOM   1381 C CA  . GLY A 1 224 ? 5.176   -8.386  -5.437  1.00 37.52  ? 237 GLY A CA  1 
ATOM   1382 C C   . GLY A 1 224 ? 4.073   -8.852  -6.368  1.00 40.28  ? 237 GLY A C   1 
ATOM   1383 O O   . GLY A 1 224 ? 3.184   -8.041  -6.698  1.00 39.16  ? 237 GLY A O   1 
ATOM   1384 N N   . ARG A 1 225 ? 4.121   -10.127 -6.756  1.00 42.61  ? 238 ARG A N   1 
ATOM   1385 C CA  . ARG A 1 225 ? 3.121   -10.796 -7.613  1.00 44.11  ? 238 ARG A CA  1 
ATOM   1386 C C   . ARG A 1 225 ? 2.437   -11.868 -6.761  1.00 44.51  ? 238 ARG A C   1 
ATOM   1387 O O   . ARG A 1 225 ? 3.115   -12.479 -5.907  1.00 43.69  ? 238 ARG A O   1 
ATOM   1388 C CB  . ARG A 1 225 ? 3.787   -11.373 -8.867  1.00 52.40  ? 238 ARG A CB  1 
ATOM   1389 C CG  . ARG A 1 225 ? 4.701   -12.559 -8.586  1.00 62.41  ? 238 ARG A CG  1 
ATOM   1390 C CD  . ARG A 1 225 ? 5.628   -12.923 -9.733  1.00 70.13  ? 238 ARG A CD  1 
ATOM   1391 N NE  . ARG A 1 225 ? 6.728   -13.789 -9.315  1.00 73.02  ? 238 ARG A NE  1 
ATOM   1392 C CZ  . ARG A 1 225 ? 7.652   -14.288 -10.136 1.00 82.98  ? 238 ARG A CZ  1 
ATOM   1393 N NH1 . ARG A 1 225 ? 8.607   -15.070 -9.663  1.00 86.74  ? 238 ARG A NH1 1 
ATOM   1394 N NH2 . ARG A 1 225 ? 7.617   -14.017 -11.431 1.00 87.40  ? 238 ARG A NH2 1 
ATOM   1395 N N   . ARG A 1 226 ? 1.138   -12.072 -6.977  1.00 40.22  ? 239 ARG A N   1 
ATOM   1396 C CA  . ARG A 1 226 ? 0.315   -13.017 -6.191  1.00 41.97  ? 239 ARG A CA  1 
ATOM   1397 C C   . ARG A 1 226 ? 0.925   -14.423 -6.291  1.00 43.27  ? 239 ARG A C   1 
ATOM   1398 O O   . ARG A 1 226 ? 1.351   -14.813 -7.381  1.00 41.16  ? 239 ARG A O   1 
ATOM   1399 C CB  . ARG A 1 226 ? -1.117  -12.993 -6.721  1.00 44.71  ? 239 ARG A CB  1 
ATOM   1400 C CG  . ARG A 1 226 ? -2.099  -13.813 -5.904  1.00 46.23  ? 239 ARG A CG  1 
ATOM   1401 C CD  . ARG A 1 226 ? -2.552  -13.130 -4.631  1.00 46.84  ? 239 ARG A CD  1 
ATOM   1402 N NE  . ARG A 1 226 ? -3.542  -14.013 -4.036  1.00 51.98  ? 239 ARG A NE  1 
ATOM   1403 C CZ  . ARG A 1 226 ? -4.798  -14.139 -4.453  1.00 53.59  ? 239 ARG A CZ  1 
ATOM   1404 N NH1 . ARG A 1 226 ? -5.603  -14.990 -3.845  1.00 51.26  ? 239 ARG A NH1 1 
ATOM   1405 N NH2 . ARG A 1 226 ? -5.268  -13.374 -5.427  1.00 54.51  ? 239 ARG A NH2 1 
ATOM   1406 N N   . ILE A 1 227 ? 0.974   -15.147 -5.180  1.00 41.05  ? 240 ILE A N   1 
ATOM   1407 C CA  . ILE A 1 227 ? 1.272   -16.608 -5.166  1.00 43.44  ? 240 ILE A CA  1 
ATOM   1408 C C   . ILE A 1 227 ? 0.212   -17.252 -4.287  1.00 41.71  ? 240 ILE A C   1 
ATOM   1409 O O   . ILE A 1 227 ? -0.497  -16.554 -3.575  1.00 46.30  ? 240 ILE A O   1 
ATOM   1410 C CB  . ILE A 1 227 ? 2.714   -16.890 -4.684  1.00 44.04  ? 240 ILE A CB  1 
ATOM   1411 C CG1 . ILE A 1 227 ? 2.992   -16.312 -3.297  1.00 45.23  ? 240 ILE A CG1 1 
ATOM   1412 C CG2 . ILE A 1 227 ? 3.723   -16.375 -5.703  1.00 45.04  ? 240 ILE A CG2 1 
ATOM   1413 C CD1 . ILE A 1 227 ? 4.258   -16.869 -2.667  1.00 49.69  ? 240 ILE A CD1 1 
ATOM   1414 N N   . PRO A 1 228 ? 0.035   -18.583 -4.326  1.00 45.60  ? 241 PRO A N   1 
ATOM   1415 C CA  . PRO A 1 228 ? -0.933  -19.221 -3.439  1.00 46.53  ? 241 PRO A CA  1 
ATOM   1416 C C   . PRO A 1 228 ? -0.532  -19.018 -1.970  1.00 48.73  ? 241 PRO A C   1 
ATOM   1417 O O   . PRO A 1 228 ? 0.649   -19.051 -1.665  1.00 48.90  ? 241 PRO A O   1 
ATOM   1418 C CB  . PRO A 1 228 ? -0.899  -20.678 -3.912  1.00 49.23  ? 241 PRO A CB  1 
ATOM   1419 C CG  . PRO A 1 228 ? -0.428  -20.574 -5.356  1.00 48.90  ? 241 PRO A CG  1 
ATOM   1420 C CD  . PRO A 1 228 ? 0.658   -19.522 -5.279  1.00 44.75  ? 241 PRO A CD  1 
ATOM   1421 N N   . TYR A 1 229 ? -1.524  -18.742 -1.117  1.00 47.20  ? 242 TYR A N   1 
ATOM   1422 C CA  . TYR A 1 229 ? -1.406  -18.670 0.360   1.00 48.08  ? 242 TYR A CA  1 
ATOM   1423 C C   . TYR A 1 229 ? -1.612  -20.085 0.891   1.00 49.79  ? 242 TYR A C   1 
ATOM   1424 O O   . TYR A 1 229 ? -2.572  -20.729 0.445   1.00 49.26  ? 242 TYR A O   1 
ATOM   1425 C CB  . TYR A 1 229 ? -2.428  -17.688 0.955   1.00 48.74  ? 242 TYR A CB  1 
ATOM   1426 C CG  . TYR A 1 229 ? -2.316  -17.525 2.451   1.00 46.02  ? 242 TYR A CG  1 
ATOM   1427 C CD1 . TYR A 1 229 ? -2.901  -18.439 3.315   1.00 50.10  ? 242 TYR A CD1 1 
ATOM   1428 C CD2 . TYR A 1 229 ? -1.595  -16.484 3.002   1.00 47.62  ? 242 TYR A CD2 1 
ATOM   1429 C CE1 . TYR A 1 229 ? -2.787  -18.314 4.688   1.00 50.97  ? 242 TYR A CE1 1 
ATOM   1430 C CE2 . TYR A 1 229 ? -1.477  -16.327 4.377   1.00 50.30  ? 242 TYR A CE2 1 
ATOM   1431 C CZ  . TYR A 1 229 ? -2.075  -17.251 5.219   1.00 53.94  ? 242 TYR A CZ  1 
ATOM   1432 O OH  . TYR A 1 229 ? -1.970  -17.121 6.568   1.00 54.95  ? 242 TYR A OH  1 
ATOM   1433 N N   . VAL A 1 230 ? -0.734  -20.583 1.765   1.00 51.32  ? 243 VAL A N   1 
ATOM   1434 C CA  . VAL A 1 230 ? -0.800  -22.009 2.204   1.00 53.15  ? 243 VAL A CA  1 
ATOM   1435 C C   . VAL A 1 230 ? -0.731  -22.105 3.735   1.00 54.56  ? 243 VAL A C   1 
ATOM   1436 O O   . VAL A 1 230 ? -0.280  -21.127 4.373   1.00 54.12  ? 243 VAL A O   1 
ATOM   1437 C CB  . VAL A 1 230 ? 0.276   -22.872 1.512   1.00 54.29  ? 243 VAL A CB  1 
ATOM   1438 C CG1 . VAL A 1 230 ? 0.086   -22.898 0.000   1.00 54.44  ? 243 VAL A CG1 1 
ATOM   1439 C CG2 . VAL A 1 230 ? 1.689   -22.431 1.862   1.00 51.23  ? 243 VAL A CG2 1 
ATOM   1440 N N   . LYS A 1 231 ? -1.157  -23.255 4.279   1.00 56.53  ? 244 LYS A N   1 
ATOM   1441 C CA  . LYS A 1 231 ? -1.161  -23.607 5.731   1.00 60.57  ? 244 LYS A CA  1 
ATOM   1442 C C   . LYS A 1 231 ? 0.152   -23.150 6.374   1.00 63.54  ? 244 LYS A C   1 
ATOM   1443 O O   . LYS A 1 231 ? 0.110   -22.514 7.452   1.00 66.17  ? 244 LYS A O   1 
ATOM   1444 C CB  . LYS A 1 231 ? -1.359  -25.117 5.910   1.00 65.04  ? 244 LYS A CB  1 
ATOM   1445 N N   . ALA A 1 232 ? 1.276   -23.415 5.705   1.00 64.79  ? 245 ALA A N   1 
ATOM   1446 C CA  . ALA A 1 232 ? 2.634   -23.046 6.166   1.00 63.55  ? 245 ALA A CA  1 
ATOM   1447 C C   . ALA A 1 232 ? 2.754   -21.530 6.381   1.00 58.86  ? 245 ALA A C   1 
ATOM   1448 O O   . ALA A 1 232 ? 3.579   -21.141 7.208   1.00 58.47  ? 245 ALA A O   1 
ATOM   1449 C CB  . ALA A 1 232 ? 3.677   -23.573 5.202   1.00 63.62  ? 245 ALA A CB  1 
ATOM   1450 N N   . ASP A 1 233 ? 1.970   -20.687 5.696   1.00 59.92  ? 246 ASP A N   1 
ATOM   1451 C CA  . ASP A 1 233 ? 2.086   -19.202 5.837   1.00 60.62  ? 246 ASP A CA  1 
ATOM   1452 C C   . ASP A 1 233 ? 1.456   -18.718 7.154   1.00 66.92  ? 246 ASP A C   1 
ATOM   1453 O O   . ASP A 1 233 ? 1.981   -17.755 7.729   1.00 71.22  ? 246 ASP A O   1 
ATOM   1454 C CB  . ASP A 1 233 ? 1.444   -18.438 4.681   1.00 57.75  ? 246 ASP A CB  1 
ATOM   1455 C CG  . ASP A 1 233 ? 2.164   -18.610 3.357   1.00 53.91  ? 246 ASP A CG  1 
ATOM   1456 O OD1 . ASP A 1 233 ? 3.417   -18.519 3.348   1.00 47.74  ? 246 ASP A OD1 1 
ATOM   1457 O OD2 . ASP A 1 233 ? 1.461   -18.842 2.356   1.00 47.13  ? 246 ASP A OD2 1 
ATOM   1458 N N   . GLU A 1 234 ? 0.366   -19.338 7.604   1.00 73.94  ? 247 GLU A N   1 
ATOM   1459 C CA  . GLU A 1 234 ? -0.285  -19.021 8.906   1.00 82.60  ? 247 GLU A CA  1 
ATOM   1460 C C   . GLU A 1 234 ? 0.739   -19.125 10.048  1.00 84.45  ? 247 GLU A C   1 
ATOM   1461 O O   . GLU A 1 234 ? 0.802   -18.200 10.878  1.00 90.76  ? 247 GLU A O   1 
ATOM   1462 C CB  . GLU A 1 234 ? -1.438  -19.990 9.163   1.00 87.60  ? 247 GLU A CB  1 
ATOM   1463 C CG  . GLU A 1 234 ? -2.529  -19.914 8.113   1.00 89.90  ? 247 GLU A CG  1 
ATOM   1464 C CD  . GLU A 1 234 ? -3.587  -20.989 8.242   1.00 93.38  ? 247 GLU A CD  1 
ATOM   1465 O OE1 . GLU A 1 234 ? -3.356  -21.953 8.990   1.00 105.98 ? 247 GLU A OE1 1 
ATOM   1466 O OE2 . GLU A 1 234 ? -4.639  -20.853 7.594   1.00 103.65 ? 247 GLU A OE2 1 
ATOM   1467 N N   . GLU A 1 235 ? 1.521   -20.205 10.063  1.00 90.02  ? 248 GLU A N   1 
ATOM   1468 C CA  . GLU A 1 235 ? 2.356   -20.642 11.214  1.00 90.37  ? 248 GLU A CA  1 
ATOM   1469 C C   . GLU A 1 235 ? 3.739   -19.991 11.124  1.00 89.69  ? 248 GLU A C   1 
ATOM   1470 O O   . GLU A 1 235 ? 3.803   -18.771 10.964  1.00 93.60  ? 248 GLU A O   1 
ATOM   1471 C CB  . GLU A 1 235 ? 2.436   -22.166 11.212  1.00 92.00  ? 248 GLU A CB  1 
ATOM   1472 C CG  . GLU A 1 235 ? 1.067   -22.831 11.212  1.00 92.17  ? 248 GLU A CG  1 
ATOM   1473 C CD  . GLU A 1 235 ? 1.067   -24.299 10.829  1.00 95.24  ? 248 GLU A CD  1 
ATOM   1474 O OE1 . GLU A 1 235 ? 1.725   -24.627 9.833   1.00 100.87 ? 248 GLU A OE1 1 
ATOM   1475 O OE2 . GLU A 1 235 ? 0.410   -25.109 11.525  1.00 86.99  ? 248 GLU A OE2 1 
HETATM 1476 S S   . SO4 B 2 .   ? 4.929   -2.729  -12.020 1.00 104.79 ? 301 SO4 A S   1 
HETATM 1477 O O1  . SO4 B 2 .   ? 5.663   -3.884  -12.464 1.00 103.28 ? 301 SO4 A O1  1 
HETATM 1478 O O2  . SO4 B 2 .   ? 5.776   -1.893  -11.206 1.00 94.97  ? 301 SO4 A O2  1 
HETATM 1479 O O3  . SO4 B 2 .   ? 4.477   -1.984  -13.165 1.00 98.91  ? 301 SO4 A O3  1 
HETATM 1480 O O4  . SO4 B 2 .   ? 3.796   -3.157  -11.245 1.00 96.73  ? 301 SO4 A O4  1 
HETATM 1481 S S   . SO4 C 2 .   ? 18.392  4.678   0.176   1.00 65.45  ? 302 SO4 A S   1 
HETATM 1482 O O1  . SO4 C 2 .   ? 19.126  4.020   -0.869  1.00 66.96  ? 302 SO4 A O1  1 
HETATM 1483 O O2  . SO4 C 2 .   ? 18.507  3.939   1.402   1.00 69.89  ? 302 SO4 A O2  1 
HETATM 1484 O O3  . SO4 C 2 .   ? 18.919  6.005   0.363   1.00 60.58  ? 302 SO4 A O3  1 
HETATM 1485 O O4  . SO4 C 2 .   ? 17.007  4.749   -0.203  1.00 67.42  ? 302 SO4 A O4  1 
HETATM 1486 O O   . HOH D 3 .   ? 10.274  7.911   -13.313 1.00 53.53  ? 401 HOH A O   1 
HETATM 1487 O O   . HOH D 3 .   ? 4.316   21.478  6.847   0.37 36.06  ? 402 HOH A O   1 
HETATM 1488 O O   . HOH D 3 .   ? 8.702   -2.267  -8.594  1.00 44.01  ? 403 HOH A O   1 
HETATM 1489 O O   . HOH D 3 .   ? -2.542  -15.565 -2.207  1.00 36.61  ? 404 HOH A O   1 
HETATM 1490 O O   . HOH D 3 .   ? 3.914   21.423  1.515   1.00 45.36  ? 405 HOH A O   1 
HETATM 1491 O O   . HOH D 3 .   ? 2.786   6.212   6.332   1.00 30.88  ? 406 HOH A O   1 
HETATM 1492 O O   . HOH D 3 .   ? 8.954   -11.314 4.435   1.00 40.87  ? 407 HOH A O   1 
HETATM 1493 O O   . HOH D 3 .   ? 9.601   -0.683  8.306   1.00 31.79  ? 408 HOH A O   1 
HETATM 1494 O O   . HOH D 3 .   ? -2.783  0.597   -10.214 1.00 35.93  ? 409 HOH A O   1 
HETATM 1495 O O   . HOH D 3 .   ? 5.365   -18.418 5.169   1.00 60.60  ? 410 HOH A O   1 
HETATM 1496 O O   . HOH D 3 .   ? -2.034  -5.346  -12.440 1.00 45.35  ? 411 HOH A O   1 
HETATM 1497 O O   . HOH D 3 .   ? 9.072   14.688  -3.196  1.00 46.87  ? 412 HOH A O   1 
HETATM 1498 O O   . HOH D 3 .   ? -8.419  -3.229  -10.280 1.00 45.86  ? 413 HOH A O   1 
HETATM 1499 O O   . HOH D 3 .   ? 5.212   1.641   12.261  1.00 49.95  ? 414 HOH A O   1 
HETATM 1500 O O   . HOH D 3 .   ? 0.325   -11.720 -11.964 1.00 51.48  ? 415 HOH A O   1 
HETATM 1501 O O   . HOH D 3 .   ? -1.638  -9.603  6.663   1.00 45.42  ? 416 HOH A O   1 
HETATM 1502 O O   . HOH D 3 .   ? 7.083   1.730   14.972  1.00 56.37  ? 417 HOH A O   1 
HETATM 1503 O O   . HOH D 3 .   ? 9.921   -13.531 3.155   1.00 44.45  ? 418 HOH A O   1 
HETATM 1504 O O   . HOH D 3 .   ? -12.535 6.893   18.673  1.00 53.71  ? 419 HOH A O   1 
HETATM 1505 O O   . HOH D 3 .   ? 5.116   -3.676  13.159  1.00 51.92  ? 420 HOH A O   1 
HETATM 1506 O O   . HOH D 3 .   ? 11.472  15.274  3.306   1.00 58.75  ? 421 HOH A O   1 
HETATM 1507 O O   . HOH D 3 .   ? 5.426   -6.341  -14.377 1.00 57.35  ? 422 HOH A O   1 
HETATM 1508 O O   . HOH D 3 .   ? -8.876  7.480   19.912  1.00 55.85  ? 423 HOH A O   1 
HETATM 1509 O O   . HOH D 3 .   ? 18.714  0.775   1.458   1.00 68.89  ? 424 HOH A O   1 
HETATM 1510 O O   . HOH D 3 .   ? -4.106  12.704  -5.934  1.00 54.25  ? 425 HOH A O   1 
HETATM 1511 O O   . HOH D 3 .   ? -3.101  10.444  20.530  1.00 64.81  ? 426 HOH A O   1 
# 
